data_3B60
#
_entry.id   3B60
#
_cell.length_a   249.641
_cell.length_b   119.904
_cell.length_c   168.800
_cell.angle_alpha   90.00
_cell.angle_beta   120.61
_cell.angle_gamma   90.00
#
_symmetry.space_group_name_H-M   'C 1 2 1'
#
loop_
_entity.id
_entity.type
_entity.pdbx_description
1 polymer 'Lipid A export ATP-binding/permease protein msbA'
2 non-polymer 'PHOSPHOAMINOPHOSPHONIC ACID-ADENYLATE ESTER'
#
_entity_poly.entity_id   1
_entity_poly.type   'polypeptide(L)'
_entity_poly.pdbx_seq_one_letter_code
;MHNDKDLSTWQTFRRLWPTIAPFKAGLIVAGIALILNAASDTFMLSLLKPLLDDGFGKTDRSVLLWMPLVVIGLMILRGI
TSYISSYCISWVSGKVVMTMRRRLFGHMMGMPVAFFDKQSTGTLLSRITYDSEQVASSSSGALITVVREGASIIGLFIMM
FYYSWQLSIILVVLAPIVSIAIRVVSKRFRSISKNMQNTMGQVTTSAEQMLKGHKEVLIFGGQEVETKRFDKVSNKMRLQ
GMKMVSASSISDPIIQLIASLALAFVLYAASFPSVMDSLTAGTITVVFSSMIALMRPLKSLTNVNAQFQRGMAACQTLFA
ILDSEQEKDEGKRVIDRATGDLEFRNVTFTYPGREVPALRNINLKIPAGKTVALVGRSGSGKSTIASLITRFYDIDEGHI
LMDGHDLREYTLASLRNQVALVSQNVHLFNDTVANNIAYARTEEYSREQIEEAARMAYAMDFINKMDNGLDTIIGENGVL
LSGGQRQRIAIARALLRDSPILILDEATSALDTESERAIQAALDELQKNRTSLVIAHRLSTIEQADEIVVVEDGIIVERG
THSELLAQHGVYAQLHKMQFGQ
;
_entity_poly.pdbx_strand_id   A,B,C,D
#
loop_
_chem_comp.id
_chem_comp.type
_chem_comp.name
_chem_comp.formula
ANP non-polymer 'PHOSPHOAMINOPHOSPHONIC ACID-ADENYLATE ESTER' 'C10 H17 N6 O12 P3'
#
# COMPACT_ATOMS: atom_id res chain seq x y z
N TRP A 10 32.45 16.00 25.36
CA TRP A 10 33.26 15.37 26.44
C TRP A 10 33.31 13.85 26.27
N GLN A 11 34.13 13.18 27.10
CA GLN A 11 34.05 11.71 27.04
C GLN A 11 34.70 11.15 25.80
N THR A 12 34.18 10.08 25.20
CA THR A 12 34.77 9.57 23.95
C THR A 12 35.16 10.73 23.02
N PHE A 13 34.19 11.59 22.70
CA PHE A 13 34.43 12.74 21.83
C PHE A 13 35.64 13.42 22.43
N ARG A 14 35.46 13.66 23.70
CA ARG A 14 36.40 14.32 24.60
C ARG A 14 37.77 13.67 24.53
N ARG A 15 37.83 12.36 24.75
CA ARG A 15 39.09 11.67 24.73
C ARG A 15 39.81 11.86 23.39
N LEU A 16 39.08 12.28 22.37
CA LEU A 16 39.70 12.53 21.06
C LEU A 16 40.33 13.94 20.99
N TRP A 17 39.72 14.90 21.68
CA TRP A 17 40.28 16.26 21.68
C TRP A 17 41.78 16.29 22.08
N PRO A 18 42.24 15.39 22.97
CA PRO A 18 43.66 15.41 23.34
C PRO A 18 44.59 15.37 22.14
N THR A 19 44.31 14.46 21.21
CA THR A 19 45.13 14.32 20.03
C THR A 19 44.89 15.45 19.04
N ILE A 20 43.80 16.20 19.22
CA ILE A 20 43.52 17.33 18.33
C ILE A 20 44.16 18.59 18.90
N ALA A 21 44.24 18.63 20.24
CA ALA A 21 44.82 19.76 20.97
C ALA A 21 46.06 20.35 20.29
N PRO A 22 47.17 19.59 20.23
CA PRO A 22 48.40 20.10 19.59
C PRO A 22 48.17 20.77 18.23
N PHE A 23 46.98 20.58 17.64
CA PHE A 23 46.69 21.16 16.35
C PHE A 23 45.60 22.25 16.40
N LYS A 24 45.16 22.61 17.61
CA LYS A 24 44.10 23.63 17.79
C LYS A 24 44.34 25.02 17.18
N ALA A 25 45.59 25.33 16.86
CA ALA A 25 45.93 26.61 16.25
C ALA A 25 45.19 26.77 14.91
N GLY A 26 44.88 25.64 14.28
CA GLY A 26 44.15 25.66 13.02
C GLY A 26 42.68 25.91 13.31
N LEU A 27 42.17 25.26 14.36
CA LEU A 27 40.77 25.41 14.75
C LEU A 27 40.42 26.89 14.96
N ILE A 28 41.20 27.57 15.80
CA ILE A 28 40.95 28.97 16.07
C ILE A 28 41.11 29.85 14.83
N VAL A 29 42.24 29.72 14.10
CA VAL A 29 42.48 30.53 12.90
C VAL A 29 41.40 30.38 11.83
N ALA A 30 40.75 29.22 11.80
CA ALA A 30 39.69 28.99 10.84
C ALA A 30 38.36 29.62 11.34
N GLY A 31 38.19 29.68 12.67
CA GLY A 31 36.99 30.27 13.27
C GLY A 31 36.99 31.79 13.18
N ILE A 32 38.20 32.35 13.19
CA ILE A 32 38.41 33.78 13.08
C ILE A 32 38.21 34.16 11.60
N ALA A 33 38.49 33.22 10.70
CA ALA A 33 38.29 33.43 9.26
C ALA A 33 36.78 33.45 9.00
N LEU A 34 36.05 32.63 9.74
CA LEU A 34 34.58 32.56 9.61
C LEU A 34 34.02 33.96 9.95
N ILE A 35 34.36 34.44 11.16
CA ILE A 35 33.95 35.77 11.64
C ILE A 35 34.16 36.85 10.60
N LEU A 36 35.39 36.96 10.10
CA LEU A 36 35.72 37.97 9.08
C LEU A 36 34.86 37.91 7.82
N ASN A 37 34.40 36.71 7.46
CA ASN A 37 33.54 36.62 6.29
C ASN A 37 32.17 37.13 6.67
N ALA A 38 31.84 37.03 7.96
CA ALA A 38 30.56 37.52 8.48
C ALA A 38 30.48 39.05 8.31
N ALA A 39 31.59 39.71 8.65
CA ALA A 39 31.68 41.17 8.50
C ALA A 39 31.61 41.54 7.02
N SER A 40 32.25 40.74 6.19
CA SER A 40 32.24 40.98 4.75
C SER A 40 30.81 40.88 4.17
N ASP A 41 29.93 40.22 4.93
CA ASP A 41 28.52 40.06 4.52
C ASP A 41 27.68 41.28 4.87
N THR A 42 27.92 41.84 6.05
CA THR A 42 27.17 43.02 6.48
C THR A 42 27.45 44.18 5.50
N PHE A 43 28.67 44.25 4.96
CA PHE A 43 29.01 45.31 4.01
C PHE A 43 28.49 44.99 2.59
N MET A 44 28.51 43.71 2.21
CA MET A 44 28.01 43.31 0.90
C MET A 44 26.51 43.54 0.79
N LEU A 45 25.82 43.51 1.92
CA LEU A 45 24.38 43.77 1.96
C LEU A 45 24.20 45.29 1.90
N SER A 46 25.17 45.99 2.51
CA SER A 46 25.17 47.45 2.56
C SER A 46 25.66 48.11 1.28
N LEU A 47 25.37 47.50 0.14
CA LEU A 47 25.72 48.07 -1.17
C LEU A 47 24.94 47.41 -2.29
N LEU A 48 24.73 46.09 -2.19
CA LEU A 48 24.02 45.34 -3.21
C LEU A 48 22.52 45.62 -3.37
N LYS A 49 21.78 45.69 -2.25
CA LYS A 49 20.33 45.96 -2.32
C LYS A 49 20.05 47.41 -2.73
N PRO A 50 20.82 48.38 -2.20
CA PRO A 50 20.58 49.77 -2.60
C PRO A 50 20.79 50.00 -4.12
N LEU A 51 21.96 49.62 -4.63
CA LEU A 51 22.21 49.79 -6.07
C LEU A 51 21.31 48.88 -6.91
N LEU A 52 20.49 48.08 -6.21
CA LEU A 52 19.55 47.17 -6.87
C LEU A 52 18.47 48.00 -7.59
N ASP A 53 17.42 48.35 -6.86
CA ASP A 53 16.30 49.14 -7.38
C ASP A 53 16.58 50.66 -7.38
N ASP A 54 17.27 51.14 -6.35
CA ASP A 54 17.63 52.56 -6.22
C ASP A 54 18.83 52.86 -7.15
N GLY A 55 19.17 51.86 -7.97
CA GLY A 55 20.27 51.99 -8.93
C GLY A 55 20.23 53.34 -9.62
N PHE A 56 19.22 53.55 -10.46
CA PHE A 56 19.08 54.85 -11.13
C PHE A 56 18.42 55.75 -10.08
N GLY A 57 19.27 56.19 -9.14
CA GLY A 57 18.85 57.05 -8.05
C GLY A 57 20.14 57.38 -7.32
N LYS A 58 21.17 56.59 -7.63
CA LYS A 58 22.50 56.77 -7.05
C LYS A 58 23.56 56.67 -8.16
N THR A 59 23.09 56.74 -9.42
CA THR A 59 23.93 56.65 -10.63
C THR A 59 24.96 57.78 -10.79
N ASP A 60 26.00 57.73 -9.96
CA ASP A 60 27.06 58.73 -10.01
C ASP A 60 28.00 58.50 -8.82
N ARG A 61 27.66 59.14 -7.69
CA ARG A 61 28.44 59.01 -6.47
C ARG A 61 28.52 57.55 -5.99
N SER A 62 27.35 56.97 -5.71
CA SER A 62 27.27 55.58 -5.24
C SER A 62 27.85 54.66 -6.28
N VAL A 63 27.14 54.54 -7.39
CA VAL A 63 27.55 53.70 -8.50
C VAL A 63 29.06 53.66 -8.75
N LEU A 64 29.57 54.75 -9.31
CA LEU A 64 30.98 54.86 -9.65
C LEU A 64 31.97 54.67 -8.48
N LEU A 65 31.96 55.60 -7.52
CA LEU A 65 32.90 55.53 -6.42
C LEU A 65 32.89 54.29 -5.51
N TRP A 66 31.81 53.50 -5.52
CA TRP A 66 31.75 52.30 -4.67
C TRP A 66 32.00 50.97 -5.38
N MET A 67 32.24 51.04 -6.69
CA MET A 67 32.57 49.85 -7.48
C MET A 67 33.94 49.27 -7.03
N PRO A 68 34.98 50.12 -6.93
CA PRO A 68 36.31 49.63 -6.51
C PRO A 68 36.36 49.18 -5.05
N LEU A 69 35.27 49.44 -4.31
CA LEU A 69 35.21 49.01 -2.92
C LEU A 69 34.52 47.64 -2.87
N VAL A 70 33.87 47.25 -3.97
CA VAL A 70 33.25 45.92 -4.02
C VAL A 70 34.38 44.94 -4.37
N VAL A 71 35.18 45.29 -5.38
CA VAL A 71 36.30 44.47 -5.82
C VAL A 71 37.34 44.34 -4.71
N ILE A 72 37.52 45.39 -3.92
CA ILE A 72 38.49 45.34 -2.82
C ILE A 72 37.82 44.72 -1.58
N GLY A 73 36.58 45.13 -1.29
CA GLY A 73 35.88 44.60 -0.13
C GLY A 73 35.92 43.09 -0.20
N LEU A 74 35.58 42.57 -1.39
CA LEU A 74 35.53 41.12 -1.65
C LEU A 74 36.91 40.46 -1.77
N MET A 75 37.68 40.82 -2.79
CA MET A 75 39.00 40.22 -2.95
C MET A 75 39.69 40.12 -1.59
N ILE A 76 39.97 41.27 -0.99
CA ILE A 76 40.63 41.31 0.32
C ILE A 76 39.95 40.42 1.34
N LEU A 77 38.83 40.89 1.89
CA LEU A 77 38.13 40.10 2.90
C LEU A 77 37.66 38.72 2.43
N ARG A 78 36.73 38.70 1.46
CA ARG A 78 36.18 37.45 0.94
C ARG A 78 37.25 36.45 0.52
N GLY A 79 38.01 36.80 -0.52
CA GLY A 79 39.06 35.94 -1.04
C GLY A 79 40.09 35.45 -0.04
N ILE A 80 40.78 36.38 0.62
CA ILE A 80 41.79 36.02 1.61
C ILE A 80 41.19 35.24 2.79
N THR A 81 39.93 35.52 3.14
CA THR A 81 39.28 34.81 4.25
C THR A 81 38.85 33.39 3.87
N SER A 82 38.49 33.19 2.60
CA SER A 82 38.07 31.88 2.09
C SER A 82 39.28 30.93 2.16
N TYR A 83 40.44 31.45 1.76
CA TYR A 83 41.70 30.72 1.77
C TYR A 83 42.32 30.65 3.19
N ILE A 84 41.69 31.34 4.16
CA ILE A 84 42.17 31.30 5.55
C ILE A 84 41.45 30.11 6.18
N SER A 85 40.20 29.92 5.77
CA SER A 85 39.34 28.84 6.25
C SER A 85 39.85 27.51 5.72
N SER A 86 39.89 27.37 4.40
CA SER A 86 40.39 26.15 3.78
C SER A 86 41.79 25.90 4.35
N TYR A 87 42.60 26.95 4.31
CA TYR A 87 43.98 26.94 4.82
C TYR A 87 44.12 26.16 6.16
N CYS A 88 43.63 26.75 7.24
CA CYS A 88 43.73 26.16 8.56
C CYS A 88 42.83 24.95 8.87
N ILE A 89 41.74 24.76 8.13
CA ILE A 89 40.89 23.60 8.42
C ILE A 89 41.45 22.29 7.85
N SER A 90 41.79 22.31 6.56
CA SER A 90 42.36 21.14 5.90
C SER A 90 43.59 20.70 6.68
N TRP A 91 44.37 21.68 7.14
CA TRP A 91 45.58 21.39 7.90
C TRP A 91 45.31 20.65 9.21
N VAL A 92 44.39 21.17 10.03
CA VAL A 92 44.08 20.54 11.30
C VAL A 92 43.66 19.07 11.16
N SER A 93 42.95 18.76 10.07
CA SER A 93 42.50 17.38 9.83
C SER A 93 43.67 16.51 9.33
N GLY A 94 44.24 16.90 8.18
CA GLY A 94 45.35 16.16 7.61
C GLY A 94 46.38 15.71 8.63
N LYS A 95 46.63 16.54 9.63
CA LYS A 95 47.59 16.17 10.67
C LYS A 95 47.00 15.20 11.68
N VAL A 96 45.80 15.49 12.20
CA VAL A 96 45.19 14.59 13.16
C VAL A 96 44.99 13.18 12.58
N VAL A 97 44.69 13.10 11.28
CA VAL A 97 44.47 11.81 10.62
C VAL A 97 45.79 11.06 10.47
N MET A 98 46.71 11.65 9.73
CA MET A 98 47.98 10.99 9.53
C MET A 98 48.72 10.76 10.85
N THR A 99 48.46 11.57 11.86
CA THR A 99 49.11 11.34 13.15
C THR A 99 48.37 10.20 13.83
N MET A 100 47.12 9.99 13.44
CA MET A 100 46.34 8.93 14.03
C MET A 100 46.91 7.61 13.55
N ARG A 101 46.88 7.40 12.24
CA ARG A 101 47.38 6.18 11.64
C ARG A 101 48.83 5.91 12.00
N ARG A 102 49.56 6.97 12.30
CA ARG A 102 50.94 6.83 12.70
C ARG A 102 50.95 6.08 14.03
N ARG A 103 50.14 6.58 14.96
CA ARG A 103 50.04 5.98 16.27
C ARG A 103 49.60 4.52 16.27
N LEU A 104 48.70 4.15 15.35
CA LEU A 104 48.25 2.76 15.29
C LEU A 104 49.37 1.86 14.78
N PHE A 105 49.87 2.17 13.58
CA PHE A 105 50.98 1.44 12.97
C PHE A 105 51.92 0.94 14.07
N GLY A 106 52.54 1.90 14.75
CA GLY A 106 53.45 1.60 15.82
C GLY A 106 52.84 0.70 16.88
N HIS A 107 51.66 1.06 17.37
CA HIS A 107 51.02 0.23 18.39
C HIS A 107 50.85 -1.19 17.89
N MET A 108 50.46 -1.29 16.61
CA MET A 108 50.25 -2.58 15.95
C MET A 108 51.44 -3.52 16.16
N MET A 109 52.63 -3.06 15.78
CA MET A 109 53.81 -3.88 15.95
C MET A 109 54.20 -3.97 17.43
N GLY A 110 53.55 -3.19 18.26
CA GLY A 110 53.83 -3.25 19.67
C GLY A 110 52.94 -4.34 20.23
N MET A 111 52.39 -5.13 19.31
CA MET A 111 51.50 -6.23 19.67
C MET A 111 52.17 -7.59 19.59
N PRO A 112 53.28 -7.80 20.32
CA PRO A 112 53.93 -9.11 20.25
C PRO A 112 52.97 -10.31 20.31
N VAL A 113 53.44 -11.48 19.86
CA VAL A 113 52.68 -12.73 19.94
C VAL A 113 51.65 -13.07 18.86
N ALA A 114 50.86 -14.07 19.22
CA ALA A 114 49.78 -14.66 18.43
C ALA A 114 48.73 -13.70 17.94
N PHE A 115 48.90 -12.42 18.22
CA PHE A 115 47.95 -11.43 17.74
C PHE A 115 47.88 -11.61 16.22
N PHE A 116 49.01 -11.36 15.56
CA PHE A 116 49.12 -11.48 14.10
C PHE A 116 48.77 -12.87 13.58
N ASP A 117 48.75 -13.82 14.49
CA ASP A 117 48.43 -15.18 14.15
C ASP A 117 46.93 -15.26 13.90
N LYS A 118 46.15 -14.83 14.87
CA LYS A 118 44.72 -14.91 14.73
C LYS A 118 44.12 -14.24 13.51
N GLN A 119 43.96 -12.91 13.52
CA GLN A 119 43.32 -12.26 12.39
C GLN A 119 44.17 -11.94 11.18
N SER A 120 43.50 -11.93 10.03
CA SER A 120 44.11 -11.66 8.74
C SER A 120 44.81 -10.31 8.76
N THR A 121 46.02 -10.26 8.20
CA THR A 121 46.78 -9.03 8.15
C THR A 121 45.93 -7.95 7.47
N GLY A 122 45.11 -8.38 6.52
CA GLY A 122 44.26 -7.45 5.80
C GLY A 122 43.41 -6.56 6.68
N THR A 123 42.75 -7.13 7.68
CA THR A 123 41.91 -6.34 8.56
C THR A 123 42.74 -5.25 9.23
N LEU A 124 43.95 -5.58 9.65
CA LEU A 124 44.81 -4.60 10.31
C LEU A 124 45.18 -3.51 9.33
N LEU A 125 45.72 -3.94 8.20
CA LEU A 125 46.10 -3.05 7.16
C LEU A 125 44.96 -2.05 6.94
N SER A 126 43.76 -2.58 6.75
CA SER A 126 42.58 -1.77 6.55
C SER A 126 42.45 -0.70 7.63
N ARG A 127 42.41 -1.12 8.89
CA ARG A 127 42.28 -0.20 10.01
C ARG A 127 43.10 1.06 9.81
N ILE A 128 44.38 0.89 9.51
CA ILE A 128 45.22 2.07 9.29
C ILE A 128 44.61 2.94 8.20
N THR A 129 44.68 2.43 6.97
CA THR A 129 44.16 3.16 5.82
C THR A 129 42.79 3.79 5.99
N TYR A 130 41.76 2.96 5.93
CA TYR A 130 40.37 3.40 6.01
C TYR A 130 39.85 4.03 7.32
N ASP A 131 40.05 3.36 8.45
CA ASP A 131 39.56 3.89 9.73
C ASP A 131 40.10 5.26 10.11
N SER A 132 41.39 5.46 9.91
CA SER A 132 41.97 6.76 10.22
C SER A 132 41.31 7.83 9.35
N GLU A 133 41.25 7.63 8.03
CA GLU A 133 40.62 8.61 7.15
C GLU A 133 39.27 9.14 7.65
N GLN A 134 38.44 8.22 8.14
CA GLN A 134 37.13 8.58 8.65
C GLN A 134 37.19 9.62 9.78
N VAL A 135 37.78 9.21 10.91
CA VAL A 135 37.87 10.12 12.06
C VAL A 135 38.44 11.48 11.66
N ALA A 136 39.15 11.50 10.53
CA ALA A 136 39.74 12.74 10.01
C ALA A 136 38.67 13.77 9.62
N SER A 137 37.90 13.42 8.60
CA SER A 137 36.84 14.31 8.12
C SER A 137 35.98 14.82 9.27
N SER A 138 35.67 13.91 10.19
CA SER A 138 34.87 14.26 11.36
C SER A 138 35.45 15.43 12.13
N SER A 139 36.67 15.25 12.65
CA SER A 139 37.32 16.32 13.41
C SER A 139 37.22 17.71 12.76
N SER A 140 37.73 17.82 11.53
CA SER A 140 37.72 19.11 10.83
C SER A 140 36.36 19.73 10.45
N GLY A 141 35.85 19.38 9.27
CA GLY A 141 34.60 19.93 8.79
C GLY A 141 33.40 19.88 9.71
N ALA A 142 33.34 18.85 10.56
CA ALA A 142 32.21 18.70 11.48
C ALA A 142 32.31 19.61 12.70
N LEU A 143 33.49 19.70 13.31
CA LEU A 143 33.61 20.58 14.46
C LEU A 143 33.26 21.99 14.03
N ILE A 144 33.68 22.37 12.81
CA ILE A 144 33.39 23.71 12.32
C ILE A 144 31.89 23.96 12.18
N THR A 145 31.15 23.03 11.58
CA THR A 145 29.72 23.24 11.42
C THR A 145 28.88 22.91 12.68
N VAL A 146 29.37 22.01 13.53
CA VAL A 146 28.62 21.66 14.75
C VAL A 146 28.67 22.83 15.73
N VAL A 147 29.65 23.71 15.52
CA VAL A 147 29.79 24.89 16.36
C VAL A 147 29.22 26.12 15.63
N ARG A 148 29.20 26.05 14.30
CA ARG A 148 28.67 27.12 13.43
C ARG A 148 27.13 27.09 13.43
N GLU A 149 26.57 26.01 12.90
CA GLU A 149 25.12 25.83 12.87
C GLU A 149 24.72 25.53 14.31
N GLY A 150 25.73 25.17 15.13
CA GLY A 150 25.49 24.90 16.54
C GLY A 150 25.21 26.17 17.32
N ALA A 151 26.03 27.20 17.06
CA ALA A 151 25.89 28.50 17.72
C ALA A 151 24.72 29.28 17.10
N SER A 152 24.35 28.88 15.87
CA SER A 152 23.22 29.49 15.16
C SER A 152 21.94 29.10 15.90
N ILE A 153 21.86 27.82 16.29
CA ILE A 153 20.73 27.26 17.04
C ILE A 153 20.69 27.84 18.46
N ILE A 154 21.87 28.12 19.01
CA ILE A 154 22.00 28.71 20.35
C ILE A 154 21.42 30.14 20.39
N GLY A 155 21.66 30.89 19.31
CA GLY A 155 21.16 32.26 19.22
C GLY A 155 19.67 32.34 18.97
N LEU A 156 19.15 31.47 18.09
CA LEU A 156 17.72 31.45 17.79
C LEU A 156 16.85 30.94 18.95
N PHE A 157 17.39 30.05 19.80
CA PHE A 157 16.60 29.56 20.94
C PHE A 157 16.65 30.53 22.14
N ILE A 158 17.75 31.27 22.30
CA ILE A 158 17.85 32.23 23.41
C ILE A 158 17.08 33.50 23.02
N MET A 159 16.85 33.62 21.71
CA MET A 159 16.12 34.75 21.14
C MET A 159 14.62 34.56 21.35
N MET A 160 14.08 33.48 20.82
CA MET A 160 12.64 33.19 20.98
C MET A 160 12.34 32.99 22.47
N PHE A 161 13.39 32.72 23.24
CA PHE A 161 13.33 32.50 24.68
C PHE A 161 12.45 33.53 25.40
N TYR A 162 13.01 34.67 25.77
CA TYR A 162 12.26 35.73 26.46
C TYR A 162 11.50 36.67 25.51
N TYR A 163 12.08 36.89 24.33
CA TYR A 163 11.50 37.75 23.29
C TYR A 163 10.05 37.34 22.95
N SER A 164 9.65 36.13 23.32
CA SER A 164 8.28 35.66 23.07
C SER A 164 8.04 34.41 23.89
N TRP A 165 8.07 34.55 25.21
CA TRP A 165 7.89 33.42 26.11
C TRP A 165 6.72 32.48 25.76
N GLN A 166 5.75 32.98 24.98
CA GLN A 166 4.60 32.16 24.59
C GLN A 166 4.97 31.11 23.55
N LEU A 167 5.69 31.54 22.52
CA LEU A 167 6.10 30.62 21.47
C LEU A 167 7.34 29.80 21.92
N SER A 168 8.03 30.29 22.95
CA SER A 168 9.18 29.57 23.49
C SER A 168 8.65 28.39 24.32
N ILE A 169 7.34 28.42 24.61
CA ILE A 169 6.69 27.33 25.34
C ILE A 169 6.28 26.25 24.30
N ILE A 170 6.75 26.44 23.06
CA ILE A 170 6.52 25.52 21.93
C ILE A 170 7.88 24.87 21.66
N LEU A 171 8.94 25.67 21.82
CA LEU A 171 10.30 25.19 21.65
C LEU A 171 10.59 24.21 22.79
N VAL A 172 10.04 24.48 23.98
CA VAL A 172 10.26 23.59 25.13
C VAL A 172 9.29 22.38 25.14
N VAL A 173 8.78 22.04 23.97
CA VAL A 173 7.89 20.90 23.78
C VAL A 173 8.39 20.06 22.60
N LEU A 174 9.05 20.73 21.65
CA LEU A 174 9.59 20.03 20.47
C LEU A 174 11.13 19.92 20.44
N ALA A 175 11.82 20.81 21.17
CA ALA A 175 13.28 20.78 21.25
C ALA A 175 13.79 19.47 21.84
N PRO A 176 13.13 18.97 22.91
CA PRO A 176 13.54 17.70 23.54
C PRO A 176 13.14 16.51 22.67
N ILE A 177 12.13 16.70 21.82
CA ILE A 177 11.66 15.63 20.94
C ILE A 177 12.55 15.49 19.70
N VAL A 178 13.01 16.61 19.15
CA VAL A 178 13.91 16.55 17.99
C VAL A 178 15.28 16.07 18.48
N SER A 179 15.63 16.46 19.70
CA SER A 179 16.90 16.09 20.33
C SER A 179 16.99 14.59 20.64
N ILE A 180 15.88 14.01 21.06
CA ILE A 180 15.86 12.58 21.38
C ILE A 180 15.77 11.72 20.12
N ALA A 181 14.96 12.15 19.17
CA ALA A 181 14.83 11.42 17.91
C ALA A 181 16.17 11.45 17.16
N ILE A 182 16.93 12.53 17.34
CA ILE A 182 18.23 12.67 16.67
C ILE A 182 19.34 11.91 17.40
N ARG A 183 19.29 11.87 18.73
CA ARG A 183 20.30 11.17 19.51
C ARG A 183 20.27 9.70 19.12
N VAL A 184 19.07 9.20 18.88
CA VAL A 184 18.90 7.81 18.47
C VAL A 184 19.45 7.58 17.05
N VAL A 185 18.97 8.35 16.07
CA VAL A 185 19.47 8.17 14.71
C VAL A 185 21.00 8.24 14.73
N SER A 186 21.55 8.99 15.67
CA SER A 186 22.99 9.14 15.79
C SER A 186 23.67 7.84 16.21
N LYS A 187 23.03 7.09 17.10
CA LYS A 187 23.61 5.83 17.57
C LYS A 187 23.58 4.79 16.46
N ARG A 188 22.58 4.87 15.60
CA ARG A 188 22.51 3.91 14.51
C ARG A 188 23.49 4.37 13.45
N PHE A 189 23.96 5.61 13.58
CA PHE A 189 24.95 6.14 12.64
C PHE A 189 26.30 5.59 13.05
N ARG A 190 26.59 5.68 14.35
CA ARG A 190 27.83 5.16 14.92
C ARG A 190 27.94 3.69 14.55
N SER A 191 26.87 2.94 14.81
CA SER A 191 26.85 1.52 14.50
C SER A 191 26.96 1.19 13.00
N ILE A 192 26.01 1.63 12.18
CA ILE A 192 26.08 1.31 10.75
C ILE A 192 27.43 1.64 10.13
N SER A 193 28.11 2.66 10.61
CA SER A 193 29.41 2.99 10.05
C SER A 193 30.43 1.96 10.50
N LYS A 194 30.41 1.66 11.80
CA LYS A 194 31.32 0.69 12.40
C LYS A 194 31.35 -0.60 11.58
N ASN A 195 30.19 -1.23 11.47
CA ASN A 195 30.10 -2.47 10.69
C ASN A 195 30.56 -2.17 9.27
N MET A 196 30.20 -0.99 8.78
CA MET A 196 30.58 -0.58 7.43
C MET A 196 32.08 -0.67 7.30
N GLN A 197 32.77 -0.42 8.41
CA GLN A 197 34.22 -0.46 8.46
C GLN A 197 34.71 -1.90 8.25
N ASN A 198 34.51 -2.74 9.27
CA ASN A 198 34.94 -4.12 9.19
C ASN A 198 34.72 -4.67 7.80
N THR A 199 33.54 -4.39 7.24
CA THR A 199 33.23 -4.86 5.90
C THR A 199 34.33 -4.39 4.97
N MET A 200 34.58 -3.08 4.95
CA MET A 200 35.62 -2.55 4.09
C MET A 200 36.91 -3.32 4.38
N GLY A 201 37.12 -3.65 5.66
CA GLY A 201 38.30 -4.40 6.04
C GLY A 201 38.35 -5.73 5.34
N GLN A 202 37.24 -6.45 5.38
CA GLN A 202 37.17 -7.75 4.73
C GLN A 202 37.37 -7.65 3.23
N VAL A 203 36.85 -6.59 2.62
CA VAL A 203 37.04 -6.43 1.19
C VAL A 203 38.53 -6.53 0.95
N THR A 204 39.28 -5.89 1.84
CA THR A 204 40.74 -5.89 1.77
C THR A 204 41.28 -7.30 1.84
N THR A 205 41.02 -7.96 2.95
CA THR A 205 41.50 -9.32 3.13
C THR A 205 41.25 -10.17 1.89
N SER A 206 40.01 -10.25 1.44
CA SER A 206 39.71 -11.05 0.26
C SER A 206 40.54 -10.62 -0.93
N ALA A 207 40.91 -9.33 -0.97
CA ALA A 207 41.74 -8.83 -2.07
C ALA A 207 43.21 -9.26 -1.86
N GLU A 208 43.69 -9.23 -0.63
CA GLU A 208 45.06 -9.65 -0.37
C GLU A 208 45.22 -11.10 -0.79
N GLN A 209 44.40 -11.98 -0.22
CA GLN A 209 44.44 -13.39 -0.56
C GLN A 209 44.52 -13.51 -2.06
N MET A 210 43.60 -12.87 -2.77
CA MET A 210 43.62 -12.92 -4.22
C MET A 210 45.03 -12.81 -4.75
N LEU A 211 45.69 -11.70 -4.47
CA LEU A 211 47.05 -11.51 -4.97
C LEU A 211 48.08 -12.46 -4.37
N LYS A 212 48.17 -12.48 -3.05
CA LYS A 212 49.13 -13.35 -2.40
C LYS A 212 49.05 -14.77 -2.93
N GLY A 213 47.83 -15.25 -3.22
CA GLY A 213 47.65 -16.61 -3.72
C GLY A 213 47.62 -16.79 -5.22
N HIS A 214 48.09 -15.81 -5.97
CA HIS A 214 48.10 -15.90 -7.43
C HIS A 214 48.56 -17.26 -7.95
N LYS A 215 49.84 -17.58 -7.70
CA LYS A 215 50.40 -18.86 -8.14
C LYS A 215 49.35 -19.95 -7.97
N GLU A 216 48.93 -20.12 -6.73
CA GLU A 216 47.92 -21.10 -6.41
C GLU A 216 46.77 -20.94 -7.36
N VAL A 217 45.97 -19.88 -7.13
CA VAL A 217 44.77 -19.57 -7.90
C VAL A 217 44.76 -19.93 -9.38
N LEU A 218 45.93 -20.16 -9.97
CA LEU A 218 45.97 -20.54 -11.36
C LEU A 218 45.81 -22.04 -11.51
N ILE A 219 46.75 -22.80 -10.96
CA ILE A 219 46.69 -24.26 -11.02
C ILE A 219 45.58 -24.71 -10.07
N PHE A 220 45.38 -23.86 -9.06
CA PHE A 220 44.35 -24.00 -8.03
C PHE A 220 43.17 -24.60 -8.80
N GLY A 221 42.56 -23.77 -9.67
CA GLY A 221 41.42 -24.18 -10.44
C GLY A 221 40.21 -23.54 -9.78
N GLY A 222 40.34 -22.26 -9.45
CA GLY A 222 39.24 -21.57 -8.81
C GLY A 222 39.29 -20.06 -8.86
N GLN A 223 39.91 -19.51 -9.90
CA GLN A 223 39.98 -18.07 -10.02
C GLN A 223 38.58 -17.50 -9.86
N GLU A 224 37.60 -18.20 -10.39
CA GLU A 224 36.23 -17.74 -10.28
C GLU A 224 35.63 -17.95 -8.86
N VAL A 225 36.10 -18.96 -8.14
CA VAL A 225 35.63 -19.20 -6.78
C VAL A 225 36.01 -17.97 -6.00
N GLU A 226 37.10 -17.36 -6.43
CA GLU A 226 37.60 -16.15 -5.82
C GLU A 226 36.70 -15.00 -6.24
N THR A 227 36.44 -14.92 -7.54
CA THR A 227 35.59 -13.87 -8.05
C THR A 227 34.35 -13.90 -7.18
N LYS A 228 33.74 -15.07 -7.04
CA LYS A 228 32.55 -15.20 -6.21
C LYS A 228 32.76 -14.64 -4.80
N ARG A 229 33.79 -15.10 -4.11
CA ARG A 229 34.00 -14.62 -2.75
C ARG A 229 34.02 -13.10 -2.72
N PHE A 230 34.68 -12.50 -3.71
CA PHE A 230 34.78 -11.04 -3.77
C PHE A 230 33.44 -10.32 -3.98
N ASP A 231 32.70 -10.78 -4.98
CA ASP A 231 31.41 -10.18 -5.29
C ASP A 231 30.57 -10.14 -4.04
N LYS A 232 30.61 -11.22 -3.27
CA LYS A 232 29.84 -11.27 -2.05
C LYS A 232 30.33 -10.23 -1.05
N VAL A 233 31.63 -10.04 -0.93
CA VAL A 233 32.11 -9.03 0.02
C VAL A 233 31.91 -7.63 -0.54
N SER A 234 32.33 -7.41 -1.78
CA SER A 234 32.17 -6.11 -2.42
C SER A 234 30.75 -5.62 -2.20
N ASN A 235 29.79 -6.43 -2.64
CA ASN A 235 28.36 -6.15 -2.51
C ASN A 235 28.01 -5.84 -1.06
N LYS A 236 28.37 -6.73 -0.13
CA LYS A 236 28.09 -6.50 1.29
C LYS A 236 28.63 -5.14 1.72
N MET A 237 29.43 -4.52 0.86
CA MET A 237 29.95 -3.21 1.17
C MET A 237 28.99 -2.15 0.63
N ARG A 238 28.73 -2.17 -0.68
CA ARG A 238 27.83 -1.19 -1.29
C ARG A 238 26.52 -1.11 -0.54
N LEU A 239 26.13 -2.24 0.03
CA LEU A 239 24.88 -2.33 0.77
C LEU A 239 25.07 -2.04 2.24
N GLN A 240 26.31 -2.16 2.71
CA GLN A 240 26.56 -1.88 4.10
C GLN A 240 26.38 -0.38 4.23
N GLY A 241 27.11 0.33 3.39
CA GLY A 241 27.06 1.78 3.39
C GLY A 241 25.71 2.30 2.96
N MET A 242 25.18 1.75 1.87
CA MET A 242 23.87 2.17 1.39
C MET A 242 22.91 2.11 2.58
N LYS A 243 23.10 1.11 3.43
CA LYS A 243 22.24 0.95 4.60
C LYS A 243 22.30 2.23 5.42
N MET A 244 23.50 2.72 5.69
CA MET A 244 23.60 3.96 6.45
C MET A 244 23.04 5.18 5.73
N VAL A 245 23.48 5.40 4.50
CA VAL A 245 23.02 6.56 3.70
C VAL A 245 21.50 6.71 3.61
N SER A 246 20.80 5.59 3.44
CA SER A 246 19.34 5.63 3.35
C SER A 246 18.80 5.96 4.74
N ALA A 247 19.44 5.40 5.76
CA ALA A 247 19.03 5.65 7.14
C ALA A 247 19.18 7.13 7.44
N SER A 248 20.16 7.76 6.79
CA SER A 248 20.38 9.18 7.00
C SER A 248 19.39 10.00 6.19
N SER A 249 19.02 9.50 5.00
CA SER A 249 18.05 10.19 4.15
C SER A 249 16.68 10.36 4.82
N ILE A 250 16.13 9.29 5.38
CA ILE A 250 14.85 9.40 6.05
C ILE A 250 15.02 10.17 7.37
N SER A 251 16.26 10.19 7.88
CA SER A 251 16.56 10.92 9.11
C SER A 251 16.24 12.43 8.96
N ASP A 252 16.51 13.00 7.77
CA ASP A 252 16.25 14.44 7.53
C ASP A 252 14.74 14.77 7.50
N PRO A 253 13.99 14.32 6.47
CA PRO A 253 12.56 14.64 6.46
C PRO A 253 11.83 14.40 7.78
N ILE A 254 12.27 13.44 8.60
CA ILE A 254 11.60 13.24 9.90
C ILE A 254 11.88 14.43 10.84
N ILE A 255 13.10 14.96 10.81
CA ILE A 255 13.37 16.13 11.65
C ILE A 255 12.69 17.39 11.07
N GLN A 256 12.37 17.36 9.78
CA GLN A 256 11.65 18.48 9.14
C GLN A 256 10.27 18.51 9.75
N LEU A 257 9.77 17.31 10.06
CA LEU A 257 8.46 17.13 10.67
C LEU A 257 8.42 17.86 12.01
N ILE A 258 9.37 17.59 12.89
CA ILE A 258 9.38 18.26 14.19
C ILE A 258 9.49 19.79 14.02
N ALA A 259 10.22 20.22 12.98
CA ALA A 259 10.39 21.64 12.70
C ALA A 259 9.09 22.25 12.19
N SER A 260 8.49 21.56 11.22
CA SER A 260 7.22 21.98 10.62
C SER A 260 6.07 21.88 11.64
N LEU A 261 6.37 21.28 12.79
CA LEU A 261 5.40 21.09 13.86
C LEU A 261 5.33 22.33 14.75
N ALA A 262 6.47 22.80 15.26
CA ALA A 262 6.46 23.99 16.11
C ALA A 262 6.12 25.22 15.28
N LEU A 263 6.40 25.13 13.98
CA LEU A 263 6.13 26.22 13.03
C LEU A 263 4.64 26.30 12.67
N ALA A 264 4.00 25.14 12.50
CA ALA A 264 2.57 25.10 12.22
C ALA A 264 1.78 25.50 13.49
N PHE A 265 2.37 25.25 14.66
CA PHE A 265 1.79 25.62 15.96
C PHE A 265 1.72 27.13 16.02
N VAL A 266 2.69 27.80 15.41
CA VAL A 266 2.69 29.26 15.36
C VAL A 266 1.51 29.73 14.49
N LEU A 267 1.23 29.04 13.38
CA LEU A 267 0.08 29.44 12.55
C LEU A 267 -1.27 29.28 13.25
N TYR A 268 -1.37 28.26 14.10
CA TYR A 268 -2.60 27.99 14.86
C TYR A 268 -2.85 29.04 15.96
N ALA A 269 -1.77 29.57 16.54
CA ALA A 269 -1.86 30.60 17.58
C ALA A 269 -1.80 32.02 16.97
N ALA A 270 -1.82 32.09 15.64
CA ALA A 270 -1.81 33.36 14.92
C ALA A 270 -3.21 33.63 14.40
N SER A 271 -4.02 32.57 14.35
CA SER A 271 -5.41 32.68 13.90
C SER A 271 -6.34 33.09 15.06
N PHE A 272 -5.99 32.69 16.28
CA PHE A 272 -6.78 33.01 17.48
C PHE A 272 -6.06 33.94 18.47
N PRO A 273 -4.81 33.61 18.89
CA PRO A 273 -4.03 34.45 19.83
C PRO A 273 -3.60 35.83 19.29
N SER A 274 -3.32 35.95 17.99
CA SER A 274 -2.99 37.26 17.41
C SER A 274 -4.32 38.02 17.30
N VAL A 275 -5.40 37.24 17.18
CA VAL A 275 -6.77 37.73 17.12
C VAL A 275 -7.17 37.76 18.60
N MET A 276 -6.24 38.29 19.38
CA MET A 276 -6.31 38.45 20.82
C MET A 276 -5.08 39.34 21.03
N ASP A 277 -4.59 39.93 19.94
CA ASP A 277 -3.39 40.76 20.00
C ASP A 277 -2.25 39.91 20.58
N SER A 278 -1.34 40.53 21.31
CA SER A 278 -0.21 39.82 21.92
C SER A 278 0.79 39.29 20.89
N LEU A 279 0.36 39.16 19.63
CA LEU A 279 1.23 38.69 18.56
C LEU A 279 1.29 39.77 17.47
N THR A 280 0.12 40.24 17.09
CA THR A 280 -0.07 41.33 16.13
C THR A 280 0.76 41.12 14.83
N ALA A 281 0.91 42.18 14.03
CA ALA A 281 1.67 42.11 12.78
C ALA A 281 3.14 42.51 12.96
N GLY A 282 3.57 42.56 14.23
CA GLY A 282 4.94 42.89 14.56
C GLY A 282 5.63 41.62 15.04
N THR A 283 4.95 40.90 15.94
CA THR A 283 5.47 39.66 16.49
C THR A 283 5.08 38.44 15.61
N ILE A 284 3.94 38.50 14.91
CA ILE A 284 3.52 37.40 14.02
C ILE A 284 4.32 37.52 12.73
N THR A 285 5.35 38.35 12.79
CA THR A 285 6.23 38.59 11.65
C THR A 285 7.66 38.19 12.02
N VAL A 286 8.10 38.62 13.20
CA VAL A 286 9.46 38.30 13.66
C VAL A 286 9.59 36.96 14.40
N VAL A 287 8.59 36.58 15.20
CA VAL A 287 8.65 35.31 15.91
C VAL A 287 8.43 34.15 14.93
N PHE A 288 7.65 34.41 13.88
CA PHE A 288 7.38 33.40 12.85
C PHE A 288 8.51 33.37 11.82
N SER A 289 9.06 34.54 11.50
CA SER A 289 10.17 34.60 10.56
C SER A 289 11.38 33.95 11.21
N SER A 290 11.52 34.17 12.51
CA SER A 290 12.63 33.61 13.28
C SER A 290 12.45 32.10 13.44
N MET A 291 11.21 31.63 13.33
CA MET A 291 10.92 30.21 13.43
C MET A 291 11.32 29.50 12.15
N ILE A 292 10.76 29.96 11.02
CA ILE A 292 11.04 29.41 9.70
C ILE A 292 12.52 29.56 9.32
N ALA A 293 13.24 30.37 10.10
CA ALA A 293 14.66 30.58 9.87
C ALA A 293 15.46 29.52 10.66
N LEU A 294 15.24 29.45 11.98
CA LEU A 294 15.91 28.50 12.89
C LEU A 294 15.81 27.02 12.47
N MET A 295 14.68 26.64 11.88
CA MET A 295 14.53 25.25 11.44
C MET A 295 15.51 24.88 10.31
N ARG A 296 16.06 25.87 9.61
CA ARG A 296 17.01 25.61 8.51
C ARG A 296 18.44 25.20 8.98
N PRO A 297 19.06 25.98 9.90
CA PRO A 297 20.41 25.65 10.38
C PRO A 297 20.38 24.38 11.24
N LEU A 298 19.24 24.07 11.83
CA LEU A 298 19.13 22.85 12.63
C LEU A 298 19.01 21.67 11.65
N LYS A 299 18.26 21.87 10.57
CA LYS A 299 18.08 20.82 9.56
C LYS A 299 19.25 20.70 8.58
N SER A 300 20.38 21.23 9.02
CA SER A 300 21.64 21.17 8.29
C SER A 300 22.58 20.46 9.25
N LEU A 301 22.55 20.87 10.52
CA LEU A 301 23.38 20.26 11.54
C LEU A 301 23.07 18.77 11.59
N THR A 302 21.87 18.39 11.15
CA THR A 302 21.52 16.96 11.14
C THR A 302 22.29 16.22 10.03
N ASN A 303 22.17 16.74 8.80
CA ASN A 303 22.83 16.16 7.64
C ASN A 303 24.36 16.04 7.76
N VAL A 304 24.98 16.95 8.50
CA VAL A 304 26.42 16.87 8.66
C VAL A 304 26.75 15.96 9.85
N ASN A 305 25.85 15.90 10.83
CA ASN A 305 26.03 15.06 12.01
C ASN A 305 26.39 13.65 11.54
N ALA A 306 25.72 13.20 10.48
CA ALA A 306 26.01 11.87 9.92
C ALA A 306 27.52 11.72 9.80
N GLN A 307 28.11 12.51 8.91
CA GLN A 307 29.55 12.49 8.69
C GLN A 307 30.35 12.59 9.99
N PHE A 308 29.89 13.40 10.93
CA PHE A 308 30.59 13.54 12.21
C PHE A 308 30.58 12.22 12.97
N GLN A 309 29.45 11.51 12.91
CA GLN A 309 29.34 10.23 13.58
C GLN A 309 30.30 9.23 12.93
N ARG A 310 30.15 9.05 11.61
CA ARG A 310 30.98 8.14 10.83
C ARG A 310 32.38 8.16 11.44
N GLY A 311 32.93 9.38 11.50
CA GLY A 311 34.27 9.56 12.03
C GLY A 311 34.37 9.30 13.52
N MET A 312 33.44 9.85 14.29
CA MET A 312 33.45 9.67 15.73
C MET A 312 33.47 8.18 16.04
N ALA A 313 32.52 7.44 15.47
CA ALA A 313 32.45 6.00 15.66
C ALA A 313 33.79 5.40 15.31
N ALA A 314 34.31 5.77 14.13
CA ALA A 314 35.63 5.30 13.73
C ALA A 314 36.68 5.58 14.80
N CYS A 315 36.70 6.79 15.35
CA CYS A 315 37.67 7.08 16.39
C CYS A 315 37.56 5.99 17.42
N GLN A 316 36.38 5.85 17.99
CA GLN A 316 36.19 4.84 19.03
C GLN A 316 36.54 3.40 18.69
N THR A 317 36.39 3.00 17.43
CA THR A 317 36.77 1.65 17.06
C THR A 317 38.27 1.58 17.33
N LEU A 318 39.04 2.31 16.52
CA LEU A 318 40.49 2.31 16.66
C LEU A 318 41.03 3.00 17.90
N PHE A 319 40.17 3.74 18.59
CA PHE A 319 40.56 4.41 19.82
C PHE A 319 40.85 3.15 20.64
N ALA A 320 39.88 2.25 20.59
CA ALA A 320 39.93 0.99 21.33
C ALA A 320 41.06 0.07 20.85
N ILE A 321 41.13 -0.17 19.54
CA ILE A 321 42.15 -1.07 19.01
C ILE A 321 43.52 -0.60 19.51
N LEU A 322 43.65 0.71 19.70
CA LEU A 322 44.91 1.27 20.18
C LEU A 322 44.97 1.11 21.69
N ASP A 323 43.81 1.15 22.32
CA ASP A 323 43.71 1.01 23.77
C ASP A 323 43.94 -0.45 24.14
N SER A 324 44.08 -1.30 23.12
CA SER A 324 44.30 -2.72 23.34
C SER A 324 45.53 -2.95 24.21
N GLU A 325 45.83 -4.21 24.51
CA GLU A 325 46.96 -4.54 25.37
C GLU A 325 48.30 -4.81 24.68
N GLN A 326 49.31 -4.05 25.05
CA GLN A 326 50.64 -4.21 24.49
C GLN A 326 51.15 -5.59 24.88
N GLU A 327 50.96 -6.56 23.99
CA GLU A 327 51.39 -7.93 24.23
C GLU A 327 52.89 -7.96 24.51
N LYS A 328 53.48 -6.77 24.56
CA LYS A 328 54.90 -6.63 24.83
C LYS A 328 55.14 -6.42 26.33
N ASP A 329 54.99 -7.48 27.11
CA ASP A 329 55.22 -7.41 28.56
C ASP A 329 56.68 -6.97 28.74
N GLU A 330 56.98 -6.24 29.81
CA GLU A 330 58.34 -5.79 29.99
C GLU A 330 59.05 -6.16 31.29
N GLY A 331 60.36 -6.34 31.19
CA GLY A 331 61.20 -6.68 32.32
C GLY A 331 61.91 -5.45 32.86
N LYS A 332 63.23 -5.55 33.04
CA LYS A 332 64.00 -4.41 33.56
C LYS A 332 65.47 -4.46 33.15
N ARG A 333 66.13 -5.55 33.53
CA ARG A 333 67.55 -5.75 33.25
C ARG A 333 67.93 -5.72 31.75
N VAL A 334 68.71 -4.72 31.37
CA VAL A 334 69.15 -4.57 29.99
C VAL A 334 70.63 -4.90 29.89
N ILE A 335 70.98 -5.98 29.17
CA ILE A 335 72.38 -6.38 29.03
C ILE A 335 72.94 -6.12 27.62
N ASP A 336 74.24 -5.83 27.53
CA ASP A 336 74.85 -5.55 26.23
C ASP A 336 75.76 -6.70 25.84
N ARG A 337 76.35 -7.32 26.85
CA ARG A 337 77.24 -8.45 26.68
C ARG A 337 76.38 -9.70 26.63
N ALA A 338 76.89 -10.79 26.03
CA ALA A 338 76.10 -11.98 25.98
C ALA A 338 76.74 -13.37 26.07
N THR A 339 78.08 -13.62 26.44
CA THR A 339 78.10 -15.07 26.66
C THR A 339 76.75 -15.76 26.55
N GLY A 340 76.54 -16.47 25.44
CA GLY A 340 75.28 -17.18 25.25
C GLY A 340 75.01 -18.37 26.16
N ASP A 341 74.75 -18.11 27.45
CA ASP A 341 74.48 -19.17 28.40
C ASP A 341 72.96 -19.36 28.51
N LEU A 342 72.42 -20.03 27.50
CA LEU A 342 71.00 -20.33 27.43
C LEU A 342 70.70 -21.49 28.40
N GLU A 343 69.66 -21.35 29.21
CA GLU A 343 69.32 -22.40 30.17
C GLU A 343 67.85 -22.35 30.52
N PHE A 344 67.15 -23.47 30.46
CA PHE A 344 65.74 -23.47 30.87
C PHE A 344 65.21 -24.82 31.36
N ARG A 345 64.54 -24.78 32.52
CA ARG A 345 64.02 -25.97 33.20
C ARG A 345 62.50 -26.15 33.33
N ASN A 346 62.09 -27.43 33.24
CA ASN A 346 60.70 -27.90 33.34
C ASN A 346 59.71 -26.92 32.78
N VAL A 347 60.09 -26.31 31.66
CA VAL A 347 59.26 -25.33 31.00
C VAL A 347 58.19 -26.08 30.23
N THR A 348 56.93 -25.80 30.53
CA THR A 348 55.84 -26.43 29.81
C THR A 348 55.24 -25.31 28.99
N PHE A 349 54.62 -25.64 27.86
CA PHE A 349 54.04 -24.61 27.00
C PHE A 349 52.92 -25.06 26.06
N THR A 350 51.97 -24.15 25.88
CA THR A 350 50.84 -24.35 25.01
C THR A 350 50.59 -23.01 24.33
N TYR A 351 49.86 -22.99 23.22
CA TYR A 351 49.64 -21.74 22.50
C TYR A 351 48.42 -20.89 22.89
N PRO A 352 47.31 -20.90 22.11
CA PRO A 352 46.25 -20.04 22.63
C PRO A 352 45.54 -20.64 23.84
N GLY A 353 46.09 -20.33 25.03
CA GLY A 353 45.55 -20.75 26.31
C GLY A 353 45.00 -22.12 26.67
N ARG A 354 43.69 -22.31 26.45
CA ARG A 354 42.99 -23.55 26.78
C ARG A 354 42.93 -24.61 25.67
N GLU A 355 43.94 -25.48 25.64
CA GLU A 355 44.06 -26.57 24.67
C GLU A 355 44.99 -27.66 25.26
N VAL A 356 45.83 -28.27 24.44
CA VAL A 356 46.76 -29.30 24.92
C VAL A 356 48.21 -28.88 24.65
N PRO A 357 49.05 -28.81 25.71
CA PRO A 357 50.47 -28.43 25.63
C PRO A 357 51.27 -28.99 24.43
N ALA A 358 51.97 -28.11 23.74
CA ALA A 358 52.76 -28.51 22.58
C ALA A 358 54.18 -28.74 23.02
N LEU A 359 54.43 -28.44 24.29
CA LEU A 359 55.74 -28.62 24.89
C LEU A 359 55.49 -28.85 26.39
N ARG A 360 55.94 -30.00 26.90
CA ARG A 360 55.76 -30.34 28.30
C ARG A 360 56.99 -30.03 29.13
N ASN A 361 57.15 -30.71 30.25
CA ASN A 361 58.29 -30.50 31.13
C ASN A 361 59.58 -30.70 30.35
N ILE A 362 60.11 -29.59 29.84
CA ILE A 362 61.33 -29.63 29.07
C ILE A 362 62.44 -28.86 29.75
N ASN A 363 63.51 -29.58 30.06
CA ASN A 363 64.67 -29.04 30.73
C ASN A 363 65.84 -29.11 29.77
N LEU A 364 66.63 -28.05 29.70
CA LEU A 364 67.76 -28.04 28.81
C LEU A 364 68.69 -26.84 29.03
N LYS A 365 69.99 -27.11 28.85
CA LYS A 365 70.99 -26.08 29.02
C LYS A 365 71.96 -26.10 27.85
N ILE A 366 72.18 -24.92 27.29
CA ILE A 366 73.10 -24.73 26.17
C ILE A 366 74.15 -23.72 26.61
N PRO A 367 75.24 -24.21 27.22
CA PRO A 367 76.33 -23.36 27.71
C PRO A 367 77.08 -22.66 26.58
N ALA A 368 77.53 -21.43 26.86
CA ALA A 368 78.25 -20.63 25.88
C ALA A 368 79.25 -21.46 25.05
N GLY A 369 79.36 -21.12 23.77
CA GLY A 369 80.28 -21.81 22.87
C GLY A 369 79.81 -23.17 22.37
N LYS A 370 79.05 -23.87 23.22
CA LYS A 370 78.55 -25.18 22.86
C LYS A 370 77.47 -25.08 21.79
N THR A 371 77.31 -26.17 21.03
CA THR A 371 76.31 -26.26 19.95
C THR A 371 75.31 -27.37 20.24
N VAL A 372 74.06 -26.99 20.53
CA VAL A 372 73.03 -27.97 20.81
C VAL A 372 72.07 -28.02 19.64
N ALA A 373 71.72 -29.23 19.22
CA ALA A 373 70.83 -29.42 18.09
C ALA A 373 69.44 -29.90 18.50
N LEU A 374 68.46 -29.58 17.68
CA LEU A 374 67.09 -29.99 17.93
C LEU A 374 66.60 -30.83 16.75
N VAL A 375 66.43 -32.13 16.98
CA VAL A 375 65.91 -33.00 15.94
C VAL A 375 64.79 -33.81 16.54
N GLY A 376 63.82 -34.15 15.72
CA GLY A 376 62.70 -34.92 16.22
C GLY A 376 61.69 -35.08 15.12
N ARG A 377 60.58 -35.73 15.44
CA ARG A 377 59.58 -35.92 14.42
C ARG A 377 58.96 -34.62 13.95
N SER A 378 58.65 -34.57 12.66
CA SER A 378 58.02 -33.39 12.07
C SER A 378 56.72 -33.14 12.82
N GLY A 379 56.80 -32.48 13.96
CA GLY A 379 55.61 -32.22 14.74
C GLY A 379 55.90 -32.03 16.21
N SER A 380 57.14 -32.33 16.59
CA SER A 380 57.54 -32.14 17.97
C SER A 380 57.88 -30.66 18.09
N GLY A 381 57.78 -30.11 19.29
CA GLY A 381 58.05 -28.69 19.53
C GLY A 381 59.37 -28.04 19.13
N LYS A 382 60.04 -28.60 18.13
CA LYS A 382 61.31 -28.05 17.66
C LYS A 382 61.20 -26.55 17.38
N SER A 383 60.70 -26.18 16.20
CA SER A 383 60.54 -24.78 15.82
C SER A 383 59.94 -23.96 17.00
N THR A 384 59.10 -24.62 17.81
CA THR A 384 58.41 -23.99 18.94
C THR A 384 59.34 -23.46 20.01
N ILE A 385 60.11 -24.34 20.59
CA ILE A 385 61.05 -23.91 21.60
C ILE A 385 61.96 -22.90 20.89
N ALA A 386 62.34 -23.21 19.66
CA ALA A 386 63.20 -22.35 18.87
C ALA A 386 62.78 -20.91 18.98
N SER A 387 61.52 -20.64 18.66
CA SER A 387 60.98 -19.29 18.71
C SER A 387 60.64 -18.87 20.14
N LEU A 388 60.47 -19.85 21.02
CA LEU A 388 60.13 -19.57 22.39
C LEU A 388 61.30 -18.94 23.18
N ILE A 389 62.52 -19.19 22.72
CA ILE A 389 63.72 -18.62 23.34
C ILE A 389 63.59 -17.12 23.29
N THR A 390 63.42 -16.60 22.07
CA THR A 390 63.30 -15.17 21.84
C THR A 390 61.96 -14.58 22.28
N ARG A 391 61.38 -15.19 23.30
CA ARG A 391 60.16 -14.72 23.93
C ARG A 391 58.85 -14.55 23.13
N PHE A 392 58.86 -14.71 21.80
CA PHE A 392 57.66 -14.58 20.95
C PHE A 392 56.29 -14.99 21.56
N TYR A 393 56.33 -15.62 22.72
CA TYR A 393 55.21 -16.23 23.43
C TYR A 393 55.46 -16.28 24.93
N ASP A 394 56.33 -15.40 25.37
CA ASP A 394 56.59 -15.18 26.77
C ASP A 394 56.22 -16.32 27.79
N ILE A 395 56.25 -17.59 27.34
CA ILE A 395 56.01 -18.87 28.10
C ILE A 395 54.64 -19.39 28.63
N ASP A 396 54.60 -20.66 29.15
CA ASP A 396 53.38 -21.20 29.71
C ASP A 396 53.60 -21.33 31.21
N GLU A 397 54.55 -22.17 31.58
CA GLU A 397 54.84 -22.37 33.00
C GLU A 397 56.17 -23.09 33.17
N GLY A 398 57.12 -22.41 33.82
CA GLY A 398 58.45 -22.98 34.03
C GLY A 398 59.48 -21.86 34.06
N HIS A 399 60.74 -22.14 33.70
CA HIS A 399 61.77 -21.08 33.71
C HIS A 399 62.79 -21.15 32.59
N ILE A 400 62.91 -20.06 31.83
CA ILE A 400 63.87 -19.97 30.73
C ILE A 400 64.78 -18.80 31.05
N LEU A 401 66.04 -19.08 31.33
CA LEU A 401 66.96 -18.01 31.69
C LEU A 401 68.27 -17.92 30.92
N MET A 402 68.57 -16.71 30.49
CA MET A 402 69.79 -16.41 29.76
C MET A 402 70.82 -15.86 30.75
N ASP A 403 71.70 -16.74 31.22
CA ASP A 403 72.72 -16.38 32.19
C ASP A 403 72.12 -16.17 33.58
N GLY A 404 71.48 -17.22 34.08
CA GLY A 404 70.85 -17.18 35.40
C GLY A 404 69.59 -16.33 35.52
N HIS A 405 69.50 -15.32 34.65
CA HIS A 405 68.36 -14.40 34.65
C HIS A 405 67.31 -14.85 33.63
N ASP A 406 66.06 -14.94 34.07
CA ASP A 406 64.94 -15.34 33.20
C ASP A 406 64.65 -14.25 32.18
N LEU A 407 64.08 -14.65 31.05
CA LEU A 407 63.75 -13.71 29.99
C LEU A 407 63.02 -12.48 30.52
N ARG A 408 62.06 -12.69 31.43
CA ARG A 408 61.33 -11.55 31.99
C ARG A 408 62.25 -10.55 32.67
N GLU A 409 63.11 -11.02 33.56
CA GLU A 409 64.04 -10.14 34.27
C GLU A 409 64.64 -9.21 33.23
N TYR A 410 64.90 -9.76 32.04
CA TYR A 410 65.47 -8.99 30.96
C TYR A 410 64.47 -8.12 30.21
N THR A 411 64.99 -7.10 29.56
CA THR A 411 64.17 -6.19 28.79
C THR A 411 63.99 -6.84 27.44
N LEU A 412 62.74 -6.93 27.00
CA LEU A 412 62.48 -7.54 25.73
C LEU A 412 63.48 -6.96 24.71
N ALA A 413 63.55 -5.63 24.63
CA ALA A 413 64.44 -4.93 23.69
C ALA A 413 65.80 -5.60 23.41
N SER A 414 66.73 -5.46 24.34
CA SER A 414 68.06 -6.04 24.16
C SER A 414 68.03 -7.57 24.11
N LEU A 415 67.07 -8.18 24.80
CA LEU A 415 66.97 -9.63 24.83
C LEU A 415 67.02 -10.11 23.40
N ARG A 416 66.09 -9.61 22.60
CA ARG A 416 66.00 -9.97 21.18
C ARG A 416 67.20 -9.45 20.40
N ASN A 417 67.96 -8.56 21.01
CA ASN A 417 69.15 -8.06 20.35
C ASN A 417 70.29 -9.05 20.64
N GLN A 418 70.03 -9.95 21.57
CA GLN A 418 70.99 -10.97 21.99
C GLN A 418 70.87 -12.27 21.21
N VAL A 419 70.29 -12.20 20.02
CA VAL A 419 70.12 -13.40 19.22
C VAL A 419 69.93 -13.13 17.73
N ALA A 420 70.41 -14.07 16.91
CA ALA A 420 70.27 -14.00 15.46
C ALA A 420 69.44 -15.23 15.10
N LEU A 421 68.58 -15.10 14.08
CA LEU A 421 67.71 -16.22 13.68
C LEU A 421 67.46 -16.45 12.19
N VAL A 422 67.22 -17.70 11.85
CA VAL A 422 66.94 -18.04 10.48
C VAL A 422 65.72 -18.96 10.53
N SER A 423 64.56 -18.34 10.61
CA SER A 423 63.27 -19.04 10.68
C SER A 423 63.04 -20.06 9.57
N GLN A 424 62.55 -21.24 9.95
CA GLN A 424 62.26 -22.34 9.00
C GLN A 424 62.02 -21.76 7.62
N ASN A 425 60.92 -21.04 7.42
CA ASN A 425 60.63 -20.41 6.14
C ASN A 425 61.02 -18.96 6.36
N VAL A 426 61.91 -18.46 5.53
CA VAL A 426 62.36 -17.11 5.71
C VAL A 426 61.56 -16.08 4.98
N HIS A 427 61.40 -14.93 5.65
CA HIS A 427 60.68 -13.79 5.10
C HIS A 427 61.71 -12.73 4.73
N LEU A 428 61.52 -12.07 3.60
CA LEU A 428 62.45 -11.03 3.18
C LEU A 428 61.71 -9.76 2.80
N PHE A 429 62.45 -8.71 2.47
CA PHE A 429 61.84 -7.44 2.09
C PHE A 429 62.00 -7.15 0.62
N ASN A 430 61.74 -5.92 0.23
CA ASN A 430 61.89 -5.62 -1.17
C ASN A 430 62.90 -4.49 -1.36
N ASP A 431 64.15 -4.74 -0.97
CA ASP A 431 65.22 -3.76 -1.09
C ASP A 431 66.31 -4.31 -1.99
N THR A 432 67.54 -4.16 -1.54
CA THR A 432 68.65 -4.66 -2.30
C THR A 432 69.20 -5.78 -1.46
N VAL A 433 69.96 -6.66 -2.09
CA VAL A 433 70.55 -7.77 -1.36
C VAL A 433 71.21 -7.19 -0.09
N ALA A 434 72.13 -6.27 -0.31
CA ALA A 434 72.84 -5.62 0.77
C ALA A 434 71.89 -5.34 1.91
N ASN A 435 70.82 -4.62 1.60
CA ASN A 435 69.85 -4.26 2.61
C ASN A 435 69.15 -5.41 3.31
N ASN A 436 68.59 -6.34 2.55
CA ASN A 436 67.91 -7.45 3.20
C ASN A 436 68.83 -8.07 4.25
N ILE A 437 70.14 -7.86 4.06
CA ILE A 437 71.14 -8.36 5.02
C ILE A 437 71.42 -7.23 6.03
N ALA A 438 71.50 -6.01 5.50
CA ALA A 438 71.77 -4.80 6.28
C ALA A 438 70.67 -4.44 7.27
N TYR A 439 69.42 -4.66 6.85
CA TYR A 439 68.28 -4.35 7.70
C TYR A 439 68.40 -5.21 8.94
N ALA A 440 69.59 -5.76 9.16
CA ALA A 440 69.89 -6.59 10.31
C ALA A 440 70.76 -5.88 11.36
N ARG A 441 70.18 -4.90 12.06
CA ARG A 441 70.88 -4.15 13.13
C ARG A 441 72.11 -3.23 12.75
N THR A 442 71.73 -1.98 12.68
CA THR A 442 71.97 -0.56 12.36
C THR A 442 71.36 -0.26 10.99
N GLU A 443 71.23 -1.30 10.18
CA GLU A 443 70.70 -1.15 8.83
C GLU A 443 71.76 -0.40 8.01
N GLU A 444 72.92 -0.23 8.63
CA GLU A 444 74.07 0.43 8.05
C GLU A 444 75.41 0.10 8.74
N TYR A 445 76.09 -0.93 8.22
CA TYR A 445 77.41 -1.41 8.65
C TYR A 445 78.35 -1.18 7.47
N SER A 446 79.51 -1.82 7.56
CA SER A 446 80.48 -1.67 6.50
C SER A 446 80.20 -2.59 5.34
N ARG A 447 80.52 -2.10 4.15
CA ARG A 447 80.34 -2.88 2.94
C ARG A 447 81.11 -4.18 3.13
N GLU A 448 82.09 -4.16 4.02
CA GLU A 448 82.88 -5.36 4.29
C GLU A 448 82.01 -6.42 4.95
N GLN A 449 81.56 -6.13 6.17
CA GLN A 449 80.73 -7.07 6.94
C GLN A 449 79.75 -7.85 6.08
N ILE A 450 79.01 -7.14 5.23
CA ILE A 450 78.05 -7.79 4.36
C ILE A 450 78.77 -8.59 3.27
N GLU A 451 79.75 -7.97 2.63
CA GLU A 451 80.52 -8.67 1.60
C GLU A 451 80.87 -9.99 2.24
N GLU A 452 81.54 -9.89 3.38
CA GLU A 452 81.95 -11.04 4.13
C GLU A 452 80.77 -11.94 4.45
N ALA A 453 79.77 -11.43 5.16
CA ALA A 453 78.62 -12.25 5.53
C ALA A 453 77.99 -13.02 4.37
N ALA A 454 77.90 -12.37 3.21
CA ALA A 454 77.33 -12.99 2.03
C ALA A 454 78.24 -14.10 1.51
N ARG A 455 79.53 -13.95 1.79
CA ARG A 455 80.53 -14.93 1.38
C ARG A 455 80.55 -16.07 2.39
N MET A 456 80.71 -15.72 3.67
CA MET A 456 80.75 -16.70 4.76
C MET A 456 79.35 -17.27 4.92
N ALA A 457 78.58 -17.18 3.84
CA ALA A 457 77.22 -17.69 3.77
C ALA A 457 77.06 -18.28 2.37
N TYR A 458 78.18 -18.49 1.70
CA TYR A 458 78.21 -19.04 0.36
C TYR A 458 77.09 -18.43 -0.46
N ALA A 459 77.33 -17.23 -0.93
CA ALA A 459 76.32 -16.53 -1.70
C ALA A 459 76.93 -15.36 -2.47
N MET A 460 78.16 -15.01 -2.14
CA MET A 460 78.79 -13.90 -2.83
C MET A 460 79.02 -14.24 -4.29
N ASP A 461 79.01 -15.53 -4.60
CA ASP A 461 79.23 -15.97 -5.97
C ASP A 461 78.03 -15.65 -6.88
N PHE A 462 76.82 -15.95 -6.43
CA PHE A 462 75.64 -15.64 -7.25
C PHE A 462 75.23 -14.19 -7.07
N ILE A 463 75.52 -13.62 -5.91
CA ILE A 463 75.19 -12.23 -5.68
C ILE A 463 75.93 -11.51 -6.80
N ASN A 464 77.20 -11.86 -6.96
CA ASN A 464 78.00 -11.25 -8.00
C ASN A 464 77.61 -11.64 -9.41
N LYS A 465 76.94 -12.78 -9.55
CA LYS A 465 76.53 -13.20 -10.89
C LYS A 465 75.42 -12.29 -11.40
N MET A 466 74.56 -11.86 -10.48
CA MET A 466 73.46 -10.98 -10.84
C MET A 466 73.94 -9.52 -10.85
N ASP A 467 73.77 -8.83 -11.98
CA ASP A 467 74.19 -7.43 -12.12
C ASP A 467 73.63 -6.53 -11.03
N ASN A 468 74.47 -5.60 -10.57
CA ASN A 468 74.14 -4.67 -9.50
C ASN A 468 74.56 -5.26 -8.16
N GLY A 469 74.86 -6.56 -8.17
CA GLY A 469 75.30 -7.24 -6.97
C GLY A 469 74.42 -6.96 -5.78
N LEU A 470 75.03 -6.68 -4.65
CA LEU A 470 74.28 -6.39 -3.43
C LEU A 470 73.38 -5.18 -3.61
N ASP A 471 73.54 -4.47 -4.72
CA ASP A 471 72.73 -3.29 -5.01
C ASP A 471 71.53 -3.66 -5.87
N THR A 472 71.40 -4.94 -6.16
CA THR A 472 70.29 -5.41 -6.97
C THR A 472 69.02 -5.47 -6.14
N ILE A 473 67.90 -5.16 -6.80
CA ILE A 473 66.59 -5.18 -6.17
C ILE A 473 66.07 -6.62 -6.14
N ILE A 474 65.75 -7.11 -4.94
CA ILE A 474 65.26 -8.48 -4.71
C ILE A 474 63.72 -8.61 -4.83
N GLY A 475 63.23 -9.83 -4.99
CA GLY A 475 61.79 -9.99 -5.14
C GLY A 475 61.02 -9.82 -3.84
N GLU A 476 59.94 -9.05 -3.86
CA GLU A 476 59.13 -8.84 -2.65
C GLU A 476 59.08 -10.17 -1.93
N ASN A 477 59.86 -10.28 -0.86
CA ASN A 477 59.96 -11.53 -0.09
C ASN A 477 60.65 -12.57 -0.96
N GLY A 478 61.89 -12.28 -1.31
CA GLY A 478 62.68 -13.15 -2.16
C GLY A 478 61.87 -13.80 -3.25
N VAL A 479 61.18 -13.01 -4.07
CA VAL A 479 60.39 -13.63 -5.13
C VAL A 479 61.19 -13.86 -6.39
N LEU A 480 62.05 -12.91 -6.75
CA LEU A 480 62.80 -13.10 -7.98
C LEU A 480 64.15 -13.81 -7.85
N LEU A 481 64.17 -14.90 -7.10
CA LEU A 481 65.40 -15.66 -6.96
C LEU A 481 65.16 -16.89 -6.11
N SER A 482 66.04 -17.87 -6.30
CA SER A 482 65.94 -19.14 -5.60
C SER A 482 65.80 -19.10 -4.10
N GLY A 483 65.01 -20.03 -3.59
CA GLY A 483 64.78 -20.12 -2.16
C GLY A 483 66.10 -20.41 -1.49
N GLY A 484 66.91 -21.23 -2.15
CA GLY A 484 68.20 -21.52 -1.58
C GLY A 484 68.92 -20.20 -1.43
N GLN A 485 69.02 -19.49 -2.55
CA GLN A 485 69.68 -18.19 -2.59
C GLN A 485 69.11 -17.36 -1.46
N ARG A 486 67.79 -17.32 -1.39
CA ARG A 486 67.14 -16.57 -0.34
C ARG A 486 67.59 -17.06 1.01
N GLN A 487 67.32 -18.32 1.30
CA GLN A 487 67.68 -18.88 2.58
C GLN A 487 69.09 -18.48 2.96
N ARG A 488 70.02 -18.62 2.02
CA ARG A 488 71.40 -18.27 2.28
C ARG A 488 71.47 -16.84 2.75
N ILE A 489 70.76 -15.97 2.03
CA ILE A 489 70.70 -14.55 2.35
C ILE A 489 70.13 -14.31 3.73
N ALA A 490 69.13 -15.09 4.09
CA ALA A 490 68.51 -14.98 5.40
C ALA A 490 69.56 -15.39 6.43
N ILE A 491 70.40 -16.32 6.01
CA ILE A 491 71.48 -16.79 6.85
C ILE A 491 72.49 -15.66 6.85
N ALA A 492 72.69 -15.04 5.69
CA ALA A 492 73.61 -13.93 5.60
C ALA A 492 73.17 -13.00 6.71
N ARG A 493 72.11 -12.25 6.45
CA ARG A 493 71.56 -11.33 7.44
C ARG A 493 71.84 -11.79 8.88
N ALA A 494 71.30 -12.95 9.23
CA ALA A 494 71.46 -13.49 10.58
C ALA A 494 72.91 -13.69 11.01
N LEU A 495 73.79 -13.94 10.04
CA LEU A 495 75.20 -14.16 10.33
C LEU A 495 75.97 -12.86 10.57
N LEU A 496 75.67 -11.85 9.76
CA LEU A 496 76.31 -10.54 9.88
C LEU A 496 76.05 -9.90 11.24
N ARG A 497 74.79 -9.88 11.65
CA ARG A 497 74.41 -9.28 12.94
C ARG A 497 75.41 -9.74 14.00
N ASP A 498 75.80 -11.02 13.94
CA ASP A 498 76.78 -11.63 14.88
C ASP A 498 76.41 -11.55 16.36
N SER A 499 75.52 -12.43 16.79
CA SER A 499 75.08 -12.45 18.18
C SER A 499 75.70 -13.59 19.00
N PRO A 500 75.55 -13.51 20.34
CA PRO A 500 76.09 -14.54 21.24
C PRO A 500 75.25 -15.82 21.18
N ILE A 501 73.96 -15.66 20.90
CA ILE A 501 73.06 -16.81 20.78
C ILE A 501 72.48 -16.85 19.35
N LEU A 502 72.85 -17.89 18.59
CA LEU A 502 72.41 -18.05 17.20
C LEU A 502 71.53 -19.27 16.94
N ILE A 503 70.29 -19.04 16.52
CA ILE A 503 69.37 -20.13 16.25
C ILE A 503 69.12 -20.28 14.76
N LEU A 504 69.40 -21.47 14.23
CA LEU A 504 69.20 -21.75 12.81
C LEU A 504 68.10 -22.80 12.67
N ASP A 505 66.86 -22.36 12.57
CA ASP A 505 65.77 -23.30 12.47
C ASP A 505 65.62 -23.95 11.11
N GLU A 506 66.30 -25.08 10.95
CA GLU A 506 66.28 -25.85 9.72
C GLU A 506 66.77 -24.96 8.60
N ALA A 507 67.82 -24.21 8.91
CA ALA A 507 68.40 -23.26 7.95
C ALA A 507 68.89 -23.84 6.63
N THR A 508 68.96 -25.16 6.50
CA THR A 508 69.42 -25.74 5.24
C THR A 508 68.26 -25.99 4.27
N SER A 509 67.07 -26.17 4.84
CA SER A 509 65.82 -26.45 4.13
C SER A 509 65.95 -26.87 2.68
N ALA A 510 66.28 -25.92 1.82
CA ALA A 510 66.42 -26.21 0.41
C ALA A 510 67.79 -25.84 -0.09
N LEU A 511 68.75 -26.73 0.07
CA LEU A 511 70.10 -26.43 -0.36
C LEU A 511 70.87 -27.49 -1.12
N ASP A 512 71.63 -27.00 -2.09
CA ASP A 512 72.50 -27.80 -2.92
C ASP A 512 73.37 -28.50 -1.89
N THR A 513 73.24 -29.82 -1.79
CA THR A 513 74.01 -30.58 -0.82
C THR A 513 75.44 -30.09 -0.66
N GLU A 514 76.14 -29.90 -1.77
CA GLU A 514 77.51 -29.42 -1.69
C GLU A 514 77.52 -28.04 -1.01
N SER A 515 76.66 -27.15 -1.51
CA SER A 515 76.55 -25.79 -0.97
C SER A 515 76.24 -25.86 0.51
N GLU A 516 75.36 -26.77 0.86
CA GLU A 516 74.97 -26.97 2.24
C GLU A 516 76.23 -27.16 3.07
N ARG A 517 76.90 -28.28 2.85
CA ARG A 517 78.09 -28.60 3.59
C ARG A 517 79.07 -27.43 3.59
N ALA A 518 79.06 -26.63 2.53
CA ALA A 518 79.96 -25.47 2.45
C ALA A 518 79.63 -24.51 3.59
N ILE A 519 78.34 -24.20 3.74
CA ILE A 519 77.93 -23.32 4.81
C ILE A 519 78.33 -23.99 6.13
N GLN A 520 77.94 -25.25 6.28
CA GLN A 520 78.26 -26.02 7.49
C GLN A 520 79.69 -25.75 7.95
N ALA A 521 80.65 -25.87 7.04
CA ALA A 521 82.05 -25.61 7.36
C ALA A 521 82.16 -24.20 7.87
N ALA A 522 81.61 -23.27 7.10
CA ALA A 522 81.62 -21.88 7.47
C ALA A 522 81.06 -21.73 8.89
N LEU A 523 79.90 -22.33 9.14
CA LEU A 523 79.29 -22.24 10.46
C LEU A 523 80.32 -22.63 11.51
N ASP A 524 80.77 -23.87 11.46
CA ASP A 524 81.76 -24.37 12.43
C ASP A 524 82.86 -23.36 12.71
N GLU A 525 83.41 -22.77 11.66
CA GLU A 525 84.48 -21.79 11.79
C GLU A 525 84.08 -20.62 12.70
N LEU A 526 82.87 -20.08 12.51
CA LEU A 526 82.42 -18.96 13.34
C LEU A 526 81.83 -19.42 14.68
N GLN A 527 80.74 -20.19 14.62
CA GLN A 527 80.07 -20.70 15.82
C GLN A 527 81.01 -21.36 16.84
N LYS A 528 82.26 -21.59 16.44
CA LYS A 528 83.25 -22.22 17.33
C LYS A 528 83.35 -21.49 18.66
N ASN A 529 83.05 -20.19 18.67
CA ASN A 529 83.13 -19.42 19.91
C ASN A 529 81.77 -19.18 20.54
N ARG A 530 80.84 -18.62 19.76
CA ARG A 530 79.49 -18.31 20.22
C ARG A 530 78.65 -19.52 20.61
N THR A 531 77.46 -19.25 21.13
CA THR A 531 76.52 -20.29 21.51
C THR A 531 75.62 -20.53 20.32
N SER A 532 75.59 -21.78 19.84
CA SER A 532 74.76 -22.07 18.68
C SER A 532 73.74 -23.19 18.90
N LEU A 533 72.50 -22.88 18.54
CA LEU A 533 71.38 -23.80 18.66
C LEU A 533 70.86 -24.03 17.24
N VAL A 534 71.29 -25.13 16.63
CA VAL A 534 70.87 -25.44 15.28
C VAL A 534 69.82 -26.53 15.35
N ILE A 535 68.74 -26.35 14.61
CA ILE A 535 67.63 -27.29 14.61
C ILE A 535 67.21 -27.63 13.18
N ALA A 536 67.80 -28.69 12.62
CA ALA A 536 67.50 -29.13 11.26
C ALA A 536 67.01 -30.58 11.18
N HIS A 537 66.79 -31.05 9.95
CA HIS A 537 66.34 -32.40 9.73
C HIS A 537 67.42 -33.20 9.02
N ARG A 538 68.20 -32.57 8.15
CA ARG A 538 69.25 -33.28 7.45
C ARG A 538 70.44 -33.55 8.37
N LEU A 539 70.27 -34.56 9.21
CA LEU A 539 71.25 -35.00 10.20
C LEU A 539 72.71 -34.79 9.86
N SER A 540 73.01 -34.91 8.59
CA SER A 540 74.37 -34.74 8.10
C SER A 540 75.02 -33.49 8.72
N THR A 541 74.21 -32.50 9.05
CA THR A 541 74.73 -31.26 9.64
C THR A 541 74.55 -31.22 11.16
N ILE A 542 74.81 -32.34 11.81
CA ILE A 542 74.69 -32.41 13.25
C ILE A 542 75.66 -33.43 13.79
N GLU A 543 75.99 -34.41 12.96
CA GLU A 543 76.93 -35.47 13.33
C GLU A 543 78.07 -34.99 14.22
N GLN A 544 78.35 -33.69 14.18
CA GLN A 544 79.42 -33.10 14.97
C GLN A 544 78.96 -31.94 15.85
N ALA A 545 77.84 -32.15 16.52
CA ALA A 545 77.30 -31.13 17.42
C ALA A 545 77.67 -31.50 18.86
N ASP A 546 77.87 -30.48 19.70
CA ASP A 546 78.23 -30.71 21.10
C ASP A 546 77.19 -31.55 21.82
N GLU A 547 75.97 -31.55 21.30
CA GLU A 547 74.91 -32.36 21.89
C GLU A 547 73.67 -32.30 21.02
N ILE A 548 72.97 -33.43 20.94
CA ILE A 548 71.76 -33.53 20.13
C ILE A 548 70.53 -33.87 20.99
N VAL A 549 69.52 -33.02 20.91
CA VAL A 549 68.30 -33.21 21.66
C VAL A 549 67.20 -33.83 20.83
N VAL A 550 67.03 -35.14 20.98
CA VAL A 550 66.00 -35.86 20.25
C VAL A 550 64.71 -35.52 20.95
N VAL A 551 63.73 -35.05 20.19
CA VAL A 551 62.45 -34.70 20.77
C VAL A 551 61.27 -35.13 19.92
N GLU A 552 60.31 -35.79 20.58
CA GLU A 552 59.11 -36.25 19.90
C GLU A 552 57.86 -35.94 20.70
N ASP A 553 56.79 -35.65 19.98
CA ASP A 553 55.49 -35.32 20.54
C ASP A 553 55.58 -34.34 21.71
N GLY A 554 55.95 -33.10 21.39
CA GLY A 554 56.05 -32.07 22.41
C GLY A 554 56.97 -32.31 23.59
N ILE A 555 57.64 -33.47 23.62
CA ILE A 555 58.52 -33.73 24.75
C ILE A 555 59.85 -34.38 24.39
N ILE A 556 60.91 -33.86 25.02
CA ILE A 556 62.29 -34.33 24.81
C ILE A 556 62.40 -35.80 25.19
N VAL A 557 63.27 -36.54 24.50
CA VAL A 557 63.43 -37.96 24.79
C VAL A 557 64.87 -38.48 24.78
N GLU A 558 65.82 -37.64 24.39
CA GLU A 558 67.19 -38.12 24.37
C GLU A 558 68.25 -37.03 24.11
N ARG A 559 69.23 -36.91 25.01
CA ARG A 559 70.32 -35.94 24.86
C ARG A 559 71.63 -36.70 24.72
N GLY A 560 72.24 -36.68 23.54
CA GLY A 560 73.49 -37.40 23.40
C GLY A 560 74.30 -37.06 22.18
N THR A 561 75.55 -37.50 22.16
CA THR A 561 76.44 -37.25 21.02
C THR A 561 75.97 -38.07 19.85
N HIS A 562 76.36 -37.66 18.65
CA HIS A 562 75.99 -38.39 17.45
C HIS A 562 76.24 -39.87 17.78
N SER A 563 77.31 -40.06 18.56
CA SER A 563 77.74 -41.38 18.99
C SER A 563 76.78 -42.06 19.99
N GLU A 564 76.68 -41.50 21.19
CA GLU A 564 75.82 -42.07 22.24
C GLU A 564 74.44 -42.44 21.71
N LEU A 565 73.79 -41.46 21.10
CA LEU A 565 72.47 -41.62 20.52
C LEU A 565 72.47 -42.83 19.59
N LEU A 566 73.29 -42.75 18.54
CA LEU A 566 73.40 -43.82 17.56
C LEU A 566 73.45 -45.17 18.28
N ALA A 567 74.44 -45.31 19.16
CA ALA A 567 74.64 -46.54 19.92
C ALA A 567 73.41 -46.94 20.73
N GLN A 568 72.78 -45.96 21.37
CA GLN A 568 71.61 -46.24 22.20
C GLN A 568 70.42 -46.85 21.46
N HIS A 569 70.36 -46.66 20.14
CA HIS A 569 69.26 -47.22 19.33
C HIS A 569 67.87 -46.77 19.75
N GLY A 570 67.78 -45.49 20.10
CA GLY A 570 66.52 -44.92 20.56
C GLY A 570 66.00 -43.81 19.68
N VAL A 571 65.08 -44.20 18.80
CA VAL A 571 64.41 -43.32 17.85
C VAL A 571 65.34 -42.34 17.08
N TYR A 572 66.48 -41.92 17.63
CA TYR A 572 67.42 -41.06 16.88
C TYR A 572 68.01 -41.99 15.81
N ALA A 573 68.65 -43.06 16.28
CA ALA A 573 69.22 -44.09 15.43
C ALA A 573 68.23 -44.41 14.32
N GLN A 574 67.00 -44.67 14.71
CA GLN A 574 65.96 -45.00 13.76
C GLN A 574 65.99 -43.98 12.60
N LEU A 575 65.91 -42.71 12.94
CA LEU A 575 65.93 -41.67 11.93
C LEU A 575 67.22 -41.69 11.14
N HIS A 576 68.33 -41.96 11.82
CA HIS A 576 69.62 -41.99 11.14
C HIS A 576 69.73 -43.21 10.25
N LYS A 577 68.80 -44.14 10.40
CA LYS A 577 68.78 -45.33 9.58
C LYS A 577 68.02 -44.88 8.35
N MET A 578 66.80 -44.41 8.58
CA MET A 578 65.94 -43.91 7.50
C MET A 578 66.76 -42.97 6.63
N GLN A 579 67.81 -42.41 7.23
CA GLN A 579 68.72 -41.48 6.59
C GLN A 579 68.91 -41.74 5.10
N PHE A 580 69.01 -43.01 4.74
CA PHE A 580 69.20 -43.40 3.34
C PHE A 580 68.38 -44.64 2.97
N GLY A 581 68.94 -45.50 2.12
CA GLY A 581 68.22 -46.70 1.71
C GLY A 581 68.09 -46.86 0.20
N TRP B 10 32.25 13.98 -22.70
CA TRP B 10 32.67 12.97 -23.71
C TRP B 10 34.09 12.49 -23.43
N GLN B 11 34.57 11.55 -24.23
CA GLN B 11 35.96 11.10 -24.07
C GLN B 11 36.19 10.39 -22.74
N THR B 12 37.36 10.57 -22.13
CA THR B 12 37.61 9.92 -20.83
C THR B 12 36.35 9.95 -19.97
N PHE B 13 35.82 11.14 -19.74
CA PHE B 13 34.60 11.29 -18.92
C PHE B 13 33.62 10.31 -19.54
N ARG B 14 33.48 10.51 -20.84
CA ARG B 14 32.60 9.72 -21.69
C ARG B 14 32.82 8.23 -21.54
N ARG B 15 34.06 7.78 -21.69
CA ARG B 15 34.36 6.37 -21.59
C ARG B 15 33.90 5.81 -20.24
N LEU B 16 33.66 6.69 -19.27
CA LEU B 16 33.19 6.23 -17.96
C LEU B 16 31.67 6.06 -17.94
N TRP B 17 30.96 6.88 -18.72
CA TRP B 17 29.50 6.76 -18.78
C TRP B 17 29.03 5.33 -19.10
N PRO B 18 29.79 4.59 -19.93
CA PRO B 18 29.36 3.22 -20.26
C PRO B 18 29.08 2.38 -19.02
N THR B 19 29.98 2.42 -18.05
CA THR B 19 29.82 1.65 -16.83
C THR B 19 28.76 2.27 -15.91
N ILE B 20 28.40 3.52 -16.18
CA ILE B 20 27.37 4.17 -15.36
C ILE B 20 26.00 3.91 -15.99
N ALA B 21 25.99 3.76 -17.31
CA ALA B 21 24.76 3.53 -18.08
C ALA B 21 23.80 2.55 -17.40
N PRO B 22 24.20 1.27 -17.25
CA PRO B 22 23.32 0.30 -16.61
C PRO B 22 22.69 0.77 -15.28
N PHE B 23 23.20 1.87 -14.75
CA PHE B 23 22.67 2.41 -13.50
C PHE B 23 21.98 3.76 -13.65
N LYS B 24 21.81 4.22 -14.88
CA LYS B 24 21.18 5.53 -15.15
C LYS B 24 19.76 5.74 -14.60
N ALA B 25 19.07 4.64 -14.25
CA ALA B 25 17.71 4.74 -13.71
C ALA B 25 17.73 5.58 -12.42
N GLY B 26 18.87 5.55 -11.74
CA GLY B 26 19.02 6.31 -10.52
C GLY B 26 19.23 7.78 -10.85
N LEU B 27 20.04 8.03 -11.88
CA LEU B 27 20.34 9.38 -12.33
C LEU B 27 19.04 10.14 -12.62
N ILE B 28 18.20 9.55 -13.47
CA ILE B 28 16.94 10.19 -13.82
C ILE B 28 16.00 10.37 -12.63
N VAL B 29 15.77 9.29 -11.87
CA VAL B 29 14.87 9.37 -10.71
C VAL B 29 15.28 10.42 -9.69
N ALA B 30 16.59 10.70 -9.61
CA ALA B 30 17.08 11.69 -8.67
C ALA B 30 16.90 13.11 -9.24
N GLY B 31 16.97 13.21 -10.57
CA GLY B 31 16.79 14.50 -11.24
C GLY B 31 15.34 14.95 -11.22
N ILE B 32 14.44 13.96 -11.23
CA ILE B 32 13.00 14.20 -11.20
C ILE B 32 12.65 14.59 -9.76
N ALA B 33 13.42 14.08 -8.80
CA ALA B 33 13.21 14.41 -7.39
C ALA B 33 13.62 15.88 -7.18
N LEU B 34 14.67 16.29 -7.89
CA LEU B 34 15.16 17.67 -7.82
C LEU B 34 14.02 18.58 -8.25
N ILE B 35 13.51 18.34 -9.46
CA ILE B 35 12.40 19.11 -10.02
C ILE B 35 11.25 19.29 -9.04
N LEU B 36 10.75 18.18 -8.50
CA LEU B 36 9.65 18.22 -7.54
C LEU B 36 9.91 19.08 -6.31
N ASN B 37 11.17 19.18 -5.90
CA ASN B 37 11.47 20.03 -4.75
C ASN B 37 11.40 21.48 -5.22
N ALA B 38 11.66 21.70 -6.50
CA ALA B 38 11.60 23.03 -7.08
C ALA B 38 10.16 23.57 -7.00
N ALA B 39 9.20 22.69 -7.34
CA ALA B 39 7.79 23.06 -7.27
C ALA B 39 7.39 23.32 -5.82
N SER B 40 7.93 22.50 -4.92
CA SER B 40 7.64 22.65 -3.50
C SER B 40 8.14 24.01 -2.98
N ASP B 41 9.07 24.61 -3.72
CA ASP B 41 9.63 25.91 -3.36
C ASP B 41 8.73 27.06 -3.80
N THR B 42 8.17 26.95 -5.01
CA THR B 42 7.29 27.99 -5.51
C THR B 42 6.07 28.13 -4.59
N PHE B 43 5.61 27.01 -4.02
CA PHE B 43 4.46 27.06 -3.11
C PHE B 43 4.86 27.54 -1.70
N MET B 44 6.05 27.14 -1.25
CA MET B 44 6.50 27.57 0.07
C MET B 44 6.74 29.08 0.12
N LEU B 45 7.02 29.66 -1.04
CA LEU B 45 7.23 31.11 -1.14
C LEU B 45 5.83 31.72 -1.19
N SER B 46 4.90 30.98 -1.78
CA SER B 46 3.52 31.41 -1.92
C SER B 46 2.67 31.21 -0.65
N LEU B 47 3.30 31.36 0.51
CA LEU B 47 2.60 31.26 1.79
C LEU B 47 3.42 31.88 2.92
N LEU B 48 4.74 31.67 2.88
CA LEU B 48 5.61 32.19 3.92
C LEU B 48 5.79 33.71 4.00
N LYS B 49 6.00 34.38 2.87
CA LYS B 49 6.17 35.83 2.88
C LYS B 49 4.86 36.55 3.20
N PRO B 50 3.73 36.07 2.65
CA PRO B 50 2.46 36.74 2.95
C PRO B 50 2.11 36.69 4.47
N LEU B 51 2.11 35.48 5.03
CA LEU B 51 1.80 35.36 6.46
C LEU B 51 2.91 36.00 7.31
N LEU B 52 3.95 36.51 6.64
CA LEU B 52 5.06 37.16 7.30
C LEU B 52 4.57 38.47 7.94
N ASP B 53 4.58 39.54 7.14
CA ASP B 53 4.13 40.86 7.60
C ASP B 53 2.60 41.04 7.53
N ASP B 54 1.99 40.47 6.50
CA ASP B 54 0.54 40.55 6.31
C ASP B 54 -0.14 39.55 7.25
N GLY B 55 0.67 38.96 8.13
CA GLY B 55 0.16 38.01 9.11
C GLY B 55 -1.15 38.49 9.74
N PHE B 56 -1.08 39.56 10.53
CA PHE B 56 -2.29 40.11 11.13
C PHE B 56 -2.92 40.95 10.01
N GLY B 57 -3.54 40.23 9.07
CA GLY B 57 -4.19 40.83 7.93
C GLY B 57 -4.86 39.67 7.22
N LYS B 58 -4.43 38.46 7.62
CA LYS B 58 -4.97 37.22 7.08
C LYS B 58 -5.24 36.24 8.23
N THR B 59 -5.22 36.77 9.46
CA THR B 59 -5.44 35.99 10.70
C THR B 59 -6.82 35.36 10.82
N ASP B 60 -7.07 34.31 10.05
CA ASP B 60 -8.34 33.60 10.07
C ASP B 60 -8.35 32.60 8.93
N ARG B 61 -8.80 33.05 7.76
CA ARG B 61 -8.86 32.21 6.57
C ARG B 61 -7.48 31.68 6.19
N SER B 62 -6.57 32.60 5.89
CA SER B 62 -5.21 32.24 5.50
C SER B 62 -4.54 31.45 6.61
N VAL B 63 -4.26 32.15 7.70
CA VAL B 63 -3.62 31.57 8.86
C VAL B 63 -4.04 30.12 9.16
N LEU B 64 -5.26 29.98 9.68
CA LEU B 64 -5.80 28.68 10.06
C LEU B 64 -5.88 27.64 8.94
N LEU B 65 -6.71 27.88 7.93
CA LEU B 65 -6.89 26.90 6.87
C LEU B 65 -5.66 26.49 6.03
N TRP B 66 -4.60 27.30 6.05
CA TRP B 66 -3.40 26.95 5.26
C TRP B 66 -2.24 26.33 6.06
N MET B 67 -2.44 26.21 7.37
CA MET B 67 -1.43 25.58 8.23
C MET B 67 -1.27 24.09 7.86
N PRO B 68 -2.38 23.33 7.75
CA PRO B 68 -2.29 21.91 7.41
C PRO B 68 -1.80 21.66 5.97
N LEU B 69 -1.69 22.73 5.19
CA LEU B 69 -1.21 22.59 3.83
C LEU B 69 0.29 22.84 3.83
N VAL B 70 0.81 23.38 4.92
CA VAL B 70 2.27 23.59 5.01
C VAL B 70 2.84 22.24 5.46
N VAL B 71 2.22 21.64 6.48
CA VAL B 71 2.65 20.35 7.00
C VAL B 71 2.51 19.25 5.94
N ILE B 72 1.48 19.36 5.10
CA ILE B 72 1.28 18.37 4.04
C ILE B 72 2.12 18.75 2.81
N GLY B 73 2.11 20.03 2.45
CA GLY B 73 2.89 20.48 1.31
C GLY B 73 4.33 20.01 1.46
N LEU B 74 4.88 20.24 2.66
CA LEU B 74 6.26 19.87 2.98
C LEU B 74 6.46 18.37 3.18
N MET B 75 5.85 17.79 4.21
CA MET B 75 6.01 16.36 4.45
C MET B 75 5.96 15.60 3.14
N ILE B 76 4.80 15.64 2.48
CA ILE B 76 4.62 14.95 1.21
C ILE B 76 5.71 15.31 0.20
N LEU B 77 5.64 16.47 -0.41
CA LEU B 77 6.63 16.86 -1.40
C LEU B 77 8.07 16.93 -0.87
N ARG B 78 8.33 17.85 0.06
CA ARG B 78 9.66 18.03 0.63
C ARG B 78 10.28 16.72 1.15
N GLY B 79 9.66 16.16 2.19
CA GLY B 79 10.16 14.93 2.79
C GLY B 79 10.36 13.77 1.84
N ILE B 80 9.29 13.35 1.16
CA ILE B 80 9.38 12.23 0.24
C ILE B 80 10.36 12.50 -0.90
N THR B 81 10.47 13.76 -1.33
CA THR B 81 11.39 14.11 -2.41
C THR B 81 12.86 14.13 -1.97
N SER B 82 13.10 14.46 -0.70
CA SER B 82 14.45 14.50 -0.15
C SER B 82 14.98 13.07 -0.12
N TYR B 83 14.12 12.15 0.27
CA TYR B 83 14.44 10.73 0.35
C TYR B 83 14.40 10.06 -1.02
N ILE B 84 13.95 10.79 -2.05
CA ILE B 84 13.93 10.27 -3.42
C ILE B 84 15.30 10.57 -4.00
N SER B 85 15.83 11.73 -3.63
CA SER B 85 17.14 12.18 -4.09
C SER B 85 18.23 11.32 -3.46
N SER B 86 18.29 11.31 -2.13
CA SER B 86 19.28 10.50 -1.43
C SER B 86 19.14 9.07 -1.94
N TYR B 87 17.88 8.61 -1.94
CA TYR B 87 17.53 7.28 -2.40
C TYR B 87 18.28 6.84 -3.67
N CYS B 88 17.90 7.43 -4.81
CA CYS B 88 18.49 7.08 -6.09
C CYS B 88 19.93 7.55 -6.37
N ILE B 89 20.40 8.57 -5.66
CA ILE B 89 21.77 9.04 -5.90
C ILE B 89 22.82 8.14 -5.24
N SER B 90 22.64 7.88 -3.95
CA SER B 90 23.55 7.03 -3.21
C SER B 90 23.63 5.68 -3.91
N TRP B 91 22.48 5.22 -4.41
CA TRP B 91 22.43 3.94 -5.10
C TRP B 91 23.28 3.92 -6.38
N VAL B 92 23.10 4.90 -7.26
CA VAL B 92 23.85 4.93 -8.50
C VAL B 92 25.37 4.90 -8.29
N SER B 93 25.82 5.54 -7.21
CA SER B 93 27.26 5.57 -6.91
C SER B 93 27.72 4.23 -6.33
N GLY B 94 27.13 3.86 -5.19
CA GLY B 94 27.48 2.61 -4.54
C GLY B 94 27.65 1.44 -5.49
N LYS B 95 26.82 1.40 -6.53
CA LYS B 95 26.93 0.33 -7.51
C LYS B 95 28.08 0.56 -8.49
N VAL B 96 28.17 1.75 -9.05
CA VAL B 96 29.26 2.01 -9.99
C VAL B 96 30.63 1.82 -9.34
N VAL B 97 30.74 2.16 -8.05
CA VAL B 97 32.01 2.01 -7.34
C VAL B 97 32.33 0.54 -7.10
N MET B 98 31.46 -0.13 -6.36
CA MET B 98 31.70 -1.54 -6.08
C MET B 98 31.77 -2.39 -7.35
N THR B 99 31.11 -1.95 -8.42
CA THR B 99 31.18 -2.70 -9.67
C THR B 99 32.51 -2.37 -10.32
N MET B 100 33.07 -1.22 -9.97
CA MET B 100 34.34 -0.81 -10.51
C MET B 100 35.42 -1.73 -9.94
N ARG B 101 35.58 -1.68 -8.63
CA ARG B 101 36.57 -2.49 -7.93
C ARG B 101 36.39 -3.98 -8.24
N ARG B 102 35.18 -4.37 -8.56
CA ARG B 102 34.90 -5.76 -8.91
C ARG B 102 35.68 -6.05 -10.19
N ARG B 103 35.48 -5.18 -11.18
CA ARG B 103 36.14 -5.33 -12.46
C ARG B 103 37.67 -5.34 -12.39
N LEU B 104 38.24 -4.56 -11.49
CA LEU B 104 39.70 -4.53 -11.36
C LEU B 104 40.19 -5.85 -10.77
N PHE B 105 39.69 -6.17 -9.58
CA PHE B 105 40.03 -7.41 -8.88
C PHE B 105 40.27 -8.50 -9.92
N GLY B 106 39.19 -8.83 -10.63
CA GLY B 106 39.26 -9.86 -11.66
C GLY B 106 40.36 -9.60 -12.68
N HIS B 107 40.39 -8.40 -13.24
CA HIS B 107 41.41 -8.08 -14.23
C HIS B 107 42.80 -8.32 -13.63
N MET B 108 42.96 -7.91 -12.39
CA MET B 108 44.22 -8.07 -11.66
C MET B 108 44.75 -9.48 -11.77
N MET B 109 43.95 -10.46 -11.38
CA MET B 109 44.40 -11.84 -11.46
C MET B 109 44.43 -12.32 -12.91
N GLY B 110 43.91 -11.49 -13.81
CA GLY B 110 43.93 -11.85 -15.22
C GLY B 110 45.26 -11.35 -15.74
N MET B 111 46.15 -11.02 -14.81
CA MET B 111 47.48 -10.52 -15.13
C MET B 111 48.58 -11.57 -14.95
N PRO B 112 48.48 -12.73 -15.63
CA PRO B 112 49.53 -13.74 -15.45
C PRO B 112 50.95 -13.18 -15.50
N VAL B 113 51.90 -13.95 -14.99
CA VAL B 113 53.33 -13.60 -15.01
C VAL B 113 53.92 -12.66 -13.97
N ALA B 114 55.14 -12.23 -14.29
CA ALA B 114 55.98 -11.34 -13.50
C ALA B 114 55.36 -10.02 -13.09
N PHE B 115 54.10 -9.82 -13.42
CA PHE B 115 53.42 -8.59 -13.03
C PHE B 115 53.55 -8.49 -11.52
N PHE B 116 52.94 -9.46 -10.82
CA PHE B 116 52.96 -9.53 -9.37
C PHE B 116 54.36 -9.59 -8.80
N ASP B 117 55.32 -9.92 -9.65
CA ASP B 117 56.70 -10.00 -9.24
C ASP B 117 57.23 -8.59 -9.04
N LYS B 118 57.08 -7.75 -10.05
CA LYS B 118 57.58 -6.39 -9.97
C LYS B 118 57.08 -5.55 -8.80
N GLN B 119 55.87 -5.00 -8.89
CA GLN B 119 55.38 -4.14 -7.81
C GLN B 119 54.78 -4.81 -6.60
N SER B 120 54.91 -4.12 -5.48
CA SER B 120 54.42 -4.56 -4.18
C SER B 120 52.92 -4.82 -4.25
N THR B 121 52.49 -5.92 -3.67
CA THR B 121 51.08 -6.27 -3.65
C THR B 121 50.27 -5.12 -3.05
N GLY B 122 50.89 -4.42 -2.12
CA GLY B 122 50.24 -3.29 -1.48
C GLY B 122 49.68 -2.26 -2.42
N THR B 123 50.47 -1.87 -3.43
CA THR B 123 50.00 -0.87 -4.38
C THR B 123 48.73 -1.35 -5.08
N LEU B 124 48.70 -2.62 -5.45
CA LEU B 124 47.54 -3.19 -6.13
C LEU B 124 46.35 -3.16 -5.19
N LEU B 125 46.55 -3.75 -4.02
CA LEU B 125 45.53 -3.80 -3.00
C LEU B 125 44.91 -2.41 -2.88
N SER B 126 45.78 -1.42 -2.72
CA SER B 126 45.36 -0.03 -2.60
C SER B 126 44.41 0.35 -3.74
N ARG B 127 44.90 0.21 -4.97
CA ARG B 127 44.10 0.55 -6.14
C ARG B 127 42.64 0.16 -5.98
N ILE B 128 42.40 -1.11 -5.64
CA ILE B 128 41.02 -1.56 -5.46
C ILE B 128 40.33 -0.64 -4.44
N THR B 129 40.72 -0.80 -3.18
CA THR B 129 40.15 -0.04 -2.09
C THR B 129 39.96 1.46 -2.35
N TYR B 130 41.07 2.19 -2.27
CA TYR B 130 41.06 3.64 -2.42
C TYR B 130 40.68 4.25 -3.77
N ASP B 131 41.30 3.81 -4.86
CA ASP B 131 41.01 4.38 -6.17
C ASP B 131 39.55 4.25 -6.60
N SER B 132 38.96 3.09 -6.36
CA SER B 132 37.57 2.91 -6.73
C SER B 132 36.69 3.90 -5.96
N GLU B 133 36.87 3.96 -4.64
CA GLU B 133 36.08 4.90 -3.82
C GLU B 133 36.00 6.31 -4.41
N GLN B 134 37.15 6.80 -4.87
CA GLN B 134 37.22 8.14 -5.46
C GLN B 134 36.26 8.33 -6.64
N VAL B 135 36.52 7.59 -7.72
CA VAL B 135 35.67 7.72 -8.90
C VAL B 135 34.18 7.60 -8.55
N ALA B 136 33.90 6.98 -7.41
CA ALA B 136 32.52 6.82 -6.94
C ALA B 136 31.85 8.16 -6.64
N SER B 137 32.37 8.84 -5.63
CA SER B 137 31.82 10.14 -5.23
C SER B 137 31.64 11.04 -6.45
N SER B 138 32.64 11.02 -7.33
CA SER B 138 32.60 11.84 -8.54
C SER B 138 31.33 11.60 -9.35
N SER B 139 31.15 10.37 -9.81
CA SER B 139 29.98 10.04 -10.62
C SER B 139 28.67 10.58 -10.04
N SER B 140 28.35 10.19 -8.80
CA SER B 140 27.10 10.61 -8.18
C SER B 140 26.90 12.10 -7.89
N GLY B 141 27.35 12.54 -6.71
CA GLY B 141 27.18 13.92 -6.30
C GLY B 141 27.63 15.00 -7.26
N ALA B 142 28.66 14.71 -8.06
CA ALA B 142 29.18 15.69 -9.00
C ALA B 142 28.33 15.81 -10.26
N LEU B 143 27.90 14.68 -10.82
CA LEU B 143 27.08 14.78 -12.01
C LEU B 143 25.82 15.56 -11.67
N ILE B 144 25.28 15.32 -10.47
CA ILE B 144 24.07 16.03 -10.07
C ILE B 144 24.27 17.54 -9.99
N THR B 145 25.36 17.99 -9.38
CA THR B 145 25.59 19.44 -9.29
C THR B 145 26.20 20.09 -10.54
N VAL B 146 26.95 19.30 -11.33
CA VAL B 146 27.55 19.85 -12.54
C VAL B 146 26.47 20.10 -13.57
N VAL B 147 25.33 19.44 -13.39
CA VAL B 147 24.18 19.61 -14.29
C VAL B 147 23.16 20.55 -13.65
N ARG B 148 23.19 20.62 -12.32
CA ARG B 148 22.29 21.48 -11.54
C ARG B 148 22.78 22.93 -11.58
N GLU B 149 23.96 23.17 -11.01
CA GLU B 149 24.56 24.50 -11.03
C GLU B 149 25.01 24.73 -12.46
N GLY B 150 25.09 23.63 -13.21
CA GLY B 150 25.48 23.71 -14.61
C GLY B 150 24.38 24.31 -15.47
N ALA B 151 23.15 23.85 -15.23
CA ALA B 151 21.99 24.34 -15.97
C ALA B 151 21.58 25.71 -15.43
N SER B 152 22.02 26.01 -14.22
CA SER B 152 21.74 27.30 -13.58
C SER B 152 22.54 28.36 -14.34
N ILE B 153 23.79 28.03 -14.66
CA ILE B 153 24.68 28.93 -15.41
C ILE B 153 24.19 29.06 -16.85
N ILE B 154 23.59 27.99 -17.37
CA ILE B 154 23.06 27.98 -18.74
C ILE B 154 21.88 28.96 -18.88
N GLY B 155 21.04 29.00 -17.84
CA GLY B 155 19.89 29.89 -17.85
C GLY B 155 20.25 31.35 -17.65
N LEU B 156 21.20 31.62 -16.76
CA LEU B 156 21.63 32.99 -16.50
C LEU B 156 22.41 33.61 -17.67
N PHE B 157 23.13 32.80 -18.44
CA PHE B 157 23.88 33.34 -19.58
C PHE B 157 23.01 33.53 -20.83
N ILE B 158 21.98 32.68 -20.99
CA ILE B 158 21.09 32.83 -22.14
C ILE B 158 20.10 33.95 -21.84
N MET B 159 19.99 34.28 -20.56
CA MET B 159 19.11 35.33 -20.08
C MET B 159 19.74 36.70 -20.33
N MET B 160 20.92 36.92 -19.77
CA MET B 160 21.63 38.19 -19.96
C MET B 160 21.95 38.36 -21.45
N PHE B 161 21.94 37.23 -22.16
CA PHE B 161 22.23 37.16 -23.58
C PHE B 161 21.55 38.28 -24.38
N TYR B 162 20.30 38.05 -24.79
CA TYR B 162 19.54 39.05 -25.57
C TYR B 162 18.85 40.09 -24.69
N TYR B 163 18.42 39.67 -23.51
CA TYR B 163 17.73 40.53 -22.55
C TYR B 163 18.53 41.81 -22.24
N SER B 164 19.82 41.80 -22.55
CA SER B 164 20.67 42.97 -22.32
C SER B 164 21.98 42.79 -23.08
N TRP B 165 21.89 42.73 -24.40
CA TRP B 165 23.06 42.53 -25.25
C TRP B 165 24.28 43.39 -24.88
N GLN B 166 24.07 44.50 -24.18
CA GLN B 166 25.17 45.36 -23.79
C GLN B 166 26.02 44.75 -22.69
N LEU B 167 25.37 44.26 -21.64
CA LEU B 167 26.07 43.64 -20.52
C LEU B 167 26.50 42.21 -20.88
N SER B 168 25.87 41.65 -21.93
CA SER B 168 26.23 40.31 -22.39
C SER B 168 27.54 40.42 -23.15
N ILE B 169 27.92 41.67 -23.48
CA ILE B 169 29.18 41.92 -24.17
C ILE B 169 30.28 42.03 -23.10
N ILE B 170 29.90 41.70 -21.87
CA ILE B 170 30.80 41.71 -20.70
C ILE B 170 31.01 40.23 -20.36
N LEU B 171 29.93 39.46 -20.53
CA LEU B 171 29.98 38.03 -20.28
C LEU B 171 30.87 37.40 -21.35
N VAL B 172 30.84 37.94 -22.56
CA VAL B 172 31.66 37.41 -23.65
C VAL B 172 33.10 37.96 -23.62
N VAL B 173 33.53 38.41 -22.44
CA VAL B 173 34.89 38.92 -22.24
C VAL B 173 35.47 38.26 -20.99
N LEU B 174 34.61 37.86 -20.06
CA LEU B 174 35.06 37.21 -18.83
C LEU B 174 34.71 35.72 -18.76
N ALA B 175 33.69 35.29 -19.50
CA ALA B 175 33.27 33.89 -19.52
C ALA B 175 34.41 32.99 -20.02
N PRO B 176 35.12 33.41 -21.08
CA PRO B 176 36.22 32.60 -21.61
C PRO B 176 37.45 32.67 -20.70
N ILE B 177 37.53 33.72 -19.90
CA ILE B 177 38.65 33.90 -18.97
C ILE B 177 38.47 33.06 -17.71
N VAL B 178 37.25 32.98 -17.20
CA VAL B 178 36.98 32.18 -16.01
C VAL B 178 37.04 30.71 -16.43
N SER B 179 36.63 30.45 -17.67
CA SER B 179 36.62 29.09 -18.22
C SER B 179 38.03 28.54 -18.44
N ILE B 180 38.95 29.39 -18.87
CA ILE B 180 40.32 28.97 -19.12
C ILE B 180 41.11 28.86 -17.81
N ALA B 181 40.90 29.80 -16.90
CA ALA B 181 41.59 29.76 -15.62
C ALA B 181 41.14 28.54 -14.83
N ILE B 182 39.89 28.13 -15.03
CA ILE B 182 39.34 26.97 -14.33
C ILE B 182 39.75 25.65 -14.97
N ARG B 183 39.85 25.63 -16.30
CA ARG B 183 40.26 24.41 -17.01
C ARG B 183 41.64 24.03 -16.53
N VAL B 184 42.48 25.03 -16.31
CA VAL B 184 43.83 24.80 -15.83
C VAL B 184 43.84 24.28 -14.39
N VAL B 185 43.19 25.01 -13.48
CA VAL B 185 43.17 24.55 -12.10
C VAL B 185 42.64 23.12 -12.05
N SER B 186 41.79 22.77 -13.02
CA SER B 186 41.22 21.43 -13.10
C SER B 186 42.28 20.38 -13.43
N LYS B 187 43.22 20.72 -14.32
CA LYS B 187 44.27 19.77 -14.68
C LYS B 187 45.22 19.54 -13.52
N ARG B 188 45.42 20.57 -12.69
CA ARG B 188 46.30 20.39 -11.55
C ARG B 188 45.52 19.63 -10.48
N PHE B 189 44.20 19.56 -10.65
CA PHE B 189 43.37 18.82 -9.71
C PHE B 189 43.51 17.34 -10.06
N ARG B 190 43.39 17.04 -11.35
CA ARG B 190 43.53 15.67 -11.84
C ARG B 190 44.88 15.15 -11.38
N SER B 191 45.92 15.94 -11.62
CA SER B 191 47.27 15.54 -11.25
C SER B 191 47.50 15.40 -9.74
N ILE B 192 47.33 16.48 -8.98
CA ILE B 192 47.55 16.40 -7.54
C ILE B 192 46.82 15.24 -6.88
N SER B 193 45.65 14.87 -7.39
CA SER B 193 44.91 13.76 -6.80
C SER B 193 45.61 12.45 -7.18
N LYS B 194 45.96 12.32 -8.46
CA LYS B 194 46.64 11.14 -8.97
C LYS B 194 47.83 10.77 -8.08
N ASN B 195 48.77 11.69 -7.96
CA ASN B 195 49.95 11.45 -7.12
C ASN B 195 49.47 11.16 -5.71
N MET B 196 48.42 11.89 -5.29
CA MET B 196 47.87 11.70 -3.95
C MET B 196 47.49 10.25 -3.77
N GLN B 197 47.09 9.62 -4.87
CA GLN B 197 46.70 8.22 -4.87
C GLN B 197 47.90 7.33 -4.56
N ASN B 198 48.80 7.24 -5.53
CA ASN B 198 49.99 6.41 -5.37
C ASN B 198 50.54 6.53 -3.96
N THR B 199 50.60 7.75 -3.46
CA THR B 199 51.07 8.00 -2.11
C THR B 199 50.26 7.13 -1.15
N MET B 200 48.94 7.28 -1.19
CA MET B 200 48.08 6.47 -0.33
C MET B 200 48.45 5.01 -0.53
N GLY B 201 48.74 4.65 -1.78
CA GLY B 201 49.11 3.28 -2.09
C GLY B 201 50.34 2.86 -1.32
N GLN B 202 51.37 3.71 -1.34
CA GLN B 202 52.61 3.42 -0.64
C GLN B 202 52.38 3.34 0.86
N VAL B 203 51.51 4.17 1.39
CA VAL B 203 51.23 4.11 2.81
C VAL B 203 50.87 2.67 3.11
N THR B 204 50.06 2.11 2.21
CA THR B 204 49.62 0.73 2.33
C THR B 204 50.81 -0.22 2.37
N THR B 205 51.57 -0.22 1.28
CA THR B 205 52.73 -1.09 1.19
C THR B 205 53.57 -1.05 2.46
N SER B 206 54.00 0.13 2.89
CA SER B 206 54.80 0.24 4.09
C SER B 206 54.09 -0.38 5.29
N ALA B 207 52.75 -0.34 5.27
CA ALA B 207 51.98 -0.92 6.36
C ALA B 207 51.97 -2.45 6.25
N GLU B 208 51.83 -2.96 5.02
CA GLU B 208 51.83 -4.40 4.83
C GLU B 208 53.15 -4.97 5.35
N GLN B 209 54.25 -4.47 4.79
CA GLN B 209 55.57 -4.93 5.21
C GLN B 209 55.61 -4.98 6.71
N MET B 210 55.24 -3.86 7.35
CA MET B 210 55.21 -3.81 8.80
C MET B 210 54.67 -5.11 9.38
N LEU B 211 53.42 -5.42 9.07
CA LEU B 211 52.81 -6.63 9.61
C LEU B 211 53.43 -7.92 9.09
N LYS B 212 53.48 -8.08 7.78
CA LYS B 212 54.06 -9.29 7.19
C LYS B 212 55.42 -9.62 7.80
N GLY B 213 56.21 -8.58 8.08
CA GLY B 213 57.54 -8.79 8.63
C GLY B 213 57.67 -8.74 10.15
N HIS B 214 56.55 -8.85 10.86
CA HIS B 214 56.58 -8.82 12.32
C HIS B 214 57.71 -9.64 12.93
N LYS B 215 57.65 -10.96 12.75
CA LYS B 215 58.67 -11.86 13.28
C LYS B 215 60.02 -11.19 13.13
N GLU B 216 60.38 -10.89 11.88
CA GLU B 216 61.63 -10.24 11.59
C GLU B 216 61.79 -9.04 12.49
N VAL B 217 61.03 -7.98 12.16
CA VAL B 217 61.07 -6.70 12.87
C VAL B 217 61.36 -6.73 14.38
N LEU B 218 61.17 -7.89 15.01
CA LEU B 218 61.48 -7.96 16.43
C LEU B 218 62.95 -8.25 16.66
N ILE B 219 63.42 -9.41 16.17
CA ILE B 219 64.82 -9.79 16.31
C ILE B 219 65.60 -8.91 15.33
N PHE B 220 64.90 -8.51 14.28
CA PHE B 220 65.38 -7.62 13.21
C PHE B 220 66.25 -6.63 13.97
N GLY B 221 65.60 -5.79 14.77
CA GLY B 221 66.26 -4.77 15.55
C GLY B 221 66.09 -3.46 14.81
N GLY B 222 64.86 -3.20 14.41
CA GLY B 222 64.58 -1.98 13.69
C GLY B 222 63.13 -1.58 13.65
N GLN B 223 62.38 -1.97 14.68
CA GLN B 223 60.97 -1.60 14.73
C GLN B 223 60.85 -0.10 14.49
N GLU B 224 61.79 0.65 15.03
CA GLU B 224 61.77 2.10 14.85
C GLU B 224 62.21 2.53 13.44
N VAL B 225 63.06 1.74 12.79
CA VAL B 225 63.50 2.05 11.43
C VAL B 225 62.23 2.03 10.59
N GLU B 226 61.31 1.17 11.02
CA GLU B 226 60.02 1.03 10.36
C GLU B 226 59.19 2.25 10.68
N THR B 227 59.13 2.58 11.97
CA THR B 227 58.37 3.74 12.39
C THR B 227 58.81 4.88 11.48
N LYS B 228 60.11 5.10 11.38
CA LYS B 228 60.62 6.16 10.53
C LYS B 228 60.09 6.07 9.09
N ARG B 229 60.25 4.92 8.45
CA ARG B 229 59.78 4.78 7.08
C ARG B 229 58.32 5.21 6.97
N PHE B 230 57.50 4.80 7.94
CA PHE B 230 56.09 5.14 7.94
C PHE B 230 55.81 6.63 8.07
N ASP B 231 56.42 7.26 9.07
CA ASP B 231 56.23 8.69 9.29
C ASP B 231 56.49 9.44 8.01
N LYS B 232 57.54 9.05 7.30
CA LYS B 232 57.88 9.71 6.06
C LYS B 232 56.78 9.52 5.02
N VAL B 233 56.21 8.32 4.93
CA VAL B 233 55.15 8.10 3.95
C VAL B 233 53.84 8.73 4.42
N SER B 234 53.46 8.47 5.66
CA SER B 234 52.24 9.03 6.22
C SER B 234 52.22 10.53 5.94
N ASN B 235 53.26 11.21 6.38
CA ASN B 235 53.43 12.65 6.20
C ASN B 235 53.29 13.02 4.72
N LYS B 236 54.06 12.35 3.86
CA LYS B 236 53.99 12.62 2.43
C LYS B 236 52.55 12.51 1.93
N MET B 237 51.68 11.97 2.77
CA MET B 237 50.28 11.84 2.42
C MET B 237 49.53 13.09 2.86
N ARG B 238 49.59 13.40 4.16
CA ARG B 238 48.90 14.58 4.69
C ARG B 238 49.26 15.82 3.89
N LEU B 239 50.49 15.84 3.37
CA LEU B 239 50.98 16.97 2.59
C LEU B 239 50.69 16.79 1.11
N GLN B 240 50.47 15.55 0.68
CA GLN B 240 50.17 15.33 -0.71
C GLN B 240 48.78 15.93 -0.93
N GLY B 241 47.85 15.47 -0.10
CA GLY B 241 46.49 15.97 -0.18
C GLY B 241 46.38 17.43 0.18
N MET B 242 47.04 17.83 1.27
CA MET B 242 47.01 19.23 1.68
C MET B 242 47.39 20.07 0.47
N LYS B 243 48.33 19.56 -0.31
CA LYS B 243 48.79 20.27 -1.50
C LYS B 243 47.59 20.55 -2.39
N MET B 244 46.76 19.54 -2.64
CA MET B 244 45.59 19.77 -3.47
C MET B 244 44.56 20.71 -2.84
N VAL B 245 44.17 20.42 -1.60
CA VAL B 245 43.17 21.22 -0.89
C VAL B 245 43.49 22.72 -0.85
N SER B 246 44.76 23.07 -0.65
CA SER B 246 45.15 24.48 -0.62
C SER B 246 45.05 25.02 -2.04
N ALA B 247 45.44 24.20 -3.01
CA ALA B 247 45.38 24.60 -4.41
C ALA B 247 43.93 24.89 -4.78
N SER B 248 43.01 24.17 -4.14
CA SER B 248 41.59 24.37 -4.42
C SER B 248 41.08 25.61 -3.69
N SER B 249 41.62 25.87 -2.50
CA SER B 249 41.22 27.04 -1.72
C SER B 249 41.48 28.34 -2.46
N ILE B 250 42.70 28.52 -2.97
CA ILE B 250 43.01 29.76 -3.69
C ILE B 250 42.28 29.76 -5.03
N SER B 251 41.89 28.56 -5.49
CA SER B 251 41.18 28.44 -6.74
C SER B 251 39.83 29.19 -6.69
N ASP B 252 39.17 29.14 -5.52
CA ASP B 252 37.87 29.83 -5.39
C ASP B 252 38.00 31.37 -5.43
N PRO B 253 38.61 32.00 -4.40
CA PRO B 253 38.73 33.46 -4.46
C PRO B 253 39.21 34.03 -5.80
N ILE B 254 40.04 33.28 -6.54
CA ILE B 254 40.49 33.80 -7.84
C ILE B 254 39.30 33.86 -8.82
N ILE B 255 38.43 32.85 -8.78
CA ILE B 255 37.27 32.89 -9.68
C ILE B 255 36.27 33.95 -9.19
N GLN B 256 36.34 34.30 -7.91
CA GLN B 256 35.46 35.34 -7.36
C GLN B 256 35.88 36.64 -8.03
N LEU B 257 37.18 36.74 -8.29
CA LEU B 257 37.77 37.90 -8.93
C LEU B 257 37.13 38.11 -10.30
N ILE B 258 37.14 37.08 -11.14
CA ILE B 258 36.55 37.20 -12.48
C ILE B 258 35.05 37.56 -12.38
N ALA B 259 34.39 37.05 -11.35
CA ALA B 259 32.96 37.32 -11.14
C ALA B 259 32.77 38.77 -10.72
N SER B 260 33.55 39.19 -9.72
CA SER B 260 33.49 40.54 -9.20
C SER B 260 33.99 41.55 -10.25
N LEU B 261 34.53 41.02 -11.34
CA LEU B 261 35.03 41.85 -12.44
C LEU B 261 33.92 42.25 -13.39
N ALA B 262 33.15 41.27 -13.88
CA ALA B 262 32.06 41.59 -14.80
C ALA B 262 30.94 42.33 -14.04
N LEU B 263 30.89 42.11 -12.73
CA LEU B 263 29.90 42.73 -11.86
C LEU B 263 30.26 44.20 -11.58
N ALA B 264 31.54 44.46 -11.37
CA ALA B 264 32.00 45.83 -11.13
C ALA B 264 31.89 46.63 -12.43
N PHE B 265 32.00 45.92 -13.56
CA PHE B 265 31.90 46.53 -14.89
C PHE B 265 30.47 47.06 -15.04
N VAL B 266 29.52 46.36 -14.43
CA VAL B 266 28.13 46.80 -14.47
C VAL B 266 27.99 48.10 -13.68
N LEU B 267 28.70 48.23 -12.55
CA LEU B 267 28.60 49.48 -11.78
C LEU B 267 29.20 50.68 -12.52
N TYR B 268 30.23 50.42 -13.32
CA TYR B 268 30.90 51.47 -14.11
C TYR B 268 30.01 51.96 -15.25
N ALA B 269 29.21 51.07 -15.81
CA ALA B 269 28.30 51.41 -16.90
C ALA B 269 26.91 51.82 -16.38
N ALA B 270 26.80 51.92 -15.06
CA ALA B 270 25.55 52.32 -14.42
C ALA B 270 25.70 53.77 -13.96
N SER B 271 26.94 54.23 -13.89
CA SER B 271 27.24 55.60 -13.49
C SER B 271 27.18 56.55 -14.69
N PHE B 272 27.49 56.03 -15.89
CA PHE B 272 27.48 56.83 -17.11
C PHE B 272 26.40 56.36 -18.13
N PRO B 273 26.37 55.06 -18.49
CA PRO B 273 25.39 54.53 -19.44
C PRO B 273 23.92 54.57 -18.96
N SER B 274 23.67 54.39 -17.67
CA SER B 274 22.31 54.50 -17.15
C SER B 274 21.98 55.98 -17.14
N VAL B 275 23.04 56.79 -17.01
CA VAL B 275 22.96 58.25 -17.02
C VAL B 275 23.12 58.56 -18.51
N MET B 276 22.37 57.79 -19.28
CA MET B 276 22.28 57.84 -20.74
C MET B 276 21.10 56.91 -20.97
N ASP B 277 20.34 56.69 -19.90
CA ASP B 277 19.19 55.78 -19.95
C ASP B 277 19.68 54.43 -20.44
N SER B 278 18.83 53.70 -21.17
CA SER B 278 19.21 52.39 -21.70
C SER B 278 19.37 51.32 -20.61
N LEU B 279 19.56 51.76 -19.36
CA LEU B 279 19.70 50.84 -18.23
C LEU B 279 18.62 51.17 -17.21
N THR B 280 18.49 52.45 -16.91
CA THR B 280 17.48 52.97 -15.99
C THR B 280 17.37 52.19 -14.68
N ALA B 281 16.28 52.40 -13.93
CA ALA B 281 16.06 51.73 -12.65
C ALA B 281 15.27 50.43 -12.81
N GLY B 282 15.15 49.98 -14.05
CA GLY B 282 14.44 48.75 -14.34
C GLY B 282 15.46 47.69 -14.73
N THR B 283 16.38 48.09 -15.59
CA THR B 283 17.44 47.20 -16.06
C THR B 283 18.67 47.25 -15.13
N ILE B 284 18.92 48.39 -14.48
CA ILE B 284 20.06 48.49 -13.54
C ILE B 284 19.65 47.82 -12.25
N THR B 285 18.54 47.08 -12.32
CA THR B 285 18.00 46.38 -11.17
C THR B 285 17.98 44.89 -11.48
N VAL B 286 17.48 44.53 -12.65
CA VAL B 286 17.40 43.12 -13.04
C VAL B 286 18.67 42.56 -13.68
N VAL B 287 19.36 43.37 -14.50
CA VAL B 287 20.59 42.90 -15.14
C VAL B 287 21.72 42.80 -14.11
N PHE B 288 21.66 43.67 -13.11
CA PHE B 288 22.66 43.69 -12.04
C PHE B 288 22.31 42.64 -10.98
N SER B 289 21.03 42.48 -10.70
CA SER B 289 20.59 41.49 -9.72
C SER B 289 20.88 40.11 -10.28
N SER B 290 20.68 39.98 -11.59
CA SER B 290 20.92 38.72 -12.29
C SER B 290 22.41 38.43 -12.36
N MET B 291 23.22 39.48 -12.27
CA MET B 291 24.67 39.33 -12.31
C MET B 291 25.18 38.80 -10.98
N ILE B 292 24.84 39.52 -9.91
CA ILE B 292 25.25 39.16 -8.55
C ILE B 292 24.64 37.82 -8.14
N ALA B 293 23.70 37.33 -8.94
CA ALA B 293 23.07 36.05 -8.67
C ALA B 293 23.86 34.94 -9.37
N LEU B 294 24.05 35.07 -10.68
CA LEU B 294 24.78 34.09 -11.49
C LEU B 294 26.18 33.76 -11.00
N MET B 295 26.87 34.75 -10.42
CA MET B 295 28.22 34.50 -9.92
C MET B 295 28.25 33.51 -8.75
N ARG B 296 27.11 33.32 -8.09
CA ARG B 296 27.02 32.39 -6.96
C ARG B 296 27.00 30.90 -7.34
N PRO B 297 26.11 30.49 -8.28
CA PRO B 297 26.05 29.09 -8.69
C PRO B 297 27.31 28.68 -9.46
N LEU B 298 27.96 29.66 -10.10
CA LEU B 298 29.19 29.35 -10.81
C LEU B 298 30.31 29.15 -9.79
N LYS B 299 30.30 29.99 -8.75
CA LYS B 299 31.31 29.90 -7.71
C LYS B 299 31.03 28.79 -6.69
N SER B 300 30.19 27.86 -7.11
CA SER B 300 29.84 26.68 -6.32
C SER B 300 30.28 25.51 -7.20
N LEU B 301 29.97 25.62 -8.49
CA LEU B 301 30.34 24.58 -9.46
C LEU B 301 31.86 24.42 -9.42
N THR B 302 32.56 25.46 -9.01
CA THR B 302 34.01 25.38 -8.93
C THR B 302 34.44 24.48 -7.76
N ASN B 303 33.93 24.81 -6.57
CA ASN B 303 34.25 24.07 -5.35
C ASN B 303 33.92 22.58 -5.42
N VAL B 304 32.89 22.22 -6.18
CA VAL B 304 32.52 20.82 -6.30
C VAL B 304 33.35 20.17 -7.42
N ASN B 305 33.72 20.97 -8.42
CA ASN B 305 34.51 20.48 -9.53
C ASN B 305 35.73 19.74 -8.98
N ALA B 306 36.31 20.30 -7.92
CA ALA B 306 37.47 19.66 -7.29
C ALA B 306 37.16 18.18 -7.10
N GLN B 307 36.17 17.90 -6.25
CA GLN B 307 35.75 16.53 -5.97
C GLN B 307 35.50 15.72 -7.25
N PHE B 308 34.89 16.36 -8.25
CA PHE B 308 34.61 15.66 -9.50
C PHE B 308 35.90 15.24 -10.18
N GLN B 309 36.91 16.11 -10.13
CA GLN B 309 38.19 15.80 -10.73
C GLN B 309 38.83 14.63 -9.99
N ARG B 310 38.98 14.79 -8.67
CA ARG B 310 39.57 13.76 -7.81
C ARG B 310 39.14 12.41 -8.33
N GLY B 311 37.83 12.24 -8.47
CA GLY B 311 37.28 10.99 -8.97
C GLY B 311 37.57 10.74 -10.44
N MET B 312 37.34 11.75 -11.26
CA MET B 312 37.58 11.62 -12.70
C MET B 312 39.00 11.14 -12.93
N ALA B 313 39.97 11.85 -12.35
CA ALA B 313 41.37 11.48 -12.47
C ALA B 313 41.52 10.04 -12.04
N ALA B 314 40.95 9.71 -10.88
CA ALA B 314 41.01 8.34 -10.37
C ALA B 314 40.48 7.35 -11.43
N CYS B 315 39.35 7.68 -12.04
CA CYS B 315 38.81 6.79 -13.05
C CYS B 315 39.92 6.50 -14.04
N GLN B 316 40.44 7.55 -14.65
CA GLN B 316 41.48 7.39 -15.65
C GLN B 316 42.74 6.65 -15.21
N THR B 317 43.10 6.74 -13.93
CA THR B 317 44.26 5.99 -13.46
C THR B 317 43.90 4.53 -13.67
N LEU B 318 42.95 4.05 -12.88
CA LEU B 318 42.52 2.65 -12.96
C LEU B 318 41.75 2.29 -14.22
N PHE B 319 41.34 3.31 -14.98
CA PHE B 319 40.64 3.06 -16.25
C PHE B 319 41.77 2.38 -16.99
N ALA B 320 42.92 3.03 -16.94
CA ALA B 320 44.14 2.57 -17.59
C ALA B 320 44.67 1.25 -17.03
N ILE B 321 44.83 1.19 -15.70
CA ILE B 321 45.34 -0.04 -15.09
C ILE B 321 44.51 -1.23 -15.55
N LEU B 322 43.23 -0.98 -15.81
CA LEU B 322 42.33 -2.03 -16.27
C LEU B 322 42.53 -2.22 -17.78
N ASP B 323 42.86 -1.12 -18.45
CA ASP B 323 43.08 -1.15 -19.90
C ASP B 323 44.43 -1.82 -20.18
N SER B 324 45.14 -2.15 -19.12
CA SER B 324 46.45 -2.80 -19.24
C SER B 324 46.33 -4.08 -20.06
N GLU B 325 47.46 -4.76 -20.28
CA GLU B 325 47.47 -5.97 -21.08
C GLU B 325 47.30 -7.29 -20.33
N GLN B 326 46.27 -8.04 -20.70
CA GLN B 326 46.02 -9.34 -20.09
C GLN B 326 47.20 -10.25 -20.38
N GLU B 327 48.14 -10.31 -19.45
CA GLU B 327 49.31 -11.14 -19.60
C GLU B 327 48.91 -12.60 -19.82
N LYS B 328 47.60 -12.82 -19.91
CA LYS B 328 47.05 -14.15 -20.15
C LYS B 328 46.84 -14.38 -21.64
N ASP B 329 47.93 -14.60 -22.37
CA ASP B 329 47.86 -14.88 -23.81
C ASP B 329 47.00 -16.13 -23.95
N GLU B 330 46.27 -16.26 -25.06
CA GLU B 330 45.43 -17.44 -25.21
C GLU B 330 45.63 -18.28 -26.46
N GLY B 331 45.39 -19.57 -26.31
CA GLY B 331 45.52 -20.51 -27.40
C GLY B 331 44.16 -20.87 -27.97
N LYS B 332 43.87 -22.16 -28.11
CA LYS B 332 42.58 -22.59 -28.66
C LYS B 332 42.17 -23.99 -28.20
N ARG B 333 43.02 -24.96 -28.49
CA ARG B 333 42.77 -26.36 -28.14
C ARG B 333 42.57 -26.62 -26.66
N VAL B 334 41.37 -27.06 -26.30
CA VAL B 334 41.03 -27.37 -24.91
C VAL B 334 40.89 -28.88 -24.73
N ILE B 335 41.78 -29.49 -23.95
CA ILE B 335 41.73 -30.94 -23.74
C ILE B 335 41.24 -31.30 -22.33
N ASP B 336 40.60 -32.46 -22.19
CA ASP B 336 40.10 -32.90 -20.90
C ASP B 336 40.90 -34.09 -20.42
N ARG B 337 41.36 -34.89 -21.38
CA ARG B 337 42.16 -36.07 -21.11
C ARG B 337 43.62 -35.62 -21.02
N ALA B 338 44.48 -36.39 -20.35
CA ALA B 338 45.87 -35.97 -20.26
C ALA B 338 47.04 -36.92 -20.23
N THR B 339 46.94 -38.19 -20.66
CA THR B 339 48.21 -38.92 -20.70
C THR B 339 49.31 -37.83 -20.60
N GLY B 340 49.99 -37.75 -19.46
CA GLY B 340 51.02 -36.75 -19.28
C GLY B 340 52.26 -36.88 -20.14
N ASP B 341 52.14 -36.63 -21.43
CA ASP B 341 53.28 -36.72 -22.34
C ASP B 341 53.92 -35.35 -22.49
N LEU B 342 54.69 -34.97 -21.47
CA LEU B 342 55.40 -33.70 -21.43
C LEU B 342 56.62 -33.81 -22.33
N GLU B 343 56.83 -32.82 -23.19
CA GLU B 343 57.97 -32.84 -24.10
C GLU B 343 58.38 -31.43 -24.52
N PHE B 344 59.66 -31.09 -24.43
CA PHE B 344 60.10 -29.77 -24.88
C PHE B 344 61.57 -29.71 -25.31
N ARG B 345 61.78 -29.12 -26.49
CA ARG B 345 63.10 -29.02 -27.11
C ARG B 345 63.74 -27.63 -27.29
N ASN B 346 65.06 -27.62 -27.14
CA ASN B 346 65.93 -26.44 -27.27
C ASN B 346 65.27 -25.17 -26.79
N VAL B 347 64.53 -25.29 -25.70
CA VAL B 347 63.83 -24.17 -25.11
C VAL B 347 64.83 -23.34 -24.34
N THR B 348 64.95 -22.07 -24.70
CA THR B 348 65.85 -21.17 -24.00
C THR B 348 64.92 -20.24 -23.25
N PHE B 349 65.38 -19.69 -22.13
CA PHE B 349 64.54 -18.79 -21.35
C PHE B 349 65.25 -17.82 -20.43
N THR B 350 64.67 -16.63 -20.33
CA THR B 350 65.16 -15.56 -19.48
C THR B 350 63.93 -14.89 -18.89
N TYR B 351 64.09 -14.14 -17.81
CA TYR B 351 62.93 -13.51 -17.15
C TYR B 351 62.51 -12.11 -17.65
N PRO B 352 62.82 -11.03 -16.90
CA PRO B 352 62.35 -9.78 -17.51
C PRO B 352 63.19 -9.35 -18.72
N GLY B 353 62.76 -9.83 -19.89
CA GLY B 353 63.38 -9.50 -21.17
C GLY B 353 64.86 -9.40 -21.46
N ARG B 354 65.42 -8.20 -21.28
CA ARG B 354 66.83 -7.93 -21.56
C ARG B 354 67.81 -8.14 -20.41
N GLU B 355 68.34 -9.35 -20.30
CA GLU B 355 69.30 -9.74 -19.27
C GLU B 355 70.08 -10.97 -19.77
N VAL B 356 70.37 -11.93 -18.88
CA VAL B 356 71.08 -13.13 -19.27
C VAL B 356 70.25 -14.38 -18.98
N PRO B 357 69.98 -15.22 -20.00
CA PRO B 357 69.19 -16.45 -19.89
C PRO B 357 69.45 -17.31 -18.66
N ALA B 358 68.36 -17.68 -17.96
CA ALA B 358 68.45 -18.50 -16.77
C ALA B 358 68.26 -19.96 -17.15
N LEU B 359 67.95 -20.17 -18.42
CA LEU B 359 67.77 -21.51 -18.98
C LEU B 359 68.12 -21.42 -20.45
N ARG B 360 69.10 -22.20 -20.89
CA ARG B 360 69.53 -22.20 -22.27
C ARG B 360 68.90 -23.33 -23.07
N ASN B 361 69.55 -23.72 -24.15
CA ASN B 361 69.05 -24.79 -24.99
C ASN B 361 68.82 -26.04 -24.17
N ILE B 362 67.59 -26.19 -23.69
CA ILE B 362 67.23 -27.34 -22.88
C ILE B 362 66.19 -28.20 -23.59
N ASN B 363 66.57 -29.45 -23.80
CA ASN B 363 65.73 -30.42 -24.48
C ASN B 363 65.40 -31.52 -23.47
N LEU B 364 64.15 -31.94 -23.42
CA LEU B 364 63.76 -32.98 -22.48
C LEU B 364 62.36 -33.52 -22.74
N LYS B 365 62.21 -34.83 -22.52
CA LYS B 365 60.93 -35.50 -22.71
C LYS B 365 60.61 -36.36 -21.49
N ILE B 366 59.38 -36.19 -20.99
CA ILE B 366 58.90 -36.95 -19.85
C ILE B 366 57.63 -37.67 -20.31
N PRO B 367 57.80 -38.89 -20.87
CA PRO B 367 56.69 -39.70 -21.35
C PRO B 367 55.75 -40.15 -20.23
N ALA B 368 54.46 -40.23 -20.56
CA ALA B 368 53.43 -40.64 -19.60
C ALA B 368 53.88 -41.78 -18.70
N GLY B 369 53.47 -41.73 -17.44
CA GLY B 369 53.83 -42.77 -16.48
C GLY B 369 55.24 -42.69 -15.92
N LYS B 370 56.17 -42.22 -16.75
CA LYS B 370 57.56 -42.10 -16.34
C LYS B 370 57.74 -41.00 -15.31
N THR B 371 58.80 -41.13 -14.50
CA THR B 371 59.14 -40.16 -13.46
C THR B 371 60.52 -39.56 -13.72
N VAL B 372 60.52 -38.27 -14.07
CA VAL B 372 61.78 -37.58 -14.32
C VAL B 372 62.07 -36.63 -13.19
N ALA B 373 63.31 -36.64 -12.71
CA ALA B 373 63.71 -35.78 -11.61
C ALA B 373 64.60 -34.63 -12.05
N LEU B 374 64.56 -33.55 -11.28
CA LEU B 374 65.37 -32.38 -11.55
C LEU B 374 66.27 -32.10 -10.35
N VAL B 375 67.56 -32.33 -10.53
CA VAL B 375 68.51 -32.05 -9.46
C VAL B 375 69.65 -31.26 -10.05
N GLY B 376 70.22 -30.39 -9.24
CA GLY B 376 71.32 -29.58 -9.74
C GLY B 376 71.73 -28.61 -8.67
N ARG B 377 72.69 -27.76 -8.98
CA ARG B 377 73.14 -26.81 -7.98
C ARG B 377 72.05 -25.81 -7.61
N SER B 378 72.05 -25.43 -6.34
CA SER B 378 71.10 -24.46 -5.84
C SER B 378 71.28 -23.17 -6.63
N GLY B 379 70.67 -23.10 -7.81
CA GLY B 379 70.81 -21.93 -8.65
C GLY B 379 70.60 -22.23 -10.10
N SER B 380 70.52 -23.52 -10.43
CA SER B 380 70.28 -23.93 -11.81
C SER B 380 68.77 -23.83 -11.99
N GLY B 381 68.33 -23.61 -13.23
CA GLY B 381 66.91 -23.46 -13.54
C GLY B 381 65.89 -24.50 -13.11
N LYS B 382 66.17 -25.26 -12.07
CA LYS B 382 65.25 -26.28 -11.59
C LYS B 382 63.84 -25.72 -11.39
N SER B 383 63.60 -25.06 -10.26
CA SER B 383 62.28 -24.48 -9.98
C SER B 383 61.74 -23.72 -11.20
N THR B 384 62.66 -23.15 -11.99
CA THR B 384 62.30 -22.36 -13.19
C THR B 384 61.56 -23.15 -14.24
N ILE B 385 62.20 -24.18 -14.76
CA ILE B 385 61.53 -24.99 -15.76
C ILE B 385 60.27 -25.52 -15.09
N ALA B 386 60.42 -25.92 -13.83
CA ALA B 386 59.30 -26.46 -13.05
C ALA B 386 58.04 -25.62 -13.26
N SER B 387 58.16 -24.32 -12.99
CA SER B 387 57.03 -23.40 -13.13
C SER B 387 56.80 -23.03 -14.58
N LEU B 388 57.82 -23.20 -15.41
CA LEU B 388 57.72 -22.87 -16.82
C LEU B 388 56.81 -23.83 -17.58
N ILE B 389 56.66 -25.04 -17.06
CA ILE B 389 55.78 -26.04 -17.69
C ILE B 389 54.37 -25.48 -17.72
N THR B 390 53.88 -25.09 -16.53
CA THR B 390 52.54 -24.54 -16.39
C THR B 390 52.40 -23.11 -16.92
N ARG B 391 53.21 -22.80 -17.93
CA ARG B 391 53.15 -21.52 -18.62
C ARG B 391 53.35 -20.18 -17.87
N PHE B 392 53.43 -20.18 -16.54
CA PHE B 392 53.65 -18.95 -15.74
C PHE B 392 54.47 -17.82 -16.39
N TYR B 393 55.17 -18.16 -17.46
CA TYR B 393 56.05 -17.25 -18.18
C TYR B 393 56.06 -17.48 -19.68
N ASP B 394 55.01 -18.14 -20.14
CA ASP B 394 54.78 -18.38 -21.54
C ASP B 394 56.02 -18.43 -22.51
N ILE B 395 57.19 -18.81 -21.99
CA ILE B 395 58.52 -19.01 -22.69
C ILE B 395 59.41 -17.87 -23.23
N ASP B 396 60.62 -18.23 -23.68
CA ASP B 396 61.57 -17.27 -24.25
C ASP B 396 61.70 -17.59 -25.74
N GLU B 397 62.23 -18.77 -26.04
CA GLU B 397 62.41 -19.18 -27.43
C GLU B 397 62.71 -20.67 -27.51
N GLY B 398 61.80 -21.41 -28.16
CA GLY B 398 61.95 -22.85 -28.30
C GLY B 398 60.57 -23.50 -28.34
N HIS B 399 60.46 -24.76 -27.94
CA HIS B 399 59.15 -25.43 -27.98
C HIS B 399 58.86 -26.37 -26.80
N ILE B 400 57.76 -26.12 -26.10
CA ILE B 400 57.33 -26.96 -24.98
C ILE B 400 55.95 -27.48 -25.34
N LEU B 401 55.84 -28.79 -25.56
CA LEU B 401 54.56 -29.36 -25.95
C LEU B 401 54.06 -30.55 -25.14
N MET B 402 52.78 -30.46 -24.77
CA MET B 402 52.11 -31.50 -24.01
C MET B 402 51.32 -32.35 -25.00
N ASP B 403 51.92 -33.49 -25.38
CA ASP B 403 51.30 -34.40 -26.34
C ASP B 403 51.35 -33.83 -27.75
N GLY B 404 52.56 -33.55 -28.22
CA GLY B 404 52.76 -33.01 -29.56
C GLY B 404 52.32 -31.57 -29.75
N HIS B 405 51.36 -31.14 -28.96
CA HIS B 405 50.84 -29.77 -29.05
C HIS B 405 51.52 -28.86 -28.04
N ASP B 406 52.01 -27.71 -28.52
CA ASP B 406 52.69 -26.73 -27.67
C ASP B 406 51.70 -26.07 -26.71
N LEU B 407 52.20 -25.59 -25.59
CA LEU B 407 51.35 -24.94 -24.59
C LEU B 407 50.43 -23.90 -25.21
N ARG B 408 50.94 -23.10 -26.14
CA ARG B 408 50.12 -22.09 -26.79
C ARG B 408 48.91 -22.70 -27.50
N GLU B 409 49.15 -23.71 -28.33
CA GLU B 409 48.06 -24.38 -29.05
C GLU B 409 46.94 -24.61 -28.05
N TYR B 410 47.33 -24.96 -26.82
CA TYR B 410 46.39 -25.23 -25.75
C TYR B 410 45.83 -23.98 -25.10
N THR B 411 44.66 -24.14 -24.49
CA THR B 411 44.01 -23.04 -23.80
C THR B 411 44.63 -23.00 -22.42
N LEU B 412 45.08 -21.82 -22.02
CA LEU B 412 45.68 -21.68 -20.71
C LEU B 412 44.80 -22.40 -19.68
N ALA B 413 43.51 -22.09 -19.68
CA ALA B 413 42.53 -22.67 -18.76
C ALA B 413 42.75 -24.15 -18.40
N SER B 414 42.36 -25.04 -19.31
CA SER B 414 42.51 -26.47 -19.04
C SER B 414 43.97 -26.89 -18.92
N LEU B 415 44.86 -26.20 -19.62
CA LEU B 415 46.28 -26.54 -19.55
C LEU B 415 46.67 -26.65 -18.09
N ARG B 416 46.44 -25.57 -17.35
CA ARG B 416 46.76 -25.52 -15.93
C ARG B 416 45.88 -26.47 -15.13
N ASN B 417 44.82 -26.98 -15.77
CA ASN B 417 43.96 -27.93 -15.08
C ASN B 417 44.57 -29.32 -15.28
N GLN B 418 45.55 -29.39 -16.18
CA GLN B 418 46.25 -30.64 -16.51
C GLN B 418 47.48 -30.86 -15.66
N VAL B 419 47.54 -30.24 -14.49
CA VAL B 419 48.70 -30.39 -13.64
C VAL B 419 48.45 -30.05 -12.17
N ALA B 420 49.17 -30.74 -11.30
CA ALA B 420 49.08 -30.53 -9.86
C ALA B 420 50.48 -30.07 -9.44
N LEU B 421 50.57 -29.17 -8.47
CA LEU B 421 51.87 -28.66 -8.06
C LEU B 421 52.10 -28.42 -6.56
N VAL B 422 53.36 -28.54 -6.16
CA VAL B 422 53.72 -28.31 -4.77
C VAL B 422 54.96 -27.43 -4.81
N SER B 423 54.74 -26.14 -4.97
CA SER B 423 55.78 -25.12 -5.05
C SER B 423 56.77 -25.15 -3.89
N GLN B 424 58.07 -25.05 -4.21
CA GLN B 424 59.15 -25.05 -3.22
C GLN B 424 58.61 -24.58 -1.87
N ASN B 425 58.28 -23.31 -1.78
CA ASN B 425 57.70 -22.78 -0.54
C ASN B 425 56.21 -22.73 -0.82
N VAL B 426 55.43 -23.39 0.01
CA VAL B 426 54.00 -23.43 -0.23
C VAL B 426 53.22 -22.31 0.41
N HIS B 427 52.21 -21.85 -0.31
CA HIS B 427 51.31 -20.80 0.14
C HIS B 427 49.98 -21.46 0.48
N LEU B 428 49.36 -21.02 1.57
CA LEU B 428 48.08 -21.57 1.97
C LEU B 428 47.08 -20.46 2.26
N PHE B 429 45.85 -20.83 2.56
CA PHE B 429 44.81 -19.86 2.84
C PHE B 429 44.43 -19.86 4.30
N ASN B 430 43.31 -19.24 4.62
CA ASN B 430 42.89 -19.22 6.01
C ASN B 430 41.50 -19.82 6.16
N ASP B 431 41.39 -21.10 5.82
CA ASP B 431 40.14 -21.83 5.92
C ASP B 431 40.30 -22.98 6.89
N THR B 432 39.79 -24.14 6.49
CA THR B 432 39.92 -25.32 7.30
C THR B 432 40.85 -26.23 6.54
N VAL B 433 41.45 -27.18 7.25
CA VAL B 433 42.35 -28.11 6.60
C VAL B 433 41.66 -28.63 5.34
N ALA B 434 40.49 -29.22 5.54
CA ALA B 434 39.70 -29.76 4.45
C ALA B 434 39.77 -28.82 3.25
N ASN B 435 39.39 -27.57 3.47
CA ASN B 435 39.38 -26.58 2.42
C ASN B 435 40.71 -26.29 1.76
N ASN B 436 41.74 -25.99 2.55
CA ASN B 436 43.04 -25.72 1.93
C ASN B 436 43.39 -26.83 0.96
N ILE B 437 42.78 -28.00 1.18
CA ILE B 437 42.99 -29.14 0.29
C ILE B 437 41.89 -29.13 -0.76
N ALA B 438 40.67 -28.82 -0.30
CA ALA B 438 39.47 -28.77 -1.14
C ALA B 438 39.49 -27.65 -2.18
N TYR B 439 40.05 -26.51 -1.80
CA TYR B 439 40.14 -25.38 -2.70
C TYR B 439 40.97 -25.80 -3.91
N ALA B 440 41.16 -27.11 -4.04
CA ALA B 440 41.91 -27.70 -5.13
C ALA B 440 41.02 -28.36 -6.19
N ARG B 441 40.30 -27.56 -6.95
CA ARG B 441 39.43 -28.02 -8.03
C ARG B 441 38.15 -28.83 -7.68
N THR B 442 37.11 -28.00 -7.70
CA THR B 442 35.64 -27.98 -7.45
C THR B 442 35.46 -27.27 -6.11
N GLU B 443 36.46 -27.39 -5.24
CA GLU B 443 36.42 -26.77 -3.93
C GLU B 443 35.36 -27.53 -3.12
N GLU B 444 34.88 -28.62 -3.71
CA GLU B 444 33.88 -29.48 -3.11
C GLU B 444 33.82 -30.89 -3.72
N TYR B 445 34.58 -31.81 -3.11
CA TYR B 445 34.66 -33.23 -3.49
C TYR B 445 34.09 -34.00 -2.31
N SER B 446 34.33 -35.30 -2.31
CA SER B 446 33.86 -36.15 -1.23
C SER B 446 34.78 -36.10 -0.03
N ARG B 447 34.18 -36.21 1.14
CA ARG B 447 34.93 -36.21 2.40
C ARG B 447 35.95 -37.32 2.30
N GLU B 448 35.68 -38.30 1.45
CA GLU B 448 36.60 -39.41 1.26
C GLU B 448 37.90 -38.95 0.62
N GLN B 449 37.81 -38.48 -0.62
CA GLN B 449 38.98 -38.02 -1.36
C GLN B 449 39.97 -37.26 -0.49
N ILE B 450 39.48 -36.31 0.28
CA ILE B 450 40.36 -35.53 1.16
C ILE B 450 40.85 -36.41 2.30
N GLU B 451 39.94 -37.12 2.96
CA GLU B 451 40.33 -38.02 4.04
C GLU B 451 41.52 -38.78 3.50
N GLU B 452 41.28 -39.44 2.38
CA GLU B 452 42.28 -40.23 1.70
C GLU B 452 43.52 -39.39 1.39
N ALA B 453 43.36 -38.33 0.61
CA ALA B 453 44.49 -37.47 0.24
C ALA B 453 45.36 -37.04 1.43
N ALA B 454 44.72 -36.71 2.55
CA ALA B 454 45.42 -36.28 3.75
C ALA B 454 46.19 -37.46 4.35
N ARG B 455 45.68 -38.66 4.11
CA ARG B 455 46.29 -39.89 4.61
C ARG B 455 47.41 -40.30 3.66
N MET B 456 47.07 -40.41 2.37
CA MET B 456 48.05 -40.79 1.35
C MET B 456 49.03 -39.64 1.17
N ALA B 457 49.11 -38.81 2.20
CA ALA B 457 50.01 -37.67 2.26
C ALA B 457 50.57 -37.63 3.67
N TYR B 458 50.41 -38.73 4.39
CA TYR B 458 50.87 -38.85 5.77
C TYR B 458 50.59 -37.56 6.51
N ALA B 459 49.34 -37.40 6.93
CA ALA B 459 48.95 -36.19 7.62
C ALA B 459 47.63 -36.38 8.35
N MET B 460 46.92 -37.45 8.04
CA MET B 460 45.65 -37.70 8.69
C MET B 460 45.85 -37.96 10.18
N ASP B 461 47.06 -38.31 10.56
CA ASP B 461 47.37 -38.59 11.96
C ASP B 461 47.38 -37.30 12.80
N PHE B 462 48.05 -36.25 12.32
CA PHE B 462 48.08 -35.01 13.08
C PHE B 462 46.82 -34.19 12.82
N ILE B 463 46.25 -34.35 11.64
CA ILE B 463 45.02 -33.64 11.32
C ILE B 463 44.07 -34.06 12.42
N ASN B 464 44.01 -35.37 12.65
CA ASN B 464 43.13 -35.92 13.68
C ASN B 464 43.58 -35.57 15.10
N LYS B 465 44.86 -35.28 15.29
CA LYS B 465 45.34 -34.94 16.63
C LYS B 465 44.78 -33.59 17.04
N MET B 466 44.66 -32.68 16.07
CA MET B 466 44.13 -31.35 16.35
C MET B 466 42.60 -31.38 16.28
N ASP B 467 41.96 -30.95 17.36
CA ASP B 467 40.49 -30.94 17.44
C ASP B 467 39.84 -30.20 16.28
N ASN B 468 38.72 -30.74 15.80
CA ASN B 468 37.96 -30.21 14.68
C ASN B 468 38.47 -30.84 13.40
N GLY B 469 39.62 -31.52 13.49
CA GLY B 469 40.19 -32.19 12.34
C GLY B 469 40.24 -31.31 11.11
N LEU B 470 39.82 -31.86 9.99
CA LEU B 470 39.81 -31.14 8.72
C LEU B 470 38.94 -29.89 8.80
N ASP B 471 38.16 -29.80 9.87
CA ASP B 471 37.26 -28.66 10.06
C ASP B 471 37.93 -27.59 10.91
N THR B 472 39.20 -27.83 11.26
CA THR B 472 39.95 -26.88 12.06
C THR B 472 40.43 -25.72 11.20
N ILE B 473 40.43 -24.53 11.80
CA ILE B 473 40.88 -23.31 11.12
C ILE B 473 42.41 -23.25 11.15
N ILE B 474 43.01 -23.15 9.97
CA ILE B 474 44.46 -23.09 9.81
C ILE B 474 45.03 -21.66 9.87
N GLY B 475 46.34 -21.53 10.08
CA GLY B 475 46.93 -20.22 10.19
C GLY B 475 47.05 -19.50 8.86
N GLU B 476 46.65 -18.24 8.80
CA GLU B 476 46.74 -17.47 7.55
C GLU B 476 48.06 -17.86 6.89
N ASN B 477 47.96 -18.71 5.86
CA ASN B 477 49.14 -19.20 5.17
C ASN B 477 49.90 -20.11 6.11
N GLY B 478 49.23 -21.20 6.50
CA GLY B 478 49.81 -22.16 7.42
C GLY B 478 50.63 -21.53 8.52
N VAL B 479 50.06 -20.60 9.26
CA VAL B 479 50.82 -19.97 10.33
C VAL B 479 50.76 -20.74 11.64
N LEU B 480 49.58 -21.25 11.99
CA LEU B 480 49.48 -21.96 13.24
C LEU B 480 49.74 -23.47 13.20
N LEU B 481 50.81 -23.86 12.52
CA LEU B 481 51.17 -25.26 12.44
C LEU B 481 52.46 -25.45 11.65
N SER B 482 53.13 -26.56 11.94
CA SER B 482 54.40 -26.88 11.31
C SER B 482 54.46 -26.80 9.79
N GLY B 483 55.62 -26.34 9.31
CA GLY B 483 55.82 -26.23 7.87
C GLY B 483 55.73 -27.61 7.27
N GLY B 484 56.24 -28.60 7.99
CA GLY B 484 56.16 -29.96 7.49
C GLY B 484 54.69 -30.26 7.31
N GLN B 485 53.93 -30.09 8.39
CA GLN B 485 52.50 -30.33 8.36
C GLN B 485 51.92 -29.58 7.18
N ARG B 486 52.27 -28.31 7.06
CA ARG B 486 51.80 -27.51 5.94
C ARG B 486 52.18 -28.15 4.63
N GLN B 487 53.48 -28.28 4.40
CA GLN B 487 53.96 -28.87 3.16
C GLN B 487 53.18 -30.12 2.81
N ARG B 488 53.00 -30.99 3.79
CA ARG B 488 52.26 -32.23 3.57
C ARG B 488 50.88 -31.87 3.03
N ILE B 489 50.24 -30.91 3.68
CA ILE B 489 48.91 -30.44 3.30
C ILE B 489 48.92 -29.90 1.87
N ALA B 490 49.99 -29.19 1.51
CA ALA B 490 50.12 -28.63 0.17
C ALA B 490 50.23 -29.80 -0.78
N ILE B 491 50.85 -30.87 -0.29
CA ILE B 491 51.01 -32.08 -1.06
C ILE B 491 49.63 -32.71 -1.10
N ALA B 492 48.93 -32.66 0.03
CA ALA B 492 47.59 -33.21 0.10
C ALA B 492 46.88 -32.57 -1.07
N ARG B 493 46.48 -31.31 -0.91
CA ARG B 493 45.80 -30.57 -1.96
C ARG B 493 46.22 -31.04 -3.36
N ALA B 494 47.49 -30.88 -3.67
CA ALA B 494 48.03 -31.27 -4.97
C ALA B 494 47.80 -32.73 -5.34
N LEU B 495 47.74 -33.59 -4.32
CA LEU B 495 47.54 -35.01 -4.55
C LEU B 495 46.08 -35.36 -4.83
N LEU B 496 45.17 -34.74 -4.10
CA LEU B 496 43.74 -34.96 -4.26
C LEU B 496 43.27 -34.59 -5.66
N ARG B 497 43.64 -33.39 -6.12
CA ARG B 497 43.25 -32.93 -7.44
C ARG B 497 43.41 -34.07 -8.46
N ASP B 498 44.51 -34.83 -8.31
CA ASP B 498 44.83 -35.99 -9.17
C ASP B 498 44.93 -35.68 -10.66
N SER B 499 46.05 -35.13 -11.08
CA SER B 499 46.27 -34.77 -12.48
C SER B 499 47.20 -35.75 -13.22
N PRO B 500 47.24 -35.66 -14.55
CA PRO B 500 48.09 -36.52 -15.37
C PRO B 500 49.56 -36.10 -15.28
N ILE B 501 49.78 -34.82 -15.04
CA ILE B 501 51.14 -34.28 -14.89
C ILE B 501 51.29 -33.68 -13.50
N LEU B 502 52.13 -34.30 -12.67
CA LEU B 502 52.36 -33.86 -11.30
C LEU B 502 53.78 -33.37 -11.02
N ILE B 503 53.91 -32.10 -10.64
CA ILE B 503 55.21 -31.53 -10.33
C ILE B 503 55.37 -31.26 -8.84
N LEU B 504 56.39 -31.86 -8.25
CA LEU B 504 56.68 -31.68 -6.83
C LEU B 504 58.00 -30.95 -6.67
N ASP B 505 57.94 -29.61 -6.63
CA ASP B 505 59.17 -28.84 -6.52
C ASP B 505 59.77 -28.84 -5.13
N GLU B 506 60.63 -29.81 -4.88
CA GLU B 506 61.32 -29.97 -3.60
C GLU B 506 60.27 -30.11 -2.51
N ALA B 507 59.25 -30.90 -2.83
CA ALA B 507 58.14 -31.14 -1.92
C ALA B 507 58.49 -31.70 -0.54
N THR B 508 59.73 -32.14 -0.34
CA THR B 508 60.10 -32.69 0.96
C THR B 508 60.64 -31.61 1.90
N SER B 509 61.21 -30.58 1.28
CA SER B 509 61.80 -29.43 1.97
C SER B 509 62.11 -29.60 3.46
N ALA B 510 61.06 -29.58 4.28
CA ALA B 510 61.25 -29.73 5.71
C ALA B 510 60.44 -30.90 6.23
N LEU B 511 61.02 -32.10 6.15
CA LEU B 511 60.29 -33.28 6.61
C LEU B 511 61.04 -34.29 7.45
N ASP B 512 60.30 -34.82 8.41
CA ASP B 512 60.77 -35.85 9.32
C ASP B 512 61.23 -36.95 8.37
N THR B 513 62.54 -37.21 8.34
CA THR B 513 63.08 -38.22 7.44
C THR B 513 62.17 -39.44 7.29
N GLU B 514 61.74 -40.00 8.41
CA GLU B 514 60.87 -41.16 8.36
C GLU B 514 59.59 -40.80 7.61
N SER B 515 58.97 -39.70 8.03
CA SER B 515 57.74 -39.22 7.41
C SER B 515 57.96 -39.01 5.93
N GLU B 516 59.12 -38.45 5.60
CA GLU B 516 59.47 -38.21 4.21
C GLU B 516 59.30 -39.50 3.43
N ARG B 517 60.17 -40.47 3.74
CA ARG B 517 60.14 -41.75 3.06
C ARG B 517 58.73 -42.34 3.04
N ALA B 518 57.92 -42.03 4.05
CA ALA B 518 56.56 -42.53 4.09
C ALA B 518 55.79 -41.99 2.90
N ILE B 519 55.89 -40.68 2.68
CA ILE B 519 55.22 -40.07 1.55
C ILE B 519 55.79 -40.71 0.28
N GLN B 520 57.11 -40.75 0.19
CA GLN B 520 57.80 -41.33 -0.96
C GLN B 520 57.12 -42.63 -1.39
N ALA B 521 56.92 -43.54 -0.43
CA ALA B 521 56.29 -44.81 -0.72
C ALA B 521 54.91 -44.52 -1.31
N ALA B 522 54.16 -43.67 -0.61
CA ALA B 522 52.84 -43.29 -1.06
C ALA B 522 52.92 -42.79 -2.49
N LEU B 523 53.84 -41.86 -2.76
CA LEU B 523 54.00 -41.33 -4.10
C LEU B 523 54.11 -42.47 -5.10
N ASP B 524 55.15 -43.28 -4.97
CA ASP B 524 55.38 -44.41 -5.86
C ASP B 524 54.10 -45.17 -6.17
N GLU B 525 53.33 -45.46 -5.13
CA GLU B 525 52.08 -46.20 -5.28
C GLU B 525 51.13 -45.52 -6.25
N LEU B 526 50.98 -44.21 -6.15
CA LEU B 526 50.07 -43.49 -7.04
C LEU B 526 50.75 -43.13 -8.38
N GLN B 527 51.81 -42.31 -8.31
CA GLN B 527 52.54 -41.88 -9.51
C GLN B 527 52.92 -43.02 -10.45
N LYS B 528 52.75 -44.26 -10.00
CA LYS B 528 53.10 -45.43 -10.80
C LYS B 528 52.43 -45.38 -12.18
N ASN B 529 51.28 -44.71 -12.27
CA ASN B 529 50.57 -44.61 -13.54
C ASN B 529 50.76 -43.27 -14.24
N ARG B 530 50.48 -42.19 -13.51
CA ARG B 530 50.60 -40.83 -14.05
C ARG B 530 52.03 -40.42 -14.39
N THR B 531 52.15 -39.23 -14.96
CA THR B 531 53.44 -38.66 -15.33
C THR B 531 53.90 -37.82 -14.16
N SER B 532 55.07 -38.13 -13.61
CA SER B 532 55.56 -37.37 -12.47
C SER B 532 56.92 -36.74 -12.65
N LEU B 533 56.98 -35.44 -12.36
CA LEU B 533 58.21 -34.66 -12.47
C LEU B 533 58.52 -34.16 -11.06
N VAL B 534 59.41 -34.87 -10.37
CA VAL B 534 59.78 -34.50 -9.03
C VAL B 534 61.15 -33.82 -9.08
N ILE B 535 61.26 -32.69 -8.38
CA ILE B 535 62.50 -31.92 -8.36
C ILE B 535 62.89 -31.56 -6.93
N ALA B 536 63.71 -32.40 -6.30
CA ALA B 536 64.14 -32.17 -4.92
C ALA B 536 65.67 -32.14 -4.78
N HIS B 537 66.13 -32.00 -3.54
CA HIS B 537 67.55 -31.97 -3.26
C HIS B 537 67.97 -33.21 -2.48
N ARG B 538 67.10 -33.71 -1.62
CA ARG B 538 67.43 -34.91 -0.85
C ARG B 538 67.34 -36.16 -1.71
N LEU B 539 68.40 -36.34 -2.50
CA LEU B 539 68.57 -37.45 -3.42
C LEU B 539 67.92 -38.77 -3.05
N SER B 540 67.89 -39.03 -1.75
CA SER B 540 67.29 -40.26 -1.23
C SER B 540 65.94 -40.53 -1.89
N THR B 541 65.24 -39.47 -2.30
CA THR B 541 63.94 -39.63 -2.94
C THR B 541 64.01 -39.52 -4.46
N ILE B 542 65.03 -40.14 -5.04
CA ILE B 542 65.20 -40.10 -6.48
C ILE B 542 65.91 -41.36 -6.94
N GLU B 543 66.71 -41.94 -6.02
CA GLU B 543 67.46 -43.16 -6.32
C GLU B 543 66.68 -44.15 -7.18
N GLN B 544 65.35 -44.03 -7.21
CA GLN B 544 64.51 -44.93 -7.99
C GLN B 544 63.58 -44.18 -8.96
N ALA B 545 64.14 -43.21 -9.67
CA ALA B 545 63.38 -42.43 -10.63
C ALA B 545 63.67 -42.96 -12.03
N ASP B 546 62.67 -42.89 -12.92
CA ASP B 546 62.84 -43.37 -14.28
C ASP B 546 63.99 -42.67 -15.00
N GLU B 547 64.33 -41.48 -14.52
CA GLU B 547 65.44 -40.73 -15.09
C GLU B 547 65.74 -39.49 -14.27
N ILE B 548 67.02 -39.16 -14.16
CA ILE B 548 67.45 -37.99 -13.40
C ILE B 548 68.17 -36.97 -14.27
N VAL B 549 67.64 -35.75 -14.27
CA VAL B 549 68.23 -34.69 -15.06
C VAL B 549 69.12 -33.77 -14.23
N VAL B 550 70.43 -34.02 -14.31
CA VAL B 550 71.39 -33.21 -13.59
C VAL B 550 71.49 -31.91 -14.35
N VAL B 551 71.31 -30.80 -13.64
CA VAL B 551 71.37 -29.50 -14.28
C VAL B 551 72.11 -28.46 -13.46
N GLU B 552 73.04 -27.77 -14.11
CA GLU B 552 73.80 -26.72 -13.45
C GLU B 552 73.91 -25.48 -14.31
N ASP B 553 73.93 -24.34 -13.63
CA ASP B 553 74.04 -23.03 -14.27
C ASP B 553 73.13 -22.89 -15.48
N GLY B 554 71.83 -22.85 -15.22
CA GLY B 554 70.85 -22.69 -16.29
C GLY B 554 70.86 -23.70 -17.42
N ILE B 555 71.76 -24.68 -17.37
CA ILE B 555 71.79 -25.67 -18.45
C ILE B 555 71.98 -27.11 -18.00
N ILE B 556 71.21 -27.99 -18.62
CA ILE B 556 71.23 -29.43 -18.34
C ILE B 556 72.62 -30.00 -18.64
N VAL B 557 73.03 -31.01 -17.89
CA VAL B 557 74.36 -31.61 -18.09
C VAL B 557 74.40 -33.13 -18.01
N GLU B 558 73.30 -33.77 -17.62
CA GLU B 558 73.34 -35.23 -17.54
C GLU B 558 71.98 -35.89 -17.28
N ARG B 559 71.62 -36.84 -18.15
CA ARG B 559 70.36 -37.58 -18.03
C ARG B 559 70.68 -39.05 -17.80
N GLY B 560 70.44 -39.56 -16.60
CA GLY B 560 70.74 -40.96 -16.38
C GLY B 560 70.11 -41.57 -15.15
N THR B 561 70.16 -42.89 -15.06
CA THR B 561 69.61 -43.61 -13.92
C THR B 561 70.49 -43.35 -12.72
N HIS B 562 69.93 -43.52 -11.52
CA HIS B 562 70.70 -43.34 -10.30
C HIS B 562 72.02 -44.04 -10.55
N SER B 563 71.94 -45.15 -11.28
CA SER B 563 73.08 -45.98 -11.61
C SER B 563 74.05 -45.32 -12.61
N GLU B 564 73.60 -45.11 -13.85
CA GLU B 564 74.44 -44.51 -14.89
C GLU B 564 75.18 -43.29 -14.38
N LEU B 565 74.41 -42.34 -13.85
CA LEU B 565 74.96 -41.10 -13.30
C LEU B 565 76.06 -41.41 -12.31
N LEU B 566 75.70 -42.12 -11.25
CA LEU B 566 76.64 -42.50 -10.21
C LEU B 566 77.95 -42.99 -10.84
N ALA B 567 77.83 -44.01 -11.68
CA ALA B 567 78.96 -44.61 -12.36
C ALA B 567 79.74 -43.60 -13.19
N GLN B 568 79.04 -42.73 -13.91
CA GLN B 568 79.67 -41.75 -14.76
C GLN B 568 80.59 -40.75 -14.03
N HIS B 569 80.36 -40.58 -12.73
CA HIS B 569 81.17 -39.65 -11.93
C HIS B 569 81.19 -38.23 -12.46
N GLY B 570 80.01 -37.76 -12.85
CA GLY B 570 79.88 -36.41 -13.39
C GLY B 570 78.95 -35.54 -12.58
N VAL B 571 79.56 -34.74 -11.71
CA VAL B 571 78.87 -33.80 -10.84
C VAL B 571 77.63 -34.35 -10.09
N TYR B 572 76.91 -35.34 -10.63
CA TYR B 572 75.78 -35.94 -9.87
C TYR B 572 76.44 -36.73 -8.75
N ALA B 573 77.30 -37.66 -9.14
CA ALA B 573 78.04 -38.48 -8.21
C ALA B 573 78.62 -37.59 -7.12
N GLN B 574 79.23 -36.48 -7.54
CA GLN B 574 79.84 -35.55 -6.61
C GLN B 574 78.82 -35.24 -5.51
N LEU B 575 77.64 -34.78 -5.93
CA LEU B 575 76.60 -34.45 -4.97
C LEU B 575 76.19 -35.65 -4.13
N HIS B 576 76.15 -36.83 -4.75
CA HIS B 576 75.76 -38.03 -4.02
C HIS B 576 76.86 -38.46 -3.06
N LYS B 577 78.03 -37.85 -3.21
CA LYS B 577 79.15 -38.15 -2.31
C LYS B 577 78.89 -37.22 -1.12
N MET B 578 78.81 -35.93 -1.43
CA MET B 578 78.54 -34.92 -0.42
C MET B 578 77.36 -35.37 0.43
N GLN B 579 76.55 -36.23 -0.18
CA GLN B 579 75.35 -36.79 0.45
C GLN B 579 75.49 -36.97 1.96
N PHE B 580 76.66 -37.44 2.39
CA PHE B 580 76.91 -37.66 3.81
C PHE B 580 78.32 -37.24 4.22
N GLY B 581 78.94 -37.98 5.14
CA GLY B 581 80.27 -37.64 5.59
C GLY B 581 80.40 -37.48 7.10
N TRP C 10 -45.34 21.98 -26.53
CA TRP C 10 -44.80 23.14 -25.75
C TRP C 10 -45.46 23.20 -24.38
N GLN C 11 -45.04 24.16 -23.55
CA GLN C 11 -45.67 24.32 -22.25
C GLN C 11 -45.44 23.13 -21.32
N THR C 12 -46.42 22.77 -20.51
CA THR C 12 -46.25 21.62 -19.62
C THR C 12 -45.49 20.50 -20.33
N PHE C 13 -46.01 20.07 -21.48
CA PHE C 13 -45.36 19.01 -22.25
C PHE C 13 -43.93 19.47 -22.40
N ARG C 14 -43.84 20.70 -22.91
CA ARG C 14 -42.59 21.40 -23.15
C ARG C 14 -41.68 21.41 -21.95
N ARG C 15 -42.20 21.86 -20.81
CA ARG C 15 -41.39 21.92 -19.61
C ARG C 15 -40.80 20.56 -19.26
N LEU C 16 -41.35 19.50 -19.84
CA LEU C 16 -40.82 18.15 -19.57
C LEU C 16 -39.66 17.84 -20.51
N TRP C 17 -39.70 18.37 -21.73
CA TRP C 17 -38.61 18.12 -22.68
C TRP C 17 -37.22 18.45 -22.09
N PRO C 18 -37.12 19.49 -21.22
CA PRO C 18 -35.82 19.82 -20.64
C PRO C 18 -35.12 18.62 -20.01
N THR C 19 -35.87 17.86 -19.22
CA THR C 19 -35.31 16.69 -18.54
C THR C 19 -35.12 15.54 -19.51
N ILE C 20 -35.75 15.61 -20.69
CA ILE C 20 -35.58 14.55 -21.68
C ILE C 20 -34.40 14.88 -22.58
N ALA C 21 -34.16 16.18 -22.76
CA ALA C 21 -33.09 16.69 -23.61
C ALA C 21 -31.78 15.90 -23.47
N PRO C 22 -31.15 15.94 -22.29
CA PRO C 22 -29.89 15.19 -22.11
C PRO C 22 -29.93 13.75 -22.60
N PHE C 23 -31.12 13.24 -22.88
CA PHE C 23 -31.27 11.86 -23.35
C PHE C 23 -31.75 11.76 -24.79
N LYS C 24 -31.86 12.90 -25.49
CA LYS C 24 -32.34 12.92 -26.88
C LYS C 24 -31.57 12.07 -27.90
N ALA C 25 -30.35 11.67 -27.56
CA ALA C 25 -29.54 10.84 -28.46
C ALA C 25 -30.27 9.52 -28.75
N GLY C 26 -31.10 9.11 -27.80
CA GLY C 26 -31.86 7.89 -27.97
C GLY C 26 -33.04 8.15 -28.89
N LEU C 27 -33.67 9.30 -28.72
CA LEU C 27 -34.82 9.70 -29.53
C LEU C 27 -34.46 9.66 -31.01
N ILE C 28 -33.37 10.33 -31.37
CA ILE C 28 -32.94 10.37 -32.76
C ILE C 28 -32.53 9.00 -33.29
N VAL C 29 -31.67 8.29 -32.56
CA VAL C 29 -31.21 6.96 -33.00
C VAL C 29 -32.35 5.97 -33.22
N ALA C 30 -33.45 6.15 -32.49
CA ALA C 30 -34.60 5.26 -32.62
C ALA C 30 -35.44 5.68 -33.85
N GLY C 31 -35.43 6.98 -34.15
CA GLY C 31 -36.18 7.48 -35.30
C GLY C 31 -35.52 7.13 -36.61
N ILE C 32 -34.19 7.01 -36.56
CA ILE C 32 -33.38 6.65 -37.71
C ILE C 32 -33.55 5.15 -37.93
N ALA C 33 -33.81 4.42 -36.84
CA ALA C 33 -34.03 2.98 -36.94
C ALA C 33 -35.38 2.75 -37.60
N LEU C 34 -36.34 3.64 -37.31
CA LEU C 34 -37.68 3.56 -37.89
C LEU C 34 -37.52 3.67 -39.41
N ILE C 35 -36.88 4.76 -39.85
CA ILE C 35 -36.63 5.02 -41.27
C ILE C 35 -36.06 3.79 -41.99
N LEU C 36 -34.96 3.25 -41.46
CA LEU C 36 -34.33 2.08 -42.06
C LEU C 36 -35.25 0.88 -42.21
N ASN C 37 -36.22 0.72 -41.32
CA ASN C 37 -37.14 -0.39 -41.46
C ASN C 37 -38.11 -0.07 -42.60
N ALA C 38 -38.31 1.23 -42.84
CA ALA C 38 -39.19 1.68 -43.92
C ALA C 38 -38.59 1.25 -45.26
N ALA C 39 -37.28 1.44 -45.40
CA ALA C 39 -36.58 1.05 -46.62
C ALA C 39 -36.63 -0.46 -46.78
N SER C 40 -36.49 -1.17 -45.66
CA SER C 40 -36.53 -2.63 -45.66
C SER C 40 -37.90 -3.13 -46.14
N ASP C 41 -38.90 -2.26 -46.06
CA ASP C 41 -40.26 -2.59 -46.50
C ASP C 41 -40.45 -2.44 -48.00
N THR C 42 -39.85 -1.38 -48.56
CA THR C 42 -39.96 -1.16 -50.00
C THR C 42 -39.32 -2.33 -50.75
N PHE C 43 -38.25 -2.89 -50.19
CA PHE C 43 -37.58 -4.02 -50.83
C PHE C 43 -38.33 -5.35 -50.60
N MET C 44 -38.89 -5.50 -49.40
CA MET C 44 -39.63 -6.73 -49.10
C MET C 44 -40.90 -6.84 -49.96
N LEU C 45 -41.40 -5.70 -50.40
CA LEU C 45 -42.58 -5.66 -51.27
C LEU C 45 -42.06 -5.96 -52.68
N SER C 46 -40.83 -5.52 -52.94
CA SER C 46 -40.18 -5.72 -54.24
C SER C 46 -39.58 -7.12 -54.42
N LEU C 47 -40.23 -8.13 -53.84
CA LEU C 47 -39.78 -9.52 -53.99
C LEU C 47 -40.90 -10.49 -53.62
N LEU C 48 -41.64 -10.16 -52.57
CA LEU C 48 -42.73 -11.02 -52.09
C LEU C 48 -43.95 -11.19 -53.00
N LYS C 49 -44.47 -10.08 -53.55
CA LYS C 49 -45.65 -10.16 -54.42
C LYS C 49 -45.29 -10.82 -55.77
N PRO C 50 -44.12 -10.48 -56.34
CA PRO C 50 -43.77 -11.10 -57.62
C PRO C 50 -43.63 -12.64 -57.51
N LEU C 51 -42.81 -13.11 -56.57
CA LEU C 51 -42.64 -14.56 -56.41
C LEU C 51 -43.93 -15.19 -55.89
N LEU C 52 -44.95 -14.36 -55.66
CA LEU C 52 -46.25 -14.82 -55.20
C LEU C 52 -46.91 -15.64 -56.31
N ASP C 53 -47.62 -14.96 -57.20
CA ASP C 53 -48.32 -15.59 -58.33
C ASP C 53 -47.40 -15.86 -59.52
N ASP C 54 -46.47 -14.93 -59.78
CA ASP C 54 -45.51 -15.07 -60.88
C ASP C 54 -44.41 -16.06 -60.48
N GLY C 55 -44.62 -16.70 -59.33
CA GLY C 55 -43.68 -17.69 -58.82
C GLY C 55 -43.19 -18.61 -59.93
N PHE C 56 -44.07 -19.45 -60.45
CA PHE C 56 -43.69 -20.33 -61.56
C PHE C 56 -43.77 -19.44 -62.80
N GLY C 57 -42.74 -18.60 -62.93
CA GLY C 57 -42.62 -17.68 -64.04
C GLY C 57 -41.27 -17.04 -63.84
N LYS C 58 -40.72 -17.24 -62.65
CA LYS C 58 -39.40 -16.74 -62.28
C LYS C 58 -38.61 -17.84 -61.55
N THR C 59 -39.13 -19.08 -61.64
CA THR C 59 -38.53 -20.26 -61.01
C THR C 59 -37.13 -20.64 -61.51
N ASP C 60 -36.14 -19.85 -61.12
CA ASP C 60 -34.75 -20.09 -61.52
C ASP C 60 -33.92 -18.90 -61.07
N ARG C 61 -33.82 -17.89 -61.94
CA ARG C 61 -33.06 -16.69 -61.65
C ARG C 61 -33.59 -15.97 -60.41
N SER C 62 -34.87 -15.56 -60.46
CA SER C 62 -35.49 -14.86 -59.35
C SER C 62 -35.48 -15.74 -58.12
N VAL C 63 -36.29 -16.80 -58.17
CA VAL C 63 -36.41 -17.75 -57.08
C VAL C 63 -35.09 -18.01 -56.33
N LEU C 64 -34.22 -18.78 -56.97
CA LEU C 64 -32.94 -19.16 -56.38
C LEU C 64 -32.02 -18.00 -55.94
N LEU C 65 -31.53 -17.22 -56.89
CA LEU C 65 -30.61 -16.14 -56.57
C LEU C 65 -31.09 -15.04 -55.61
N TRP C 66 -32.39 -14.89 -55.41
CA TRP C 66 -32.88 -13.84 -54.51
C TRP C 66 -33.30 -14.32 -53.11
N MET C 67 -33.19 -15.63 -52.89
CA MET C 67 -33.51 -16.20 -51.58
C MET C 67 -32.52 -15.70 -50.51
N PRO C 68 -31.20 -15.77 -50.79
CA PRO C 68 -30.20 -15.31 -49.82
C PRO C 68 -30.22 -13.79 -49.62
N LEU C 69 -30.99 -13.08 -50.44
CA LEU C 69 -31.10 -11.64 -50.28
C LEU C 69 -32.31 -11.34 -49.40
N VAL C 70 -33.16 -12.34 -49.19
CA VAL C 70 -34.31 -12.14 -48.30
C VAL C 70 -33.77 -12.34 -46.88
N VAL C 71 -33.00 -13.41 -46.69
CA VAL C 71 -32.42 -13.74 -45.39
C VAL C 71 -31.43 -12.65 -44.96
N ILE C 72 -30.73 -12.05 -45.92
CA ILE C 72 -29.77 -10.99 -45.61
C ILE C 72 -30.52 -9.65 -45.53
N GLY C 73 -31.40 -9.40 -46.49
CA GLY C 73 -32.15 -8.16 -46.49
C GLY C 73 -32.81 -7.97 -45.14
N LEU C 74 -33.47 -9.02 -44.66
CA LEU C 74 -34.17 -9.02 -43.38
C LEU C 74 -33.25 -9.06 -42.17
N MET C 75 -32.50 -10.15 -41.98
CA MET C 75 -31.59 -10.23 -40.84
C MET C 75 -30.89 -8.90 -40.63
N ILE C 76 -30.06 -8.52 -41.60
CA ILE C 76 -29.33 -7.26 -41.52
C ILE C 76 -30.24 -6.07 -41.20
N LEU C 77 -30.98 -5.59 -42.19
CA LEU C 77 -31.85 -4.43 -41.96
C LEU C 77 -32.93 -4.66 -40.90
N ARG C 78 -33.86 -5.57 -41.16
CA ARG C 78 -34.95 -5.86 -40.23
C ARG C 78 -34.48 -6.13 -38.80
N GLY C 79 -33.75 -7.24 -38.62
CA GLY C 79 -33.25 -7.62 -37.31
C GLY C 79 -32.46 -6.57 -36.57
N ILE C 80 -31.36 -6.10 -37.17
CA ILE C 80 -30.53 -5.10 -36.52
C ILE C 80 -31.29 -3.79 -36.27
N THR C 81 -32.24 -3.45 -37.14
CA THR C 81 -33.02 -2.22 -36.96
C THR C 81 -34.08 -2.35 -35.85
N SER C 82 -34.61 -3.56 -35.66
CA SER C 82 -35.61 -3.82 -34.64
C SER C 82 -34.95 -3.62 -33.27
N TYR C 83 -33.71 -4.11 -33.17
CA TYR C 83 -32.92 -4.02 -31.95
C TYR C 83 -32.28 -2.62 -31.80
N ILE C 84 -32.42 -1.78 -32.82
CA ILE C 84 -31.89 -0.41 -32.77
C ILE C 84 -33.00 0.43 -32.14
N SER C 85 -34.23 0.08 -32.48
CA SER C 85 -35.42 0.77 -31.98
C SER C 85 -35.59 0.46 -30.50
N SER C 86 -35.76 -0.82 -30.17
CA SER C 86 -35.91 -1.23 -28.78
C SER C 86 -34.73 -0.66 -28.01
N TYR C 87 -33.54 -0.88 -28.56
CA TYR C 87 -32.28 -0.42 -27.99
C TYR C 87 -32.36 1.02 -27.43
N CYS C 88 -32.43 2.00 -28.34
CA CYS C 88 -32.46 3.41 -27.94
C CYS C 88 -33.76 3.94 -27.32
N ILE C 89 -34.89 3.27 -27.55
CA ILE C 89 -36.14 3.77 -26.97
C ILE C 89 -36.27 3.42 -25.49
N SER C 90 -36.08 2.13 -25.17
CA SER C 90 -36.17 1.68 -23.78
C SER C 90 -35.18 2.49 -22.96
N TRP C 91 -34.01 2.76 -23.54
CA TRP C 91 -32.99 3.53 -22.84
C TRP C 91 -33.44 4.94 -22.48
N VAL C 92 -33.93 5.69 -23.48
CA VAL C 92 -34.36 7.07 -23.23
C VAL C 92 -35.40 7.18 -22.12
N SER C 93 -36.27 6.17 -22.01
CA SER C 93 -37.30 6.18 -20.96
C SER C 93 -36.70 5.82 -19.61
N GLY C 94 -36.13 4.62 -19.53
CA GLY C 94 -35.53 4.15 -18.30
C GLY C 94 -34.72 5.21 -17.57
N LYS C 95 -34.02 6.04 -18.34
CA LYS C 95 -33.23 7.11 -17.73
C LYS C 95 -34.08 8.28 -17.29
N VAL C 96 -34.97 8.75 -18.15
CA VAL C 96 -35.82 9.88 -17.77
C VAL C 96 -36.68 9.55 -16.54
N VAL C 97 -37.11 8.30 -16.44
CA VAL C 97 -37.94 7.89 -15.30
C VAL C 97 -37.11 7.84 -14.02
N MET C 98 -36.10 6.99 -14.01
CA MET C 98 -35.27 6.87 -12.82
C MET C 98 -34.60 8.18 -12.45
N THR C 99 -34.38 9.06 -13.43
CA THR C 99 -33.75 10.34 -13.13
C THR C 99 -34.84 11.24 -12.56
N MET C 100 -36.09 10.92 -12.89
CA MET C 100 -37.21 11.70 -12.39
C MET C 100 -37.34 11.44 -10.89
N ARG C 101 -37.60 10.19 -10.54
CA ARG C 101 -37.75 9.79 -9.16
C ARG C 101 -36.54 10.17 -8.32
N ARG C 102 -35.38 10.25 -8.97
CA ARG C 102 -34.17 10.63 -8.27
C ARG C 102 -34.36 12.07 -7.80
N ARG C 103 -34.76 12.92 -8.73
CA ARG C 103 -34.99 14.33 -8.44
C ARG C 103 -36.04 14.58 -7.35
N LEU C 104 -37.08 13.76 -7.30
CA LEU C 104 -38.11 13.94 -6.28
C LEU C 104 -37.55 13.57 -4.91
N PHE C 105 -37.09 12.34 -4.79
CA PHE C 105 -36.49 11.83 -3.55
C PHE C 105 -35.76 12.97 -2.86
N GLY C 106 -34.71 13.46 -3.53
CA GLY C 106 -33.93 14.55 -2.99
C GLY C 106 -34.76 15.76 -2.61
N HIS C 107 -35.60 16.22 -3.52
CA HIS C 107 -36.45 17.37 -3.25
C HIS C 107 -37.28 17.12 -1.99
N MET C 108 -37.80 15.89 -1.89
CA MET C 108 -38.61 15.46 -0.77
C MET C 108 -37.96 15.81 0.55
N MET C 109 -36.73 15.33 0.74
CA MET C 109 -36.04 15.61 1.99
C MET C 109 -35.58 17.06 2.04
N GLY C 110 -35.73 17.77 0.93
CA GLY C 110 -35.37 19.16 0.89
C GLY C 110 -36.58 19.93 1.37
N MET C 111 -37.51 19.18 1.96
CA MET C 111 -38.75 19.73 2.48
C MET C 111 -38.76 19.87 4.00
N PRO C 112 -37.79 20.60 4.58
CA PRO C 112 -37.80 20.73 6.04
C PRO C 112 -39.18 21.03 6.65
N VAL C 113 -39.32 20.80 7.95
CA VAL C 113 -40.54 21.10 8.69
C VAL C 113 -41.73 20.14 8.68
N ALA C 114 -42.84 20.67 9.17
CA ALA C 114 -44.14 20.01 9.31
C ALA C 114 -44.70 19.37 8.04
N PHE C 115 -43.95 19.42 6.95
CA PHE C 115 -44.41 18.81 5.72
C PHE C 115 -44.71 17.35 6.06
N PHE C 116 -43.66 16.63 6.45
CA PHE C 116 -43.75 15.22 6.81
C PHE C 116 -44.72 14.95 7.94
N ASP C 117 -45.07 16.02 8.66
CA ASP C 117 -46.00 15.92 9.76
C ASP C 117 -47.40 15.73 9.20
N LYS C 118 -47.80 16.61 8.32
CA LYS C 118 -49.14 16.54 7.75
C LYS C 118 -49.51 15.23 7.06
N GLN C 119 -49.07 15.02 5.82
CA GLN C 119 -49.45 13.80 5.12
C GLN C 119 -48.67 12.54 5.40
N SER C 120 -49.37 11.41 5.26
CA SER C 120 -48.82 10.08 5.47
C SER C 120 -47.61 9.86 4.59
N THR C 121 -46.56 9.27 5.18
CA THR C 121 -45.34 8.99 4.44
C THR C 121 -45.69 8.16 3.21
N GLY C 122 -46.72 7.31 3.35
CA GLY C 122 -47.13 6.46 2.26
C GLY C 122 -47.40 7.19 0.96
N THR C 123 -48.13 8.30 1.03
CA THR C 123 -48.45 9.06 -0.17
C THR C 123 -47.17 9.50 -0.87
N LEU C 124 -46.19 9.95 -0.09
CA LEU C 124 -44.93 10.41 -0.66
C LEU C 124 -44.22 9.25 -1.32
N LEU C 125 -44.04 8.19 -0.53
CA LEU C 125 -43.40 6.98 -0.99
C LEU C 125 -43.99 6.63 -2.35
N SER C 126 -45.32 6.57 -2.39
CA SER C 126 -46.04 6.26 -3.62
C SER C 126 -45.57 7.14 -4.77
N ARG C 127 -45.68 8.47 -4.59
CA ARG C 127 -45.27 9.41 -5.62
C ARG C 127 -44.00 8.97 -6.34
N ILE C 128 -42.96 8.69 -5.57
CA ILE C 128 -41.71 8.25 -6.19
C ILE C 128 -41.98 7.05 -7.08
N THR C 129 -42.25 5.91 -6.43
CA THR C 129 -42.51 4.66 -7.14
C THR C 129 -43.45 4.75 -8.35
N TYR C 130 -44.75 4.86 -8.06
CA TYR C 130 -45.76 4.89 -9.10
C TYR C 130 -45.83 6.08 -10.07
N ASP C 131 -45.83 7.31 -9.55
CA ASP C 131 -45.92 8.48 -10.41
C ASP C 131 -44.79 8.61 -11.43
N SER C 132 -43.57 8.33 -11.00
CA SER C 132 -42.44 8.41 -11.91
C SER C 132 -42.64 7.40 -13.05
N GLU C 133 -42.93 6.14 -12.70
CA GLU C 133 -43.14 5.11 -13.72
C GLU C 133 -44.05 5.55 -14.86
N GLN C 134 -45.15 6.22 -14.50
CA GLN C 134 -46.11 6.69 -15.49
C GLN C 134 -45.49 7.62 -16.53
N VAL C 135 -45.03 8.78 -16.07
CA VAL C 135 -44.43 9.75 -16.99
C VAL C 135 -43.37 9.10 -17.88
N ALA C 136 -42.83 7.97 -17.42
CA ALA C 136 -41.80 7.24 -18.16
C ALA C 136 -42.33 6.70 -19.49
N SER C 137 -43.29 5.78 -19.39
CA SER C 137 -43.88 5.17 -20.58
C SER C 137 -44.30 6.25 -21.58
N SER C 138 -44.89 7.31 -21.06
CA SER C 138 -45.34 8.42 -21.89
C SER C 138 -44.23 8.96 -22.78
N SER C 139 -43.18 9.47 -22.16
CA SER C 139 -42.05 10.02 -22.91
C SER C 139 -41.60 9.14 -24.07
N SER C 140 -41.21 7.91 -23.76
CA SER C 140 -40.71 7.00 -24.81
C SER C 140 -41.69 6.56 -25.91
N GLY C 141 -42.42 5.47 -25.64
CA GLY C 141 -43.35 4.93 -26.63
C GLY C 141 -44.34 5.88 -27.26
N ALA C 142 -44.77 6.89 -26.50
CA ALA C 142 -45.74 7.85 -27.02
C ALA C 142 -45.12 8.88 -27.94
N LEU C 143 -43.97 9.43 -27.58
CA LEU C 143 -43.37 10.40 -28.47
C LEU C 143 -43.09 9.74 -29.82
N ILE C 144 -42.67 8.48 -29.78
CA ILE C 144 -42.38 7.77 -31.03
C ILE C 144 -43.62 7.63 -31.90
N THR C 145 -44.75 7.23 -31.33
CA THR C 145 -45.96 7.08 -32.14
C THR C 145 -46.73 8.38 -32.42
N VAL C 146 -46.61 9.36 -31.53
CA VAL C 146 -47.30 10.63 -31.73
C VAL C 146 -46.64 11.39 -32.88
N VAL C 147 -45.40 11.01 -33.18
CA VAL C 147 -44.66 11.64 -34.27
C VAL C 147 -44.71 10.72 -35.50
N ARG C 148 -44.90 9.43 -35.26
CA ARG C 148 -44.98 8.40 -36.31
C ARG C 148 -46.36 8.45 -36.97
N GLU C 149 -47.39 8.12 -36.20
CA GLU C 149 -48.76 8.16 -36.70
C GLU C 149 -49.10 9.64 -36.84
N GLY C 150 -48.29 10.47 -36.18
CA GLY C 150 -48.49 11.91 -36.25
C GLY C 150 -48.09 12.46 -37.61
N ALA C 151 -46.93 12.01 -38.10
CA ALA C 151 -46.42 12.44 -39.40
C ALA C 151 -47.19 11.73 -40.51
N SER C 152 -47.82 10.61 -40.17
CA SER C 152 -48.62 9.83 -41.11
C SER C 152 -49.86 10.66 -41.45
N ILE C 153 -50.45 11.26 -40.41
CA ILE C 153 -51.63 12.11 -40.56
C ILE C 153 -51.26 13.40 -41.28
N ILE C 154 -50.03 13.87 -41.08
CA ILE C 154 -49.54 15.09 -41.73
C ILE C 154 -49.42 14.89 -43.25
N GLY C 155 -48.98 13.70 -43.65
CA GLY C 155 -48.83 13.39 -45.06
C GLY C 155 -50.15 13.17 -45.77
N LEU C 156 -51.07 12.48 -45.11
CA LEU C 156 -52.39 12.21 -45.70
C LEU C 156 -53.26 13.46 -45.82
N PHE C 157 -53.09 14.44 -44.92
CA PHE C 157 -53.90 15.66 -45.00
C PHE C 157 -53.32 16.67 -46.00
N ILE C 158 -52.00 16.69 -46.17
CA ILE C 158 -51.37 17.61 -47.14
C ILE C 158 -51.53 17.01 -48.53
N MET C 159 -51.82 15.71 -48.56
CA MET C 159 -52.03 14.98 -49.81
C MET C 159 -53.42 15.25 -50.35
N MET C 160 -54.44 14.94 -49.57
CA MET C 160 -55.82 15.17 -49.99
C MET C 160 -56.03 16.68 -50.18
N PHE C 161 -55.15 17.46 -49.56
CA PHE C 161 -55.16 18.92 -49.61
C PHE C 161 -55.42 19.48 -51.02
N TYR C 162 -54.37 19.62 -51.81
CA TYR C 162 -54.51 20.14 -53.18
C TYR C 162 -54.86 19.06 -54.20
N TYR C 163 -54.37 17.84 -53.97
CA TYR C 163 -54.61 16.69 -54.84
C TYR C 163 -56.11 16.46 -55.10
N SER C 164 -56.96 17.04 -54.25
CA SER C 164 -58.41 16.91 -54.42
C SER C 164 -59.11 17.93 -53.55
N TRP C 165 -58.88 19.22 -53.84
CA TRP C 165 -59.46 20.30 -53.06
C TRP C 165 -60.95 20.14 -52.72
N GLN C 166 -61.67 19.33 -53.49
CA GLN C 166 -63.09 19.11 -53.23
C GLN C 166 -63.33 18.26 -51.99
N LEU C 167 -62.62 17.14 -51.90
CA LEU C 167 -62.75 16.26 -50.75
C LEU C 167 -61.98 16.81 -49.55
N SER C 168 -61.04 17.73 -49.81
CA SER C 168 -60.28 18.36 -48.74
C SER C 168 -61.19 19.37 -48.07
N ILE C 169 -62.32 19.68 -48.72
CA ILE C 169 -63.30 20.61 -48.14
C ILE C 169 -64.24 19.78 -47.25
N ILE C 170 -63.85 18.52 -47.01
CA ILE C 170 -64.58 17.58 -46.16
C ILE C 170 -63.69 17.41 -44.94
N LEU C 171 -62.38 17.39 -45.19
CA LEU C 171 -61.40 17.28 -44.12
C LEU C 171 -61.45 18.56 -43.28
N VAL C 172 -61.72 19.69 -43.93
CA VAL C 172 -61.79 20.97 -43.22
C VAL C 172 -63.18 21.20 -42.59
N VAL C 173 -63.90 20.11 -42.35
CA VAL C 173 -65.22 20.17 -41.71
C VAL C 173 -65.26 19.13 -40.59
N LEU C 174 -64.47 18.07 -40.73
CA LEU C 174 -64.42 17.01 -39.72
C LEU C 174 -63.10 16.98 -38.93
N ALA C 175 -62.03 17.53 -39.50
CA ALA C 175 -60.73 17.56 -38.82
C ALA C 175 -60.81 18.36 -37.52
N PRO C 176 -61.51 19.51 -37.53
CA PRO C 176 -61.63 20.33 -36.32
C PRO C 176 -62.59 19.70 -35.32
N ILE C 177 -63.48 18.84 -35.82
CA ILE C 177 -64.46 18.17 -34.98
C ILE C 177 -63.86 16.97 -34.26
N VAL C 178 -63.01 16.22 -34.96
CA VAL C 178 -62.36 15.07 -34.34
C VAL C 178 -61.30 15.60 -33.38
N SER C 179 -60.71 16.73 -33.73
CA SER C 179 -59.67 17.37 -32.92
C SER C 179 -60.21 17.93 -31.61
N ILE C 180 -61.42 18.48 -31.65
CA ILE C 180 -62.04 19.05 -30.45
C ILE C 180 -62.61 17.95 -29.55
N ALA C 181 -63.23 16.95 -30.16
CA ALA C 181 -63.80 15.84 -29.39
C ALA C 181 -62.68 15.07 -28.70
N ILE C 182 -61.50 15.04 -29.33
CA ILE C 182 -60.36 14.32 -28.78
C ILE C 182 -59.63 15.15 -27.72
N ARG C 183 -59.56 16.46 -27.91
CA ARG C 183 -58.89 17.33 -26.93
C ARG C 183 -59.60 17.18 -25.60
N VAL C 184 -60.94 17.07 -25.66
CA VAL C 184 -61.73 16.92 -24.45
C VAL C 184 -61.49 15.56 -23.80
N VAL C 185 -61.66 14.48 -24.56
CA VAL C 185 -61.43 13.15 -23.98
C VAL C 185 -60.04 13.11 -23.35
N SER C 186 -59.12 13.90 -23.91
CA SER C 186 -57.75 13.95 -23.40
C SER C 186 -57.68 14.58 -22.01
N LYS C 187 -58.49 15.62 -21.77
CA LYS C 187 -58.49 16.28 -20.46
C LYS C 187 -59.09 15.36 -19.40
N ARG C 188 -60.04 14.52 -19.81
CA ARG C 188 -60.63 13.61 -18.83
C ARG C 188 -59.64 12.46 -18.64
N PHE C 189 -58.67 12.35 -19.54
CA PHE C 189 -57.65 11.31 -19.41
C PHE C 189 -56.65 11.80 -18.38
N ARG C 190 -56.23 13.06 -18.51
CA ARG C 190 -55.29 13.67 -17.58
C ARG C 190 -55.87 13.55 -16.18
N SER C 191 -57.14 13.94 -16.04
CA SER C 191 -57.82 13.90 -14.75
C SER C 191 -58.00 12.49 -14.19
N ILE C 192 -58.74 11.63 -14.90
CA ILE C 192 -58.97 10.27 -14.38
C ILE C 192 -57.69 9.56 -13.96
N SER C 193 -56.57 9.84 -14.64
CA SER C 193 -55.31 9.21 -14.26
C SER C 193 -54.82 9.82 -12.96
N LYS C 194 -54.84 11.14 -12.89
CA LYS C 194 -54.40 11.88 -11.71
C LYS C 194 -55.03 11.29 -10.44
N ASN C 195 -56.36 11.31 -10.39
CA ASN C 195 -57.07 10.76 -9.24
C ASN C 195 -56.66 9.31 -9.08
N MET C 196 -56.51 8.62 -10.21
CA MET C 196 -56.13 7.21 -10.20
C MET C 196 -54.82 7.06 -9.42
N GLN C 197 -53.99 8.10 -9.50
CA GLN C 197 -52.71 8.12 -8.81
C GLN C 197 -52.93 8.15 -7.31
N ASN C 198 -53.39 9.30 -6.81
CA ASN C 198 -53.61 9.46 -5.38
C ASN C 198 -54.20 8.20 -4.79
N THR C 199 -55.18 7.62 -5.49
CA THR C 199 -55.80 6.38 -5.03
C THR C 199 -54.71 5.35 -4.81
N MET C 200 -53.91 5.10 -5.84
CA MET C 200 -52.82 4.13 -5.72
C MET C 200 -51.99 4.52 -4.49
N GLY C 201 -51.82 5.83 -4.31
CA GLY C 201 -51.05 6.32 -3.17
C GLY C 201 -51.67 5.85 -1.86
N GLN C 202 -52.98 6.04 -1.74
CA GLN C 202 -53.69 5.63 -0.53
C GLN C 202 -53.60 4.13 -0.31
N VAL C 203 -53.66 3.37 -1.39
CA VAL C 203 -53.56 1.93 -1.25
C VAL C 203 -52.30 1.66 -0.45
N THR C 204 -51.25 2.41 -0.82
CA THR C 204 -49.96 2.30 -0.14
C THR C 204 -50.10 2.60 1.34
N THR C 205 -50.51 3.82 1.65
CA THR C 205 -50.68 4.22 3.04
C THR C 205 -51.39 3.16 3.85
N SER C 206 -52.59 2.75 3.42
CA SER C 206 -53.32 1.74 4.16
C SER C 206 -52.50 0.46 4.33
N ALA C 207 -51.61 0.20 3.38
CA ALA C 207 -50.76 -0.98 3.46
C ALA C 207 -49.64 -0.75 4.48
N GLU C 208 -49.06 0.45 4.48
CA GLU C 208 -48.01 0.74 5.44
C GLU C 208 -48.54 0.57 6.85
N GLN C 209 -49.60 1.30 7.16
CA GLN C 209 -50.22 1.22 8.48
C GLN C 209 -50.35 -0.24 8.85
N MET C 210 -50.95 -1.03 7.96
CA MET C 210 -51.10 -2.45 8.20
C MET C 210 -49.85 -3.04 8.84
N LEU C 211 -48.74 -2.97 8.11
CA LEU C 211 -47.49 -3.54 8.63
C LEU C 211 -46.94 -2.79 9.85
N LYS C 212 -46.74 -1.49 9.72
CA LYS C 212 -46.22 -0.71 10.83
C LYS C 212 -46.96 -0.98 12.13
N GLY C 213 -48.28 -1.17 12.03
CA GLY C 213 -49.08 -1.41 13.21
C GLY C 213 -49.35 -2.86 13.58
N HIS C 214 -48.58 -3.78 13.02
CA HIS C 214 -48.76 -5.19 13.31
C HIS C 214 -48.98 -5.49 14.81
N LYS C 215 -47.98 -5.23 15.63
CA LYS C 215 -48.06 -5.45 17.07
C LYS C 215 -49.47 -5.07 17.52
N GLU C 216 -49.80 -3.81 17.31
CA GLU C 216 -51.11 -3.30 17.68
C GLU C 216 -52.17 -4.24 17.13
N VAL C 217 -52.40 -4.17 15.82
CA VAL C 217 -53.40 -4.95 15.11
C VAL C 217 -53.71 -6.35 15.64
N LEU C 218 -52.82 -6.92 16.45
CA LEU C 218 -53.10 -8.23 17.00
C LEU C 218 -53.92 -8.12 18.27
N ILE C 219 -53.36 -7.46 19.29
CA ILE C 219 -54.06 -7.26 20.55
C ILE C 219 -55.14 -6.21 20.30
N PHE C 220 -54.85 -5.36 19.31
CA PHE C 220 -55.73 -4.29 18.82
C PHE C 220 -57.11 -4.93 18.91
N GLY C 221 -57.34 -5.90 18.04
CA GLY C 221 -58.60 -6.61 17.96
C GLY C 221 -59.36 -6.02 16.78
N GLY C 222 -58.66 -5.91 15.66
CA GLY C 222 -59.30 -5.35 14.49
C GLY C 222 -58.59 -5.67 13.20
N GLN C 223 -57.89 -6.79 13.14
CA GLN C 223 -57.19 -7.18 11.92
C GLN C 223 -58.17 -7.09 10.77
N GLU C 224 -59.42 -7.46 11.01
CA GLU C 224 -60.43 -7.40 9.97
C GLU C 224 -60.91 -5.97 9.69
N VAL C 225 -60.86 -5.09 10.69
CA VAL C 225 -61.27 -3.70 10.50
C VAL C 225 -60.30 -3.16 9.46
N GLU C 226 -59.09 -3.70 9.50
CA GLU C 226 -58.05 -3.32 8.56
C GLU C 226 -58.39 -3.91 7.20
N THR C 227 -58.70 -5.19 7.20
CA THR C 227 -59.07 -5.87 5.96
C THR C 227 -60.10 -4.97 5.29
N LYS C 228 -61.14 -4.61 6.03
CA LYS C 228 -62.18 -3.75 5.49
C LYS C 228 -61.62 -2.47 4.89
N ARG C 229 -60.84 -1.72 5.65
CA ARG C 229 -60.28 -0.48 5.13
C ARG C 229 -59.58 -0.70 3.80
N PHE C 230 -58.83 -1.80 3.72
CA PHE C 230 -58.10 -2.11 2.49
C PHE C 230 -59.00 -2.41 1.30
N ASP C 231 -59.96 -3.32 1.50
CA ASP C 231 -60.88 -3.68 0.43
C ASP C 231 -61.49 -2.43 -0.17
N LYS C 232 -61.86 -1.48 0.69
CA LYS C 232 -62.45 -0.25 0.22
C LYS C 232 -61.47 0.53 -0.64
N VAL C 233 -60.21 0.59 -0.22
CA VAL C 233 -59.23 1.33 -1.02
C VAL C 233 -58.84 0.56 -2.27
N SER C 234 -58.50 -0.72 -2.10
CA SER C 234 -58.13 -1.56 -3.23
C SER C 234 -59.16 -1.40 -4.33
N ASN C 235 -60.42 -1.67 -3.97
CA ASN C 235 -61.54 -1.57 -4.88
C ASN C 235 -61.57 -0.18 -5.53
N LYS C 236 -61.55 0.88 -4.72
CA LYS C 236 -61.56 2.23 -5.25
C LYS C 236 -60.45 2.42 -6.27
N MET C 237 -59.54 1.45 -6.34
CA MET C 237 -58.45 1.51 -7.29
C MET C 237 -58.90 0.82 -8.59
N ARG C 238 -59.27 -0.46 -8.49
CA ARG C 238 -59.70 -1.21 -9.66
C ARG C 238 -60.76 -0.44 -10.43
N LEU C 239 -61.57 0.32 -9.70
CA LEU C 239 -62.65 1.10 -10.30
C LEU C 239 -62.20 2.49 -10.69
N GLN C 240 -61.11 2.95 -10.07
CA GLN C 240 -60.61 4.26 -10.42
C GLN C 240 -60.08 4.13 -11.84
N GLY C 241 -59.19 3.17 -12.01
CA GLY C 241 -58.60 2.91 -13.31
C GLY C 241 -59.62 2.44 -14.32
N MET C 242 -60.45 1.49 -13.91
CA MET C 242 -61.49 0.97 -14.80
C MET C 242 -62.25 2.15 -15.36
N LYS C 243 -62.45 3.17 -14.51
CA LYS C 243 -63.17 4.37 -14.92
C LYS C 243 -62.47 4.95 -16.15
N MET C 244 -61.15 5.09 -16.08
CA MET C 244 -60.44 5.64 -17.24
C MET C 244 -60.47 4.72 -18.46
N VAL C 245 -60.11 3.47 -18.28
CA VAL C 245 -60.07 2.50 -19.37
C VAL C 245 -61.37 2.41 -20.18
N SER C 246 -62.50 2.45 -19.49
CA SER C 246 -63.79 2.41 -20.18
C SER C 246 -63.99 3.72 -20.92
N ALA C 247 -63.57 4.81 -20.27
CA ALA C 247 -63.69 6.13 -20.88
C ALA C 247 -62.88 6.16 -22.17
N SER C 248 -61.79 5.40 -22.20
CA SER C 248 -60.94 5.36 -23.37
C SER C 248 -61.55 4.44 -24.43
N SER C 249 -62.22 3.38 -23.98
CA SER C 249 -62.85 2.45 -24.91
C SER C 249 -63.91 3.12 -25.78
N ILE C 250 -64.83 3.85 -25.15
CA ILE C 250 -65.86 4.54 -25.93
C ILE C 250 -65.24 5.68 -26.72
N SER C 251 -64.08 6.14 -26.25
CA SER C 251 -63.37 7.21 -26.93
C SER C 251 -63.01 6.81 -28.37
N ASP C 252 -62.62 5.55 -28.57
CA ASP C 252 -62.25 5.09 -29.91
C ASP C 252 -63.44 5.03 -30.89
N PRO C 253 -64.41 4.12 -30.68
CA PRO C 253 -65.54 4.09 -31.62
C PRO C 253 -66.17 5.45 -31.94
N ILE C 254 -66.11 6.41 -31.02
CA ILE C 254 -66.68 7.72 -31.32
C ILE C 254 -65.82 8.42 -32.39
N ILE C 255 -64.50 8.28 -32.30
CA ILE C 255 -63.64 8.90 -33.31
C ILE C 255 -63.78 8.13 -34.65
N GLN C 256 -64.19 6.87 -34.58
CA GLN C 256 -64.39 6.07 -35.79
C GLN C 256 -65.56 6.71 -36.53
N LEU C 257 -66.49 7.24 -35.74
CA LEU C 257 -67.69 7.90 -36.26
C LEU C 257 -67.27 9.08 -37.14
N ILE C 258 -66.46 9.98 -36.59
CA ILE C 258 -66.02 11.14 -37.36
C ILE C 258 -65.26 10.70 -38.63
N ALA C 259 -64.52 9.60 -38.53
CA ALA C 259 -63.77 9.07 -39.66
C ALA C 259 -64.72 8.50 -40.71
N SER C 260 -65.66 7.66 -40.25
CA SER C 260 -66.65 7.04 -41.11
C SER C 260 -67.61 8.09 -41.67
N LEU C 261 -67.50 9.31 -41.17
CA LEU C 261 -68.35 10.42 -41.60
C LEU C 261 -67.78 11.08 -42.85
N ALA C 262 -66.50 11.47 -42.82
CA ALA C 262 -65.90 12.11 -43.99
C ALA C 262 -65.75 11.08 -45.12
N LEU C 263 -65.66 9.81 -44.72
CA LEU C 263 -65.51 8.70 -45.66
C LEU C 263 -66.84 8.39 -46.36
N ALA C 264 -67.94 8.44 -45.61
CA ALA C 264 -69.26 8.20 -46.18
C ALA C 264 -69.64 9.38 -47.07
N PHE C 265 -69.11 10.56 -46.74
CA PHE C 265 -69.35 11.79 -47.51
C PHE C 265 -68.74 11.58 -48.89
N VAL C 266 -67.64 10.83 -48.95
CA VAL C 266 -67.01 10.55 -50.22
C VAL C 266 -67.93 9.65 -51.06
N LEU C 267 -68.60 8.70 -50.43
CA LEU C 267 -69.52 7.83 -51.18
C LEU C 267 -70.72 8.58 -51.75
N TYR C 268 -71.18 9.60 -51.02
CA TYR C 268 -72.31 10.42 -51.43
C TYR C 268 -71.95 11.32 -52.62
N ALA C 269 -70.70 11.75 -52.69
CA ALA C 269 -70.23 12.60 -53.78
C ALA C 269 -69.62 11.77 -54.92
N ALA C 270 -69.74 10.45 -54.79
CA ALA C 270 -69.23 9.53 -55.81
C ALA C 270 -70.42 9.01 -56.61
N SER C 271 -71.62 9.17 -56.03
CA SER C 271 -72.85 8.73 -56.69
C SER C 271 -73.38 9.82 -57.63
N PHE C 272 -73.11 11.08 -57.31
CA PHE C 272 -73.56 12.21 -58.12
C PHE C 272 -72.41 13.01 -58.76
N PRO C 273 -71.40 13.46 -57.95
CA PRO C 273 -70.26 14.21 -58.47
C PRO C 273 -69.33 13.44 -59.42
N SER C 274 -69.16 12.13 -59.21
CA SER C 274 -68.34 11.33 -60.13
C SER C 274 -69.19 11.13 -61.38
N VAL C 275 -70.51 11.17 -61.16
CA VAL C 275 -71.51 11.06 -62.21
C VAL C 275 -71.71 12.52 -62.63
N MET C 276 -70.56 13.17 -62.80
CA MET C 276 -70.40 14.56 -63.18
C MET C 276 -68.90 14.60 -63.42
N ASP C 277 -68.31 13.42 -63.57
CA ASP C 277 -66.88 13.30 -63.78
C ASP C 277 -66.18 13.98 -62.59
N SER C 278 -65.02 14.58 -62.83
CA SER C 278 -64.27 15.26 -61.78
C SER C 278 -63.70 14.32 -60.71
N LEU C 279 -64.27 13.12 -60.61
CA LEU C 279 -63.81 12.12 -59.66
C LEU C 279 -63.40 10.86 -60.43
N THR C 280 -64.28 10.45 -61.34
CA THR C 280 -64.03 9.30 -62.21
C THR C 280 -63.51 8.04 -61.48
N ALA C 281 -62.99 7.07 -62.23
CA ALA C 281 -62.47 5.83 -61.65
C ALA C 281 -60.98 5.92 -61.35
N GLY C 282 -60.46 7.14 -61.38
CA GLY C 282 -59.05 7.36 -61.08
C GLY C 282 -58.96 8.03 -59.73
N THR C 283 -59.79 9.06 -59.53
CA THR C 283 -59.83 9.79 -58.28
C THR C 283 -60.79 9.15 -57.27
N ILE C 284 -61.85 8.48 -57.74
CA ILE C 284 -62.80 7.80 -56.83
C ILE C 284 -62.13 6.51 -56.39
N THR C 285 -60.84 6.41 -56.67
CA THR C 285 -60.07 5.22 -56.33
C THR C 285 -58.95 5.62 -55.37
N VAL C 286 -58.24 6.69 -55.72
CA VAL C 286 -57.14 7.15 -54.89
C VAL C 286 -57.53 8.11 -53.75
N VAL C 287 -58.52 8.99 -53.99
CA VAL C 287 -58.96 9.91 -52.94
C VAL C 287 -59.76 9.14 -51.88
N PHE C 288 -60.45 8.09 -52.31
CA PHE C 288 -61.24 7.26 -51.40
C PHE C 288 -60.35 6.24 -50.71
N SER C 289 -59.37 5.70 -51.44
CA SER C 289 -58.45 4.72 -50.87
C SER C 289 -57.59 5.45 -49.83
N SER C 290 -57.23 6.70 -50.14
CA SER C 290 -56.43 7.52 -49.26
C SER C 290 -57.24 7.93 -48.03
N MET C 291 -58.56 7.94 -48.18
CA MET C 291 -59.43 8.29 -47.07
C MET C 291 -59.52 7.13 -46.07
N ILE C 292 -59.92 5.96 -46.59
CA ILE C 292 -60.06 4.77 -45.77
C ILE C 292 -58.71 4.34 -45.19
N ALA C 293 -57.64 4.95 -45.68
CA ALA C 293 -56.29 4.66 -45.18
C ALA C 293 -55.98 5.58 -44.02
N LEU C 294 -56.08 6.90 -44.24
CA LEU C 294 -55.80 7.92 -43.23
C LEU C 294 -56.57 7.77 -41.91
N MET C 295 -57.80 7.27 -41.99
CA MET C 295 -58.60 7.09 -40.78
C MET C 295 -58.01 6.03 -39.84
N ARG C 296 -57.14 5.16 -40.37
CA ARG C 296 -56.53 4.11 -39.56
C ARG C 296 -55.40 4.61 -38.63
N PRO C 297 -54.41 5.35 -39.17
CA PRO C 297 -53.32 5.85 -38.32
C PRO C 297 -53.80 6.90 -37.33
N LEU C 298 -54.90 7.57 -37.67
CA LEU C 298 -55.45 8.56 -36.75
C LEU C 298 -56.17 7.81 -35.62
N LYS C 299 -56.87 6.75 -36.00
CA LYS C 299 -57.59 5.94 -35.02
C LYS C 299 -56.69 4.98 -34.24
N SER C 300 -55.40 5.28 -34.27
CA SER C 300 -54.39 4.53 -33.54
C SER C 300 -53.76 5.57 -32.62
N LEU C 301 -53.50 6.76 -33.18
CA LEU C 301 -52.92 7.85 -32.39
C LEU C 301 -53.84 8.15 -31.22
N THR C 302 -55.12 7.82 -31.36
CA THR C 302 -56.06 8.06 -30.27
C THR C 302 -55.82 7.08 -29.12
N ASN C 303 -55.81 5.79 -29.46
CA ASN C 303 -55.61 4.73 -28.48
C ASN C 303 -54.29 4.84 -27.71
N VAL C 304 -53.26 5.39 -28.33
CA VAL C 304 -51.99 5.53 -27.64
C VAL C 304 -51.98 6.84 -26.86
N ASN C 305 -52.72 7.84 -27.35
CA ASN C 305 -52.81 9.13 -26.69
C ASN C 305 -53.16 8.91 -25.23
N ALA C 306 -54.06 7.96 -24.98
CA ALA C 306 -54.45 7.64 -23.62
C ALA C 306 -53.18 7.51 -22.77
N GLN C 307 -52.38 6.49 -23.08
CA GLN C 307 -51.14 6.24 -22.38
C GLN C 307 -50.26 7.48 -22.26
N PHE C 308 -50.19 8.28 -23.33
CA PHE C 308 -49.38 9.49 -23.31
C PHE C 308 -49.91 10.46 -22.26
N GLN C 309 -51.23 10.55 -22.14
CA GLN C 309 -51.82 11.44 -21.16
C GLN C 309 -51.50 10.95 -19.77
N ARG C 310 -51.84 9.69 -19.50
CA ARG C 310 -51.57 9.06 -18.20
C ARG C 310 -50.25 9.57 -17.67
N GLY C 311 -49.22 9.45 -18.51
CA GLY C 311 -47.89 9.90 -18.12
C GLY C 311 -47.77 11.41 -18.06
N MET C 312 -48.28 12.10 -19.08
CA MET C 312 -48.21 13.55 -19.12
C MET C 312 -48.82 14.12 -17.84
N ALA C 313 -50.04 13.69 -17.54
CA ALA C 313 -50.73 14.14 -16.35
C ALA C 313 -49.83 13.87 -15.15
N ALA C 314 -49.30 12.65 -15.08
CA ALA C 314 -48.40 12.27 -14.00
C ALA C 314 -47.24 13.25 -13.91
N CYS C 315 -46.63 13.59 -15.05
CA CYS C 315 -45.52 14.54 -15.02
C CYS C 315 -45.98 15.75 -14.26
N GLN C 316 -47.04 16.38 -14.74
CA GLN C 316 -47.55 17.58 -14.12
C GLN C 316 -47.91 17.48 -12.63
N THR C 317 -48.35 16.30 -12.18
CA THR C 317 -48.65 16.15 -10.76
C THR C 317 -47.32 16.39 -10.05
N LEU C 318 -46.39 15.45 -10.23
CA LEU C 318 -45.08 15.55 -9.58
C LEU C 318 -44.18 16.64 -10.13
N PHE C 319 -44.56 17.22 -11.27
CA PHE C 319 -43.79 18.32 -11.85
C PHE C 319 -44.00 19.34 -10.74
N ALA C 320 -45.27 19.49 -10.38
CA ALA C 320 -45.70 20.41 -9.35
C ALA C 320 -45.17 20.07 -7.96
N ILE C 321 -45.35 18.82 -7.53
CA ILE C 321 -44.87 18.43 -6.20
C ILE C 321 -43.40 18.79 -6.06
N LEU C 322 -42.68 18.76 -7.17
CA LEU C 322 -41.27 19.11 -7.18
C LEU C 322 -41.14 20.62 -7.22
N ASP C 323 -42.08 21.27 -7.89
CA ASP C 323 -42.09 22.71 -8.01
C ASP C 323 -42.48 23.32 -6.68
N SER C 324 -42.84 22.47 -5.72
CA SER C 324 -43.24 22.92 -4.40
C SER C 324 -42.17 23.80 -3.76
N GLU C 325 -42.44 24.30 -2.56
CA GLU C 325 -41.49 25.18 -1.88
C GLU C 325 -40.50 24.51 -0.94
N GLN C 326 -39.22 24.72 -1.21
CA GLN C 326 -38.15 24.16 -0.38
C GLN C 326 -38.27 24.77 1.01
N GLU C 327 -38.95 24.06 1.90
CA GLU C 327 -39.15 24.53 3.27
C GLU C 327 -37.80 24.77 3.94
N LYS C 328 -36.74 24.60 3.16
CA LYS C 328 -35.38 24.80 3.63
C LYS C 328 -34.92 26.24 3.34
N ASP C 329 -35.45 27.19 4.10
CA ASP C 329 -35.07 28.60 3.94
C ASP C 329 -33.56 28.65 4.18
N GLU C 330 -32.87 29.59 3.53
CA GLU C 330 -31.43 29.64 3.72
C GLU C 330 -30.84 30.97 4.18
N GLY C 331 -29.74 30.88 4.93
CA GLY C 331 -29.05 32.04 5.44
C GLY C 331 -27.82 32.33 4.61
N LYS C 332 -26.67 32.51 5.27
CA LYS C 332 -25.43 32.80 4.55
C LYS C 332 -24.19 32.38 5.32
N ARG C 333 -24.03 32.91 6.53
CA ARG C 333 -22.88 32.63 7.39
C ARG C 333 -22.69 31.15 7.73
N VAL C 334 -21.58 30.58 7.27
CA VAL C 334 -21.26 29.18 7.54
C VAL C 334 -20.08 29.11 8.51
N ILE C 335 -20.33 28.58 9.71
CA ILE C 335 -19.26 28.47 10.71
C ILE C 335 -18.80 27.02 10.91
N ASP C 336 -17.54 26.85 11.29
CA ASP C 336 -16.99 25.51 11.50
C ASP C 336 -16.72 25.30 12.99
N ARG C 337 -16.37 26.40 13.65
CA ARG C 337 -16.09 26.40 15.08
C ARG C 337 -17.42 26.59 15.80
N ALA C 338 -17.53 26.17 17.07
CA ALA C 338 -18.78 26.35 17.76
C ALA C 338 -18.89 26.64 19.24
N THR C 339 -17.88 27.14 19.96
CA THR C 339 -18.22 27.50 21.33
C THR C 339 -19.76 27.56 21.38
N GLY C 340 -20.38 26.59 22.03
CA GLY C 340 -21.83 26.55 22.09
C GLY C 340 -22.51 27.66 22.88
N ASP C 341 -22.49 28.88 22.34
CA ASP C 341 -23.13 30.00 23.02
C ASP C 341 -24.54 30.19 22.49
N LEU C 342 -25.43 29.33 22.99
CA LEU C 342 -26.84 29.34 22.61
C LEU C 342 -27.52 30.49 23.36
N GLU C 343 -28.31 31.29 22.64
CA GLU C 343 -28.98 32.42 23.26
C GLU C 343 -30.24 32.81 22.49
N PHE C 344 -31.37 32.97 23.17
CA PHE C 344 -32.58 33.40 22.48
C PHE C 344 -33.59 34.12 23.37
N ARG C 345 -34.06 35.27 22.87
CA ARG C 345 -34.98 36.15 23.59
C ARG C 345 -36.40 36.35 23.04
N ASN C 346 -37.33 36.49 23.99
CA ASN C 346 -38.76 36.70 23.76
C ASN C 346 -39.28 36.00 22.52
N VAL C 347 -38.77 34.80 22.32
CA VAL C 347 -39.17 33.99 21.19
C VAL C 347 -40.52 33.39 21.47
N THR C 348 -41.49 33.67 20.61
CA THR C 348 -42.82 33.10 20.77
C THR C 348 -42.93 32.10 19.63
N PHE C 349 -43.74 31.07 19.79
CA PHE C 349 -43.88 30.06 18.75
C PHE C 349 -45.17 29.24 18.78
N THR C 350 -45.64 28.92 17.58
CA THR C 350 -46.82 28.11 17.37
C THR C 350 -46.51 27.22 16.17
N TYR C 351 -47.26 26.15 15.98
CA TYR C 351 -46.99 25.23 14.88
C TYR C 351 -47.66 25.51 13.53
N PRO C 352 -48.73 24.76 13.15
CA PRO C 352 -49.25 25.16 11.85
C PRO C 352 -50.03 26.48 11.87
N GLY C 353 -49.29 27.57 11.67
CA GLY C 353 -49.82 28.92 11.61
C GLY C 353 -50.88 29.52 12.53
N ARG C 354 -52.15 29.36 12.12
CA ARG C 354 -53.29 29.92 12.85
C ARG C 354 -53.91 29.01 13.92
N GLU C 355 -53.41 29.12 15.14
CA GLU C 355 -53.88 28.35 16.30
C GLU C 355 -53.48 29.09 17.58
N VAL C 356 -53.07 28.37 18.62
CA VAL C 356 -52.65 28.99 19.88
C VAL C 356 -51.20 28.62 20.21
N PRO C 357 -50.32 29.63 20.38
CA PRO C 357 -48.90 29.45 20.70
C PRO C 357 -48.57 28.36 21.72
N ALA C 358 -47.62 27.49 21.36
CA ALA C 358 -47.20 26.41 22.24
C ALA C 358 -45.98 26.85 23.03
N LEU C 359 -45.49 28.04 22.70
CA LEU C 359 -44.35 28.64 23.36
C LEU C 359 -44.52 30.16 23.24
N ARG C 360 -44.59 30.83 24.39
CA ARG C 360 -44.75 32.28 24.39
C ARG C 360 -43.43 33.01 24.55
N ASN C 361 -43.49 34.23 25.06
CA ASN C 361 -42.29 35.03 25.28
C ASN C 361 -41.31 34.27 26.14
N ILE C 362 -40.41 33.56 25.48
CA ILE C 362 -39.40 32.78 26.19
C ILE C 362 -38.02 33.31 25.91
N ASN C 363 -37.34 33.70 26.99
CA ASN C 363 -36.01 34.25 26.93
C ASN C 363 -35.09 33.29 27.67
N LEU C 364 -33.92 33.01 27.09
CA LEU C 364 -32.99 32.09 27.72
C LEU C 364 -31.62 32.09 27.07
N LYS C 365 -30.59 31.94 27.90
CA LYS C 365 -29.21 31.90 27.44
C LYS C 365 -28.48 30.72 28.05
N ILE C 366 -27.81 29.96 27.20
CA ILE C 366 -27.03 28.80 27.61
C ILE C 366 -25.60 29.03 27.14
N PRO C 367 -24.79 29.70 27.96
CA PRO C 367 -23.39 30.01 27.64
C PRO C 367 -22.53 28.75 27.52
N ALA C 368 -21.56 28.80 26.62
CA ALA C 368 -20.64 27.68 26.38
C ALA C 368 -20.21 26.99 27.67
N GLY C 369 -20.09 25.66 27.60
CA GLY C 369 -19.66 24.89 28.76
C GLY C 369 -20.74 24.65 29.80
N LYS C 370 -21.63 25.60 29.96
CA LYS C 370 -22.71 25.49 30.93
C LYS C 370 -23.74 24.44 30.53
N THR C 371 -24.43 23.89 31.52
CA THR C 371 -25.46 22.88 31.31
C THR C 371 -26.82 23.38 31.79
N VAL C 372 -27.72 23.61 30.84
CA VAL C 372 -29.06 24.08 31.19
C VAL C 372 -30.06 22.96 30.97
N ALA C 373 -30.94 22.76 31.94
CA ALA C 373 -31.94 21.71 31.86
C ALA C 373 -33.34 22.23 31.61
N LEU C 374 -34.15 21.38 30.99
CA LEU C 374 -35.53 21.73 30.70
C LEU C 374 -36.46 20.74 31.38
N VAL C 375 -37.17 21.20 32.40
CA VAL C 375 -38.12 20.34 33.09
C VAL C 375 -39.41 21.10 33.22
N GLY C 376 -40.50 20.37 33.18
CA GLY C 376 -41.79 21.02 33.30
C GLY C 376 -42.88 19.99 33.14
N ARG C 377 -44.12 20.44 33.16
CA ARG C 377 -45.20 19.49 33.02
C ARG C 377 -45.23 18.82 31.66
N SER C 378 -45.62 17.54 31.65
CA SER C 378 -45.71 16.78 30.42
C SER C 378 -46.70 17.50 29.52
N GLY C 379 -46.22 18.51 28.80
CA GLY C 379 -47.09 19.26 27.92
C GLY C 379 -46.58 20.66 27.67
N SER C 380 -45.57 21.06 28.44
CA SER C 380 -44.98 22.37 28.26
C SER C 380 -44.01 22.24 27.09
N GLY C 381 -43.75 23.33 26.39
CA GLY C 381 -42.85 23.32 25.23
C GLY C 381 -41.44 22.77 25.32
N LYS C 382 -41.19 21.87 26.26
CA LYS C 382 -39.86 21.28 26.41
C LYS C 382 -39.32 20.74 25.09
N SER C 383 -39.73 19.54 24.69
CA SER C 383 -39.28 18.94 23.45
C SER C 383 -39.35 19.95 22.29
N THR C 384 -40.31 20.87 22.38
CA THR C 384 -40.53 21.90 21.35
C THR C 384 -39.35 22.84 21.14
N ILE C 385 -38.99 23.56 22.18
CA ILE C 385 -37.85 24.45 22.08
C ILE C 385 -36.67 23.57 21.71
N ALA C 386 -36.59 22.40 22.34
CA ALA C 386 -35.52 21.45 22.08
C ALA C 386 -35.24 21.31 20.59
N SER C 387 -36.29 20.98 19.84
CA SER C 387 -36.17 20.81 18.40
C SER C 387 -36.14 22.15 17.66
N LEU C 388 -36.64 23.18 18.34
CA LEU C 388 -36.69 24.51 17.74
C LEU C 388 -35.30 25.13 17.61
N ILE C 389 -34.36 24.69 18.45
CA ILE C 389 -32.99 25.18 18.39
C ILE C 389 -32.43 24.87 17.02
N THR C 390 -32.48 23.59 16.65
CA THR C 390 -31.97 23.13 15.37
C THR C 390 -32.86 23.49 14.19
N ARG C 391 -33.55 24.62 14.32
CA ARG C 391 -34.37 25.18 13.26
C ARG C 391 -35.54 24.39 12.63
N PHE C 392 -35.72 23.12 12.97
CA PHE C 392 -36.83 22.28 12.44
C PHE C 392 -38.15 23.01 12.10
N TYR C 393 -38.28 24.24 12.60
CA TYR C 393 -39.49 25.05 12.45
C TYR C 393 -39.18 26.53 12.30
N ASP C 394 -37.94 26.80 11.92
CA ASP C 394 -37.48 28.14 11.64
C ASP C 394 -38.20 29.35 12.33
N ILE C 395 -38.79 29.12 13.52
CA ILE C 395 -39.48 30.10 14.43
C ILE C 395 -40.87 30.73 14.17
N ASP C 396 -41.40 31.45 15.17
CA ASP C 396 -42.69 32.14 15.04
C ASP C 396 -42.41 33.63 15.05
N GLU C 397 -41.89 34.14 16.17
CA GLU C 397 -41.59 35.56 16.29
C GLU C 397 -40.70 35.82 17.51
N GLY C 398 -39.49 36.31 17.25
CA GLY C 398 -38.54 36.59 18.31
C GLY C 398 -37.12 36.40 17.78
N HIS C 399 -36.16 36.07 18.65
CA HIS C 399 -34.78 35.87 18.20
C HIS C 399 -34.01 34.74 18.88
N ILE C 400 -33.51 33.82 18.08
CA ILE C 400 -32.71 32.69 18.59
C ILE C 400 -31.35 32.79 17.92
N LEU C 401 -30.31 33.07 18.69
CA LEU C 401 -28.99 33.23 18.11
C LEU C 401 -27.86 32.43 18.74
N MET C 402 -27.09 31.79 17.87
CA MET C 402 -25.94 30.98 18.27
C MET C 402 -24.70 31.84 18.11
N ASP C 403 -24.25 32.43 19.22
CA ASP C 403 -23.08 33.30 19.22
C ASP C 403 -23.39 34.64 18.57
N GLY C 404 -24.38 35.35 19.13
CA GLY C 404 -24.78 36.65 18.62
C GLY C 404 -25.51 36.63 17.28
N HIS C 405 -25.24 35.62 16.47
CA HIS C 405 -25.86 35.49 15.16
C HIS C 405 -27.08 34.58 15.22
N ASP C 406 -28.19 35.07 14.67
CA ASP C 406 -29.45 34.31 14.65
C ASP C 406 -29.33 33.11 13.71
N LEU C 407 -30.13 32.08 13.96
CA LEU C 407 -30.12 30.89 13.13
C LEU C 407 -30.17 31.22 11.63
N ARG C 408 -31.02 32.16 11.26
CA ARG C 408 -31.13 32.55 9.84
C ARG C 408 -29.79 33.03 9.28
N GLU C 409 -29.15 33.97 9.97
CA GLU C 409 -27.86 34.48 9.52
C GLU C 409 -27.01 33.28 9.11
N TYR C 410 -27.13 32.20 9.87
CA TYR C 410 -26.39 30.99 9.61
C TYR C 410 -26.98 30.14 8.51
N THR C 411 -26.12 29.31 7.92
CA THR C 411 -26.53 28.41 6.87
C THR C 411 -27.11 27.19 7.55
N LEU C 412 -28.31 26.80 7.14
CA LEU C 412 -28.95 25.65 7.73
C LEU C 412 -27.91 24.52 7.83
N ALA C 413 -27.26 24.22 6.71
CA ALA C 413 -26.25 23.15 6.63
C ALA C 413 -25.36 22.97 7.85
N SER C 414 -24.36 23.83 8.02
CA SER C 414 -23.46 23.72 9.15
C SER C 414 -24.16 23.95 10.49
N LEU C 415 -25.21 24.76 10.49
CA LEU C 415 -25.95 25.03 11.72
C LEU C 415 -26.27 23.70 12.38
N ARG C 416 -26.96 22.84 11.63
CA ARG C 416 -27.35 21.51 12.11
C ARG C 416 -26.12 20.63 12.31
N ASN C 417 -24.98 21.07 11.79
CA ASN C 417 -23.77 20.29 11.99
C ASN C 417 -23.15 20.71 13.32
N GLN C 418 -23.69 21.80 13.87
CA GLN C 418 -23.24 22.37 15.15
C GLN C 418 -24.00 21.82 16.34
N VAL C 419 -24.60 20.65 16.18
CA VAL C 419 -25.36 20.07 17.28
C VAL C 419 -25.57 18.57 17.17
N ALA C 420 -25.64 17.91 18.34
CA ALA C 420 -25.87 16.47 18.42
C ALA C 420 -27.20 16.34 19.17
N LEU C 421 -28.01 15.34 18.81
CA LEU C 421 -29.30 15.17 19.45
C LEU C 421 -29.76 13.76 19.75
N VAL C 422 -30.58 13.64 20.80
CA VAL C 422 -31.13 12.35 21.18
C VAL C 422 -32.61 12.58 21.44
N SER C 423 -33.37 12.58 20.35
CA SER C 423 -34.81 12.81 20.37
C SER C 423 -35.59 11.90 21.32
N GLN C 424 -36.51 12.48 22.09
CA GLN C 424 -37.34 11.74 23.05
C GLN C 424 -37.43 10.27 22.64
N ASN C 425 -38.13 10.01 21.54
CA ASN C 425 -38.24 8.64 21.04
C ASN C 425 -37.23 8.60 19.90
N VAL C 426 -36.30 7.67 19.99
CA VAL C 426 -35.27 7.61 18.97
C VAL C 426 -35.59 6.72 17.79
N HIS C 427 -35.17 7.19 16.61
CA HIS C 427 -35.36 6.47 15.36
C HIS C 427 -34.00 5.90 14.96
N LEU C 428 -34.00 4.68 14.44
CA LEU C 428 -32.76 4.05 14.01
C LEU C 428 -32.91 3.48 12.61
N PHE C 429 -31.81 2.96 12.07
CA PHE C 429 -31.84 2.38 10.74
C PHE C 429 -31.71 0.88 10.78
N ASN C 430 -31.42 0.28 9.63
CA ASN C 430 -31.27 -1.16 9.61
C ASN C 430 -29.90 -1.55 9.10
N ASP C 431 -28.87 -1.15 9.83
CA ASP C 431 -27.49 -1.46 9.47
C ASP C 431 -26.86 -2.28 10.57
N THR C 432 -25.65 -1.91 10.94
CA THR C 432 -24.94 -2.58 11.99
C THR C 432 -24.86 -1.58 13.12
N VAL C 433 -24.64 -2.06 14.34
CA VAL C 433 -24.53 -1.17 15.48
C VAL C 433 -23.57 -0.04 15.08
N ALA C 434 -22.36 -0.45 14.71
CA ALA C 434 -21.32 0.50 14.31
C ALA C 434 -21.93 1.61 13.46
N ASN C 435 -22.61 1.21 12.39
CA ASN C 435 -23.22 2.16 11.48
C ASN C 435 -24.28 3.06 12.08
N ASN C 436 -25.28 2.49 12.75
CA ASN C 436 -26.31 3.34 13.34
C ASN C 436 -25.64 4.45 14.14
N ILE C 437 -24.41 4.20 14.57
CA ILE C 437 -23.64 5.19 15.33
C ILE C 437 -22.80 5.98 14.32
N ALA C 438 -22.23 5.26 13.35
CA ALA C 438 -21.37 5.82 12.32
C ALA C 438 -22.10 6.74 11.35
N TYR C 439 -23.34 6.41 11.04
CA TYR C 439 -24.15 7.22 10.13
C TYR C 439 -24.28 8.60 10.74
N ALA C 440 -23.46 8.87 11.75
CA ALA C 440 -23.45 10.13 12.46
C ALA C 440 -22.26 11.03 12.07
N ARG C 441 -22.28 11.55 10.86
CA ARG C 441 -21.24 12.46 10.34
C ARG C 441 -19.82 11.90 10.08
N THR C 442 -19.70 11.64 8.78
CA THR C 442 -18.73 11.09 7.80
C THR C 442 -19.25 9.68 7.46
N GLU C 443 -19.93 9.07 8.42
CA GLU C 443 -20.46 7.72 8.24
C GLU C 443 -19.27 6.78 8.18
N GLU C 444 -18.09 7.34 8.48
CA GLU C 444 -16.85 6.59 8.49
C GLU C 444 -15.73 7.29 9.30
N TYR C 445 -15.65 6.93 10.58
CA TYR C 445 -14.64 7.43 11.53
C TYR C 445 -13.80 6.21 11.91
N SER C 446 -13.02 6.37 12.98
CA SER C 446 -12.19 5.28 13.44
C SER C 446 -12.97 4.30 14.30
N ARG C 447 -12.58 3.03 14.20
CA ARG C 447 -13.21 1.98 14.98
C ARG C 447 -13.11 2.37 16.44
N GLU C 448 -12.12 3.22 16.76
CA GLU C 448 -11.93 3.69 18.12
C GLU C 448 -13.10 4.55 18.56
N GLN C 449 -13.25 5.70 17.93
CA GLN C 449 -14.33 6.63 18.26
C GLN C 449 -15.63 5.95 18.63
N ILE C 450 -16.06 5.01 17.79
CA ILE C 450 -17.30 4.29 18.05
C ILE C 450 -17.11 3.34 19.23
N GLU C 451 -16.03 2.57 19.22
CA GLU C 451 -15.75 1.66 20.34
C GLU C 451 -15.96 2.50 21.58
N GLU C 452 -15.22 3.60 21.62
CA GLU C 452 -15.27 4.53 22.71
C GLU C 452 -16.70 5.03 22.94
N ALA C 453 -17.29 5.67 21.94
CA ALA C 453 -18.65 6.21 22.07
C ALA C 453 -19.66 5.20 22.63
N ALA C 454 -19.57 3.95 22.18
CA ALA C 454 -20.46 2.90 22.64
C ALA C 454 -20.19 2.56 24.09
N ARG C 455 -18.94 2.79 24.51
CA ARG C 455 -18.53 2.52 25.89
C ARG C 455 -18.91 3.72 26.75
N MET C 456 -18.48 4.91 26.34
CA MET C 456 -18.78 6.14 27.06
C MET C 456 -20.27 6.43 26.91
N ALA C 457 -21.02 5.37 26.63
CA ALA C 457 -22.47 5.44 26.47
C ALA C 457 -23.02 4.17 27.12
N TYR C 458 -22.16 3.52 27.92
CA TYR C 458 -22.52 2.28 28.61
C TYR C 458 -23.32 1.41 27.68
N ALA C 459 -22.63 0.73 26.78
CA ALA C 459 -23.30 -0.13 25.82
C ALA C 459 -22.33 -1.11 25.18
N MET C 460 -21.04 -0.87 25.36
CA MET C 460 -20.05 -1.76 24.78
C MET C 460 -20.13 -3.15 25.41
N ASP C 461 -20.74 -3.24 26.58
CA ASP C 461 -20.89 -4.51 27.27
C ASP C 461 -21.90 -5.43 26.57
N PHE C 462 -23.08 -4.90 26.22
CA PHE C 462 -24.08 -5.73 25.54
C PHE C 462 -23.77 -5.81 24.05
N ILE C 463 -23.16 -4.76 23.51
CA ILE C 463 -22.80 -4.77 22.10
C ILE C 463 -21.93 -6.00 21.96
N ASN C 464 -20.98 -6.15 22.86
CA ASN C 464 -20.08 -7.29 22.83
C ASN C 464 -20.76 -8.60 23.20
N LYS C 465 -21.86 -8.54 23.94
CA LYS C 465 -22.56 -9.77 24.31
C LYS C 465 -23.19 -10.39 23.08
N MET C 466 -23.68 -9.55 22.18
CA MET C 466 -24.30 -10.03 20.95
C MET C 466 -23.23 -10.30 19.90
N ASP C 467 -23.20 -11.52 19.36
CA ASP C 467 -22.21 -11.91 18.35
C ASP C 467 -22.20 -10.97 17.15
N ASN C 468 -21.00 -10.71 16.66
CA ASN C 468 -20.76 -9.81 15.52
C ASN C 468 -20.52 -8.40 16.04
N GLY C 469 -20.83 -8.20 17.32
CA GLY C 469 -20.63 -6.90 17.94
C GLY C 469 -21.19 -5.76 17.12
N LEU C 470 -20.40 -4.71 16.98
CA LEU C 470 -20.81 -3.54 16.22
C LEU C 470 -21.10 -3.89 14.77
N ASP C 471 -20.74 -5.11 14.38
CA ASP C 471 -20.97 -5.58 13.02
C ASP C 471 -22.28 -6.33 12.93
N THR C 472 -23.01 -6.40 14.04
CA THR C 472 -24.28 -7.09 14.07
C THR C 472 -25.37 -6.24 13.43
N ILE C 473 -26.29 -6.92 12.75
CA ILE C 473 -27.40 -6.26 12.08
C ILE C 473 -28.51 -5.97 13.11
N ILE C 474 -28.88 -4.69 13.22
CA ILE C 474 -29.90 -4.22 14.16
C ILE C 474 -31.32 -4.28 13.58
N GLY C 475 -32.33 -4.22 14.45
CA GLY C 475 -33.71 -4.30 13.98
C GLY C 475 -34.19 -3.03 13.31
N GLU C 476 -34.81 -3.15 12.14
CA GLU C 476 -35.32 -1.98 11.42
C GLU C 476 -35.87 -1.02 12.47
N ASN C 477 -35.11 0.02 12.76
CA ASN C 477 -35.49 0.99 13.79
C ASN C 477 -35.45 0.30 15.14
N GLY C 478 -34.23 -0.13 15.50
CA GLY C 478 -34.01 -0.83 16.75
C GLY C 478 -35.14 -1.78 17.12
N VAL C 479 -35.49 -2.70 16.23
CA VAL C 479 -36.56 -3.63 16.56
C VAL C 479 -36.09 -4.85 17.30
N LEU C 480 -34.94 -5.40 16.92
CA LEU C 480 -34.47 -6.60 17.59
C LEU C 480 -33.55 -6.38 18.79
N LEU C 481 -33.94 -5.46 19.67
CA LEU C 481 -33.17 -5.20 20.87
C LEU C 481 -33.84 -4.15 21.73
N SER C 482 -33.53 -4.19 23.02
CA SER C 482 -34.10 -3.29 24.00
C SER C 482 -34.07 -1.81 23.67
N GLY C 483 -35.14 -1.12 24.05
CA GLY C 483 -35.23 0.31 23.83
C GLY C 483 -34.11 0.99 24.58
N GLY C 484 -33.81 0.47 25.77
CA GLY C 484 -32.74 1.04 26.54
C GLY C 484 -31.49 0.93 25.69
N GLN C 485 -31.19 -0.29 25.27
CA GLN C 485 -30.04 -0.55 24.42
C GLN C 485 -30.07 0.43 23.27
N ARG C 486 -31.22 0.52 22.62
CA ARG C 486 -31.37 1.43 21.50
C ARG C 486 -31.05 2.85 21.94
N GLN C 487 -31.82 3.36 22.89
CA GLN C 487 -31.62 4.71 23.37
C GLN C 487 -30.15 4.98 23.62
N ARG C 488 -29.48 4.05 24.29
CA ARG C 488 -28.06 4.21 24.57
C ARG C 488 -27.32 4.41 23.26
N ILE C 489 -27.65 3.57 22.28
CA ILE C 489 -27.03 3.63 20.96
C ILE C 489 -27.30 4.98 20.29
N ALA C 490 -28.51 5.49 20.48
CA ALA C 490 -28.88 6.79 19.91
C ALA C 490 -28.03 7.83 20.60
N ILE C 491 -27.72 7.56 21.86
CA ILE C 491 -26.89 8.45 22.65
C ILE C 491 -25.48 8.23 22.12
N ALA C 492 -25.15 6.98 21.82
CA ALA C 492 -23.84 6.67 21.28
C ALA C 492 -23.69 7.62 20.09
N ARG C 493 -24.35 7.27 18.99
CA ARG C 493 -24.33 8.09 17.79
C ARG C 493 -24.14 9.58 18.12
N ALA C 494 -25.10 10.15 18.84
CA ALA C 494 -25.07 11.56 19.20
C ALA C 494 -23.82 11.98 19.97
N LEU C 495 -23.25 11.04 20.72
CA LEU C 495 -22.06 11.33 21.52
C LEU C 495 -20.79 11.33 20.68
N LEU C 496 -20.69 10.35 19.77
CA LEU C 496 -19.53 10.24 18.89
C LEU C 496 -19.35 11.48 18.02
N ARG C 497 -20.42 11.90 17.36
CA ARG C 497 -20.36 13.08 16.50
C ARG C 497 -19.56 14.19 17.20
N ASP C 498 -19.77 14.34 18.51
CA ASP C 498 -19.08 15.33 19.34
C ASP C 498 -19.23 16.79 18.90
N SER C 499 -20.37 17.39 19.22
CA SER C 499 -20.64 18.77 18.83
C SER C 499 -20.50 19.76 20.00
N PRO C 500 -20.47 21.06 19.68
CA PRO C 500 -20.36 22.11 20.70
C PRO C 500 -21.67 22.29 21.46
N ILE C 501 -22.78 22.01 20.78
CA ILE C 501 -24.10 22.12 21.40
C ILE C 501 -24.78 20.73 21.37
N LEU C 502 -24.98 20.17 22.56
CA LEU C 502 -25.59 18.84 22.69
C LEU C 502 -26.93 18.82 23.41
N ILE C 503 -27.97 18.39 22.70
CA ILE C 503 -29.31 18.33 23.28
C ILE C 503 -29.75 16.88 23.52
N LEU C 504 -30.07 16.57 24.77
CA LEU C 504 -30.53 15.23 25.14
C LEU C 504 -31.97 15.31 25.58
N ASP C 505 -32.90 15.15 24.64
CA ASP C 505 -34.30 15.24 24.98
C ASP C 505 -34.85 14.01 25.68
N GLU C 506 -34.76 14.04 27.01
CA GLU C 506 -35.24 12.95 27.85
C GLU C 506 -34.51 11.69 27.45
N ALA C 507 -33.22 11.83 27.22
CA ALA C 507 -32.37 10.73 26.79
C ALA C 507 -32.32 9.50 27.71
N THR C 508 -32.87 9.60 28.91
CA THR C 508 -32.85 8.46 29.82
C THR C 508 -34.08 7.58 29.65
N SER C 509 -35.17 8.22 29.21
CA SER C 509 -36.47 7.58 28.98
C SER C 509 -36.69 6.21 29.61
N ALA C 510 -36.06 5.19 29.04
CA ALA C 510 -36.22 3.84 29.56
C ALA C 510 -34.86 3.26 29.93
N LEU C 511 -34.39 3.55 31.13
CA LEU C 511 -33.09 3.05 31.52
C LEU C 511 -32.94 2.46 32.92
N ASP C 512 -32.13 1.40 32.96
CA ASP C 512 -31.79 0.70 34.18
C ASP C 512 -31.24 1.80 35.06
N THR C 513 -31.93 2.14 36.15
CA THR C 513 -31.49 3.22 37.03
C THR C 513 -29.98 3.26 37.20
N GLU C 514 -29.38 2.12 37.52
CA GLU C 514 -27.93 2.07 37.71
C GLU C 514 -27.26 2.49 36.41
N SER C 515 -27.67 1.87 35.31
CA SER C 515 -27.12 2.17 33.99
C SER C 515 -27.28 3.65 33.69
N GLU C 516 -28.45 4.17 34.06
CA GLU C 516 -28.73 5.58 33.84
C GLU C 516 -27.62 6.40 34.45
N ARG C 517 -27.53 6.36 35.78
CA ARG C 517 -26.53 7.11 36.50
C ARG C 517 -25.13 6.89 35.91
N ALA C 518 -24.90 5.71 35.36
CA ALA C 518 -23.61 5.40 34.75
C ALA C 518 -23.36 6.38 33.60
N ILE C 519 -24.35 6.50 32.73
CA ILE C 519 -24.23 7.42 31.61
C ILE C 519 -24.04 8.81 32.18
N GLN C 520 -24.92 9.19 33.11
CA GLN C 520 -24.86 10.50 33.74
C GLN C 520 -23.41 10.88 34.08
N ALA C 521 -22.71 9.98 34.76
CA ALA C 521 -21.32 10.21 35.13
C ALA C 521 -20.54 10.47 33.85
N ALA C 522 -20.70 9.57 32.89
CA ALA C 522 -20.03 9.69 31.62
C ALA C 522 -20.32 11.07 31.03
N LEU C 523 -21.59 11.46 30.99
CA LEU C 523 -21.97 12.76 30.46
C LEU C 523 -21.13 13.84 31.10
N ASP C 524 -21.28 13.99 32.42
CA ASP C 524 -20.52 15.00 33.16
C ASP C 524 -19.07 15.08 32.73
N GLU C 525 -18.42 13.93 32.62
CA GLU C 525 -17.02 13.86 32.22
C GLU C 525 -16.77 14.56 30.88
N LEU C 526 -17.63 14.33 29.90
CA LEU C 526 -17.45 14.96 28.59
C LEU C 526 -18.05 16.36 28.54
N GLN C 527 -19.36 16.46 28.73
CA GLN C 527 -20.07 17.75 28.69
C GLN C 527 -19.42 18.84 29.56
N LYS C 528 -18.44 18.46 30.38
CA LYS C 528 -17.76 19.40 31.25
C LYS C 528 -17.22 20.61 30.47
N ASN C 529 -16.91 20.39 29.18
CA ASN C 529 -16.37 21.48 28.37
C ASN C 529 -17.42 22.09 27.44
N ARG C 530 -18.07 21.25 26.65
CA ARG C 530 -19.09 21.68 25.69
C ARG C 530 -20.33 22.29 26.33
N THR C 531 -21.22 22.78 25.48
CA THR C 531 -22.48 23.37 25.92
C THR C 531 -23.51 22.26 25.90
N SER C 532 -24.14 22.00 27.03
CA SER C 532 -25.11 20.93 27.09
C SER C 532 -26.50 21.36 27.57
N LEU C 533 -27.51 20.99 26.78
CA LEU C 533 -28.89 21.29 27.09
C LEU C 533 -29.60 19.94 27.25
N VAL C 534 -29.75 19.52 28.50
CA VAL C 534 -30.42 18.26 28.78
C VAL C 534 -31.83 18.54 29.25
N ILE C 535 -32.79 17.80 28.71
CA ILE C 535 -34.19 17.99 29.04
C ILE C 535 -34.85 16.65 29.35
N ALA C 536 -34.86 16.27 30.64
CA ALA C 536 -35.45 15.01 31.07
C ALA C 536 -36.53 15.19 32.14
N HIS C 537 -37.06 14.08 32.62
CA HIS C 537 -38.09 14.09 33.65
C HIS C 537 -37.55 13.51 34.96
N ARG C 538 -36.66 12.53 34.87
CA ARG C 538 -36.11 11.95 36.07
C ARG C 538 -35.06 12.86 36.70
N LEU C 539 -35.58 13.87 37.39
CA LEU C 539 -34.81 14.90 38.09
C LEU C 539 -33.44 14.49 38.62
N SER C 540 -33.35 13.24 39.04
CA SER C 540 -32.10 12.71 39.58
C SER C 540 -30.92 13.08 38.69
N THR C 541 -31.17 13.25 37.39
CA THR C 541 -30.11 13.60 36.45
C THR C 541 -30.09 15.09 36.12
N ILE C 542 -30.29 15.92 37.13
CA ILE C 542 -30.31 17.36 36.93
C ILE C 542 -29.83 18.05 38.20
N GLU C 543 -30.04 17.39 39.33
CA GLU C 543 -29.65 17.92 40.63
C GLU C 543 -28.33 18.68 40.60
N GLN C 544 -27.51 18.41 39.58
CA GLN C 544 -26.21 19.06 39.45
C GLN C 544 -26.02 19.75 38.09
N ALA C 545 -27.03 20.48 37.66
CA ALA C 545 -26.99 21.20 36.39
C ALA C 545 -26.67 22.67 36.68
N ASP C 546 -25.96 23.31 35.75
CA ASP C 546 -25.60 24.71 35.91
C ASP C 546 -26.83 25.60 36.08
N GLU C 547 -27.97 25.12 35.61
CA GLU C 547 -29.22 25.85 35.75
C GLU C 547 -30.39 25.02 35.27
N ILE C 548 -31.52 25.15 35.96
CA ILE C 548 -32.73 24.41 35.61
C ILE C 548 -33.87 25.34 35.23
N VAL C 549 -34.41 25.13 34.04
CA VAL C 549 -35.51 25.94 33.55
C VAL C 549 -36.85 25.25 33.71
N VAL C 550 -37.56 25.63 34.77
CA VAL C 550 -38.87 25.07 35.05
C VAL C 550 -39.81 25.73 34.06
N VAL C 551 -40.55 24.92 33.31
CA VAL C 551 -41.47 25.46 32.34
C VAL C 551 -42.81 24.73 32.30
N GLU C 552 -43.88 25.51 32.34
CA GLU C 552 -45.22 24.95 32.30
C GLU C 552 -46.12 25.71 31.35
N ASP C 553 -47.02 24.97 30.72
CA ASP C 553 -47.98 25.51 29.76
C ASP C 553 -47.34 26.49 28.78
N GLY C 554 -46.50 25.96 27.90
CA GLY C 554 -45.86 26.77 26.88
C GLY C 554 -45.02 27.96 27.35
N ILE C 555 -44.94 28.18 28.65
CA ILE C 555 -44.14 29.30 29.14
C ILE C 555 -43.27 29.03 30.36
N ILE C 556 -42.05 29.53 30.29
CA ILE C 556 -41.05 29.38 31.35
C ILE C 556 -41.57 30.01 32.65
N VAL C 557 -41.18 29.44 33.79
CA VAL C 557 -41.64 29.96 35.08
C VAL C 557 -40.58 30.00 36.18
N GLU C 558 -39.40 29.44 35.93
CA GLU C 558 -38.38 29.48 36.97
C GLU C 558 -36.99 29.01 36.53
N ARG C 559 -35.98 29.84 36.74
CA ARG C 559 -34.60 29.51 36.40
C ARG C 559 -33.78 29.47 37.69
N GLY C 560 -33.35 28.30 38.12
CA GLY C 560 -32.56 28.25 39.34
C GLY C 560 -31.80 26.96 39.56
N THR C 561 -30.89 26.99 40.53
CA THR C 561 -30.11 25.81 40.87
C THR C 561 -31.00 24.81 41.56
N HIS C 562 -30.60 23.54 41.53
CA HIS C 562 -31.37 22.50 42.19
C HIS C 562 -31.76 23.08 43.55
N SER C 563 -30.83 23.85 44.09
CA SER C 563 -30.98 24.49 45.39
C SER C 563 -32.03 25.61 45.42
N GLU C 564 -31.75 26.71 44.70
CA GLU C 564 -32.66 27.86 44.66
C GLU C 564 -34.10 27.43 44.44
N LEU C 565 -34.31 26.67 43.37
CA LEU C 565 -35.63 26.16 43.01
C LEU C 565 -36.26 25.45 44.20
N LEU C 566 -35.59 24.40 44.65
CA LEU C 566 -36.06 23.61 45.78
C LEU C 566 -36.55 24.55 46.89
N ALA C 567 -35.64 25.41 47.34
CA ALA C 567 -35.93 26.37 48.40
C ALA C 567 -37.12 27.26 48.09
N GLN C 568 -37.19 27.74 46.85
CA GLN C 568 -38.26 28.63 46.43
C GLN C 568 -39.67 28.03 46.54
N HIS C 569 -39.76 26.71 46.53
CA HIS C 569 -41.06 26.03 46.63
C HIS C 569 -42.05 26.43 45.56
N GLY C 570 -41.55 26.53 44.32
CA GLY C 570 -42.38 26.92 43.21
C GLY C 570 -42.45 25.87 42.12
N VAL C 571 -43.53 25.08 42.17
CA VAL C 571 -43.82 24.02 41.23
C VAL C 571 -42.64 23.07 40.90
N TYR C 572 -41.38 23.51 40.96
CA TYR C 572 -40.25 22.60 40.74
C TYR C 572 -40.23 21.70 41.97
N ALA C 573 -40.11 22.34 43.13
CA ALA C 573 -40.11 21.65 44.41
C ALA C 573 -41.25 20.64 44.43
N GLN C 574 -42.43 21.10 44.01
CA GLN C 574 -43.60 20.24 43.98
C GLN C 574 -43.24 18.94 43.28
N LEU C 575 -42.72 19.05 42.06
CA LEU C 575 -42.33 17.87 41.30
C LEU C 575 -41.26 17.07 42.03
N HIS C 576 -40.32 17.75 42.66
CA HIS C 576 -39.26 17.06 43.38
C HIS C 576 -39.78 16.38 44.63
N LYS C 577 -41.02 16.72 45.01
CA LYS C 577 -41.65 16.11 46.17
C LYS C 577 -42.25 14.84 45.60
N MET C 578 -43.10 15.01 44.59
CA MET C 578 -43.75 13.90 43.92
C MET C 578 -42.69 12.86 43.58
N GLN C 579 -41.45 13.33 43.48
CA GLN C 579 -40.29 12.51 43.16
C GLN C 579 -40.39 11.09 43.69
N PHE C 580 -40.90 10.95 44.92
CA PHE C 580 -41.04 9.65 45.54
C PHE C 580 -42.34 9.50 46.32
N GLY C 581 -42.31 8.80 47.44
CA GLY C 581 -43.52 8.62 48.24
C GLY C 581 -43.86 7.16 48.53
N TRP D 10 -50.97 -25.02 -17.82
CA TRP D 10 -51.17 -25.85 -16.59
C TRP D 10 -50.07 -25.53 -15.56
N GLN D 11 -50.15 -26.17 -14.40
CA GLN D 11 -49.11 -25.96 -13.39
C GLN D 11 -49.09 -24.51 -12.86
N THR D 12 -47.90 -23.98 -12.57
CA THR D 12 -47.84 -22.61 -12.07
C THR D 12 -48.86 -21.73 -12.80
N PHE D 13 -48.77 -21.70 -14.13
CA PHE D 13 -49.69 -20.89 -14.93
C PHE D 13 -51.07 -21.31 -14.44
N ARG D 14 -51.25 -22.62 -14.48
CA ARG D 14 -52.46 -23.29 -14.07
C ARG D 14 -52.93 -22.87 -12.70
N ARG D 15 -52.04 -22.98 -11.71
CA ARG D 15 -52.40 -22.63 -10.36
C ARG D 15 -52.91 -21.20 -10.28
N LEU D 16 -52.65 -20.38 -11.30
CA LEU D 16 -53.12 -19.01 -11.29
C LEU D 16 -54.55 -18.92 -11.85
N TRP D 17 -54.88 -19.81 -12.79
CA TRP D 17 -56.24 -19.81 -13.35
C TRP D 17 -57.33 -19.87 -12.26
N PRO D 18 -57.08 -20.57 -11.13
CA PRO D 18 -58.11 -20.64 -10.08
C PRO D 18 -58.61 -19.26 -9.66
N THR D 19 -57.69 -18.35 -9.43
CA THR D 19 -58.05 -17.00 -9.01
C THR D 19 -58.62 -16.19 -10.16
N ILE D 20 -58.41 -16.66 -11.39
CA ILE D 20 -58.95 -15.94 -12.56
C ILE D 20 -60.36 -16.47 -12.87
N ALA D 21 -60.56 -17.75 -12.55
CA ALA D 21 -61.83 -18.43 -12.79
C ALA D 21 -63.05 -17.57 -12.48
N PRO D 22 -63.25 -17.20 -11.20
CA PRO D 22 -64.42 -16.37 -10.85
C PRO D 22 -64.62 -15.15 -11.75
N PHE D 23 -63.61 -14.82 -12.55
CA PHE D 23 -63.71 -13.67 -13.44
C PHE D 23 -63.73 -14.04 -14.93
N LYS D 24 -63.80 -15.34 -15.23
CA LYS D 24 -63.81 -15.82 -16.62
C LYS D 24 -64.93 -15.29 -17.54
N ALA D 25 -65.98 -14.73 -16.95
CA ALA D 25 -67.09 -14.17 -17.74
C ALA D 25 -66.56 -13.06 -18.65
N GLY D 26 -65.49 -12.42 -18.20
CA GLY D 26 -64.90 -11.34 -18.99
C GLY D 26 -64.08 -11.94 -20.12
N LEU D 27 -63.36 -13.02 -19.82
CA LEU D 27 -62.53 -13.72 -20.79
C LEU D 27 -63.37 -14.11 -22.01
N ILE D 28 -64.47 -14.81 -21.76
CA ILE D 28 -65.33 -15.24 -22.85
C ILE D 28 -65.97 -14.07 -23.61
N VAL D 29 -66.58 -13.14 -22.89
CA VAL D 29 -67.22 -11.98 -23.54
C VAL D 29 -66.28 -11.17 -24.42
N ALA D 30 -65.00 -11.18 -24.08
CA ALA D 30 -64.00 -10.45 -24.85
C ALA D 30 -63.59 -11.26 -26.09
N GLY D 31 -63.63 -12.58 -25.96
CA GLY D 31 -63.27 -13.46 -27.07
C GLY D 31 -64.36 -13.50 -28.13
N ILE D 32 -65.59 -13.30 -27.69
CA ILE D 32 -66.76 -13.26 -28.55
C ILE D 32 -66.76 -11.91 -29.27
N ALA D 33 -66.19 -10.90 -28.61
CA ALA D 33 -66.09 -9.58 -29.21
C ALA D 33 -65.04 -9.63 -30.32
N LEU D 34 -64.00 -10.44 -30.10
CA LEU D 34 -62.94 -10.61 -31.10
C LEU D 34 -63.59 -11.19 -32.37
N ILE D 35 -64.28 -12.31 -32.21
CA ILE D 35 -64.97 -12.98 -33.30
C ILE D 35 -65.81 -12.01 -34.13
N LEU D 36 -66.70 -11.27 -33.47
CA LEU D 36 -67.56 -10.31 -34.16
C LEU D 36 -66.81 -9.27 -34.97
N ASN D 37 -65.60 -8.90 -34.54
CA ASN D 37 -64.84 -7.93 -35.31
C ASN D 37 -64.28 -8.65 -36.54
N ALA D 38 -64.11 -9.97 -36.43
CA ALA D 38 -63.62 -10.77 -37.55
C ALA D 38 -64.65 -10.74 -38.68
N ALA D 39 -65.92 -10.89 -38.31
CA ALA D 39 -67.01 -10.86 -39.28
C ALA D 39 -67.09 -9.48 -39.91
N SER D 40 -66.89 -8.45 -39.08
CA SER D 40 -66.92 -7.08 -39.55
C SER D 40 -65.82 -6.82 -40.58
N ASP D 41 -64.81 -7.68 -40.58
CA ASP D 41 -63.69 -7.56 -41.52
C ASP D 41 -64.01 -8.18 -42.87
N THR D 42 -64.69 -9.33 -42.85
CA THR D 42 -65.05 -9.99 -44.11
C THR D 42 -65.98 -9.07 -44.92
N PHE D 43 -66.83 -8.31 -44.23
CA PHE D 43 -67.73 -7.40 -44.93
C PHE D 43 -67.02 -6.10 -45.38
N MET D 44 -66.09 -5.62 -44.55
CA MET D 44 -65.36 -4.41 -44.91
C MET D 44 -64.47 -4.63 -46.13
N LEU D 45 -64.08 -5.89 -46.35
CA LEU D 45 -63.26 -6.25 -47.49
C LEU D 45 -64.23 -6.37 -48.67
N SER D 46 -65.45 -6.80 -48.36
CA SER D 46 -66.49 -6.97 -49.36
C SER D 46 -67.20 -5.67 -49.76
N LEU D 47 -66.45 -4.58 -49.76
CA LEU D 47 -67.00 -3.28 -50.19
C LEU D 47 -65.87 -2.29 -50.52
N LEU D 48 -64.80 -2.33 -49.73
CA LEU D 48 -63.67 -1.42 -49.93
C LEU D 48 -62.83 -1.62 -51.19
N LYS D 49 -62.46 -2.85 -51.51
CA LYS D 49 -61.66 -3.11 -52.70
C LYS D 49 -62.47 -2.89 -53.99
N PRO D 50 -63.74 -3.31 -54.01
CA PRO D 50 -64.53 -3.11 -55.22
C PRO D 50 -64.71 -1.61 -55.56
N LEU D 51 -65.20 -0.83 -54.60
CA LEU D 51 -65.37 0.61 -54.83
C LEU D 51 -64.02 1.29 -55.01
N LEU D 52 -62.94 0.52 -54.88
CA LEU D 52 -61.58 1.04 -55.04
C LEU D 52 -61.37 1.44 -56.50
N ASP D 53 -60.97 0.47 -57.32
CA ASP D 53 -60.72 0.68 -58.74
C ASP D 53 -61.99 0.62 -59.59
N ASP D 54 -62.91 -0.28 -59.23
CA ASP D 54 -64.18 -0.44 -59.94
C ASP D 54 -65.13 0.68 -59.52
N GLY D 55 -64.59 1.63 -58.76
CA GLY D 55 -65.37 2.79 -58.30
C GLY D 55 -66.24 3.34 -59.41
N PHE D 56 -65.63 3.94 -60.44
CA PHE D 56 -66.40 4.45 -61.57
C PHE D 56 -66.69 3.22 -62.42
N GLY D 57 -67.65 2.44 -61.94
CA GLY D 57 -68.09 1.22 -62.59
C GLY D 57 -69.27 0.75 -61.78
N LYS D 58 -69.40 1.35 -60.59
CA LYS D 58 -70.49 1.05 -59.67
C LYS D 58 -71.05 2.37 -59.10
N THR D 59 -70.67 3.48 -59.73
CA THR D 59 -71.08 4.84 -59.34
C THR D 59 -72.57 5.12 -59.44
N ASP D 60 -73.34 4.54 -58.52
CA ASP D 60 -74.79 4.73 -58.49
C ASP D 60 -75.37 3.78 -57.44
N ARG D 61 -75.70 2.56 -57.88
CA ARG D 61 -76.24 1.54 -57.00
C ARG D 61 -75.30 1.22 -55.84
N SER D 62 -74.10 0.75 -56.18
CA SER D 62 -73.10 0.38 -55.19
C SER D 62 -72.75 1.61 -54.35
N VAL D 63 -72.07 2.55 -54.99
CA VAL D 63 -71.64 3.78 -54.36
C VAL D 63 -72.64 4.33 -53.33
N LEU D 64 -73.72 4.91 -53.85
CA LEU D 64 -74.74 5.52 -53.01
C LEU D 64 -75.40 4.61 -51.96
N LEU D 65 -76.13 3.60 -52.41
CA LEU D 65 -76.85 2.72 -51.48
C LEU D 65 -76.02 1.95 -50.44
N TRP D 66 -74.71 1.79 -50.65
CA TRP D 66 -73.90 1.05 -49.69
C TRP D 66 -73.06 1.92 -48.73
N MET D 67 -73.16 3.24 -48.90
CA MET D 67 -72.46 4.17 -48.01
C MET D 67 -73.01 4.08 -46.57
N PRO D 68 -74.35 4.12 -46.41
CA PRO D 68 -74.95 4.03 -45.07
C PRO D 68 -74.77 2.66 -44.43
N LEU D 69 -74.28 1.70 -45.20
CA LEU D 69 -74.06 0.37 -44.65
C LEU D 69 -72.60 0.28 -44.17
N VAL D 70 -71.78 1.25 -44.57
CA VAL D 70 -70.40 1.27 -44.10
C VAL D 70 -70.45 1.92 -42.72
N VAL D 71 -71.16 3.05 -42.64
CA VAL D 71 -71.30 3.79 -41.38
C VAL D 71 -72.03 2.94 -40.33
N ILE D 72 -72.98 2.12 -40.76
CA ILE D 72 -73.72 1.27 -39.84
C ILE D 72 -72.93 -0.04 -39.61
N GLY D 73 -72.39 -0.61 -40.67
CA GLY D 73 -71.62 -1.83 -40.54
C GLY D 73 -70.55 -1.64 -39.49
N LEU D 74 -69.83 -0.52 -39.61
CA LEU D 74 -68.74 -0.17 -38.71
C LEU D 74 -69.21 0.29 -37.33
N MET D 75 -69.91 1.42 -37.26
CA MET D 75 -70.37 1.91 -35.96
C MET D 75 -70.91 0.74 -35.13
N ILE D 76 -71.98 0.13 -35.60
CA ILE D 76 -72.59 -1.00 -34.89
C ILE D 76 -71.55 -2.08 -34.55
N LEU D 77 -71.16 -2.89 -35.52
CA LEU D 77 -70.21 -3.96 -35.26
C LEU D 77 -68.85 -3.47 -34.74
N ARG D 78 -68.11 -2.74 -35.56
CA ARG D 78 -66.79 -2.24 -35.18
C ARG D 78 -66.78 -1.51 -33.84
N GLY D 79 -67.45 -0.37 -33.78
CA GLY D 79 -67.51 0.42 -32.55
C GLY D 79 -67.96 -0.30 -31.30
N ILE D 80 -69.16 -0.86 -31.33
CA ILE D 80 -69.68 -1.59 -30.17
C ILE D 80 -68.81 -2.79 -29.80
N THR D 81 -68.18 -3.43 -30.79
CA THR D 81 -67.32 -4.58 -30.51
C THR D 81 -65.96 -4.19 -29.91
N SER D 82 -65.48 -3.00 -30.29
CA SER D 82 -64.20 -2.49 -29.78
C SER D 82 -64.36 -2.23 -28.29
N TYR D 83 -65.51 -1.65 -27.93
CA TYR D 83 -65.85 -1.32 -26.56
C TYR D 83 -66.33 -2.57 -25.79
N ILE D 84 -66.50 -3.69 -26.48
CA ILE D 84 -66.90 -4.95 -25.83
C ILE D 84 -65.61 -5.61 -25.38
N SER D 85 -64.58 -5.46 -26.21
CA SER D 85 -63.26 -6.02 -25.93
C SER D 85 -62.61 -5.28 -24.77
N SER D 86 -62.42 -3.98 -24.93
CA SER D 86 -61.83 -3.16 -23.86
C SER D 86 -62.67 -3.41 -22.61
N TYR D 87 -63.98 -3.29 -22.78
CA TYR D 87 -64.95 -3.50 -21.71
C TYR D 87 -64.61 -4.70 -20.80
N CYS D 88 -64.80 -5.90 -21.31
CA CYS D 88 -64.56 -7.12 -20.55
C CYS D 88 -63.10 -7.51 -20.26
N ILE D 89 -62.14 -7.01 -21.05
CA ILE D 89 -60.75 -7.36 -20.78
C ILE D 89 -60.16 -6.57 -19.61
N SER D 90 -60.30 -5.25 -19.66
CA SER D 90 -59.79 -4.40 -18.59
C SER D 90 -60.39 -4.86 -17.28
N TRP D 91 -61.68 -5.23 -17.33
CA TRP D 91 -62.37 -5.69 -16.12
C TRP D 91 -61.75 -6.95 -15.52
N VAL D 92 -61.58 -7.98 -16.35
CA VAL D 92 -61.02 -9.24 -15.84
C VAL D 92 -59.67 -9.06 -15.16
N SER D 93 -58.85 -8.13 -15.67
CA SER D 93 -57.54 -7.87 -15.07
C SER D 93 -57.68 -7.07 -13.78
N GLY D 94 -58.25 -5.87 -13.89
CA GLY D 94 -58.43 -5.01 -12.73
C GLY D 94 -58.90 -5.75 -11.49
N LYS D 95 -59.76 -6.76 -11.68
CA LYS D 95 -60.25 -7.52 -10.55
C LYS D 95 -59.24 -8.55 -10.07
N VAL D 96 -58.66 -9.32 -11.00
CA VAL D 96 -57.68 -10.32 -10.58
C VAL D 96 -56.47 -9.67 -9.89
N VAL D 97 -56.10 -8.47 -10.31
CA VAL D 97 -54.97 -7.78 -9.71
C VAL D 97 -55.32 -7.29 -8.31
N MET D 98 -56.31 -6.42 -8.22
CA MET D 98 -56.71 -5.90 -6.93
C MET D 98 -57.16 -7.01 -5.97
N THR D 99 -57.65 -8.12 -6.51
CA THR D 99 -58.06 -9.21 -5.63
C THR D 99 -56.80 -9.94 -5.20
N MET D 100 -55.75 -9.81 -6.01
CA MET D 100 -54.49 -10.45 -5.69
C MET D 100 -53.89 -9.76 -4.47
N ARG D 101 -53.59 -8.47 -4.64
CA ARG D 101 -53.00 -7.67 -3.57
C ARG D 101 -53.85 -7.71 -2.32
N ARG D 102 -55.15 -7.93 -2.49
CA ARG D 102 -56.04 -8.01 -1.34
C ARG D 102 -55.63 -9.24 -0.54
N ARG D 103 -55.51 -10.36 -1.25
CA ARG D 103 -55.13 -11.61 -0.63
C ARG D 103 -53.77 -11.58 0.08
N LEU D 104 -52.81 -10.85 -0.48
CA LEU D 104 -51.49 -10.76 0.15
C LEU D 104 -51.58 -9.95 1.43
N PHE D 105 -52.05 -8.71 1.32
CA PHE D 105 -52.23 -7.82 2.46
C PHE D 105 -52.63 -8.65 3.68
N GLY D 106 -53.81 -9.27 3.57
CA GLY D 106 -54.31 -10.10 4.66
C GLY D 106 -53.33 -11.17 5.09
N HIS D 107 -52.82 -11.94 4.14
CA HIS D 107 -51.86 -12.99 4.46
C HIS D 107 -50.67 -12.40 5.23
N MET D 108 -50.22 -11.24 4.76
CA MET D 108 -49.10 -10.53 5.36
C MET D 108 -49.27 -10.42 6.87
N MET D 109 -50.38 -9.83 7.30
CA MET D 109 -50.61 -9.68 8.72
C MET D 109 -50.95 -11.01 9.37
N GLY D 110 -51.14 -12.04 8.54
CA GLY D 110 -51.42 -13.35 9.07
C GLY D 110 -50.07 -14.00 9.32
N MET D 111 -49.04 -13.16 9.30
CA MET D 111 -47.66 -13.60 9.53
C MET D 111 -47.15 -13.25 10.93
N PRO D 112 -47.83 -13.72 11.99
CA PRO D 112 -47.34 -13.39 13.33
C PRO D 112 -45.82 -13.58 13.51
N VAL D 113 -45.27 -12.95 14.55
CA VAL D 113 -43.85 -13.08 14.90
C VAL D 113 -42.79 -12.23 14.20
N ALA D 114 -41.55 -12.65 14.43
CA ALA D 114 -40.32 -12.05 13.92
C ALA D 114 -40.24 -11.87 12.42
N PHE D 115 -41.31 -12.21 11.71
CA PHE D 115 -41.31 -12.02 10.26
C PHE D 115 -41.00 -10.55 10.01
N PHE D 116 -41.90 -9.68 10.48
CA PHE D 116 -41.76 -8.24 10.34
C PHE D 116 -40.48 -7.70 10.95
N ASP D 117 -39.87 -8.50 11.80
CA ASP D 117 -38.64 -8.12 12.44
C ASP D 117 -37.51 -8.18 11.42
N LYS D 118 -37.38 -9.33 10.78
CA LYS D 118 -36.31 -9.51 9.81
C LYS D 118 -36.26 -8.49 8.66
N GLN D 119 -37.10 -8.65 7.64
CA GLN D 119 -37.03 -7.73 6.52
C GLN D 119 -37.74 -6.40 6.63
N SER D 120 -37.19 -5.42 5.92
CA SER D 120 -37.70 -4.06 5.89
C SER D 120 -39.16 -4.05 5.44
N THR D 121 -39.97 -3.26 6.12
CA THR D 121 -41.38 -3.15 5.78
C THR D 121 -41.52 -2.75 4.32
N GLY D 122 -40.55 -1.97 3.84
CA GLY D 122 -40.56 -1.51 2.46
C GLY D 122 -40.69 -2.62 1.44
N THR D 123 -39.92 -3.69 1.61
CA THR D 123 -39.99 -4.81 0.66
C THR D 123 -41.40 -5.37 0.60
N LEU D 124 -42.03 -5.51 1.75
CA LEU D 124 -43.39 -6.05 1.81
C LEU D 124 -44.34 -5.10 1.10
N LEU D 125 -44.30 -3.86 1.55
CA LEU D 125 -45.12 -2.81 0.97
C LEU D 125 -45.04 -2.93 -0.56
N SER D 126 -43.81 -2.96 -1.05
CA SER D 126 -43.55 -3.08 -2.47
C SER D 126 -44.32 -4.24 -3.07
N ARG D 127 -44.09 -5.44 -2.55
CA ARG D 127 -44.77 -6.64 -3.04
C ARG D 127 -46.22 -6.38 -3.39
N ILE D 128 -46.97 -5.80 -2.45
CA ILE D 128 -48.37 -5.51 -2.72
C ILE D 128 -48.48 -4.67 -3.97
N THR D 129 -48.07 -3.40 -3.84
CA THR D 129 -48.12 -2.45 -4.94
C THR D 129 -47.64 -2.96 -6.30
N TYR D 130 -46.31 -3.04 -6.44
CA TYR D 130 -45.70 -3.44 -7.69
C TYR D 130 -45.90 -4.88 -8.21
N ASP D 131 -45.66 -5.88 -7.38
CA ASP D 131 -45.80 -7.27 -7.81
C ASP D 131 -47.19 -7.64 -8.31
N SER D 132 -48.21 -7.18 -7.60
CA SER D 132 -49.57 -7.48 -8.02
C SER D 132 -49.82 -6.87 -9.40
N GLU D 133 -49.50 -5.59 -9.57
CA GLU D 133 -49.69 -4.94 -10.88
C GLU D 133 -49.19 -5.76 -12.06
N GLN D 134 -48.00 -6.33 -11.90
CA GLN D 134 -47.39 -7.15 -12.95
C GLN D 134 -48.27 -8.32 -13.38
N VAL D 135 -48.50 -9.25 -12.47
CA VAL D 135 -49.32 -10.43 -12.78
C VAL D 135 -50.65 -10.02 -13.43
N ALA D 136 -51.07 -8.78 -13.18
CA ALA D 136 -52.31 -8.26 -13.74
C ALA D 136 -52.27 -8.18 -15.26
N SER D 137 -51.39 -7.32 -15.78
CA SER D 137 -51.27 -7.15 -17.22
C SER D 137 -51.15 -8.49 -17.92
N SER D 138 -50.35 -9.39 -17.32
CA SER D 138 -50.15 -10.72 -17.87
C SER D 138 -51.47 -11.45 -18.13
N SER D 139 -52.22 -11.68 -17.06
CA SER D 139 -53.50 -12.38 -17.19
C SER D 139 -54.37 -11.87 -18.34
N SER D 140 -54.69 -10.58 -18.33
CA SER D 140 -55.55 -10.01 -19.37
C SER D 140 -55.03 -9.99 -20.82
N GLY D 141 -54.31 -8.92 -21.16
CA GLY D 141 -53.80 -8.76 -22.51
C GLY D 141 -53.01 -9.91 -23.11
N ALA D 142 -52.30 -10.66 -22.26
CA ALA D 142 -51.51 -11.77 -22.75
C ALA D 142 -52.35 -13.01 -23.06
N LEU D 143 -53.27 -13.36 -22.18
CA LEU D 143 -54.10 -14.52 -22.47
C LEU D 143 -54.83 -14.30 -23.78
N ILE D 144 -55.28 -13.06 -24.00
CA ILE D 144 -56.00 -12.75 -25.23
C ILE D 144 -55.14 -12.96 -26.47
N THR D 145 -53.91 -12.47 -26.46
CA THR D 145 -53.04 -12.63 -27.64
C THR D 145 -52.34 -14.00 -27.73
N VAL D 146 -52.10 -14.65 -26.60
CA VAL D 146 -51.45 -15.97 -26.61
C VAL D 146 -52.41 -17.00 -27.18
N VAL D 147 -53.70 -16.67 -27.15
CA VAL D 147 -54.73 -17.55 -27.69
C VAL D 147 -55.14 -17.06 -29.09
N ARG D 148 -54.96 -15.77 -29.34
CA ARG D 148 -55.28 -15.13 -30.61
C ARG D 148 -54.20 -15.45 -31.64
N GLU D 149 -52.98 -14.96 -31.40
CA GLU D 149 -51.86 -15.23 -32.29
C GLU D 149 -51.51 -16.70 -32.07
N GLY D 150 -52.00 -17.23 -30.95
CA GLY D 150 -51.76 -18.63 -30.64
C GLY D 150 -52.56 -19.55 -31.54
N ALA D 151 -53.84 -19.21 -31.75
CA ALA D 151 -54.73 -19.99 -32.61
C ALA D 151 -54.42 -19.71 -34.07
N SER D 152 -53.77 -18.56 -34.31
CA SER D 152 -53.37 -18.17 -35.66
C SER D 152 -52.27 -19.12 -36.12
N ILE D 153 -51.34 -19.40 -35.20
CA ILE D 153 -50.22 -20.33 -35.46
C ILE D 153 -50.75 -21.76 -35.60
N ILE D 154 -51.82 -22.06 -34.85
CA ILE D 154 -52.43 -23.40 -34.89
C ILE D 154 -53.05 -23.67 -36.26
N GLY D 155 -53.67 -22.64 -36.84
CA GLY D 155 -54.29 -22.78 -38.15
C GLY D 155 -53.30 -22.86 -39.29
N LEU D 156 -52.24 -22.05 -39.22
CA LEU D 156 -51.22 -22.05 -40.26
C LEU D 156 -50.36 -23.32 -40.27
N PHE D 157 -50.17 -23.96 -39.11
CA PHE D 157 -49.38 -25.18 -39.08
C PHE D 157 -50.19 -26.42 -39.46
N ILE D 158 -51.50 -26.42 -39.18
CA ILE D 158 -52.36 -27.55 -39.54
C ILE D 158 -52.70 -27.43 -41.03
N MET D 159 -52.51 -26.22 -41.56
CA MET D 159 -52.77 -25.93 -42.95
C MET D 159 -51.62 -26.43 -43.82
N MET D 160 -50.42 -25.94 -43.55
CA MET D 160 -49.24 -26.38 -44.32
C MET D 160 -49.03 -27.88 -44.09
N PHE D 161 -49.62 -28.37 -43.01
CA PHE D 161 -49.54 -29.77 -42.60
C PHE D 161 -49.73 -30.74 -43.77
N TYR D 162 -50.98 -31.08 -44.09
CA TYR D 162 -51.28 -32.00 -45.19
C TYR D 162 -51.34 -31.30 -46.56
N TYR D 163 -51.80 -30.05 -46.56
CA TYR D 163 -51.92 -29.23 -47.77
C TYR D 163 -50.60 -29.18 -48.57
N SER D 164 -49.49 -29.52 -47.92
CA SER D 164 -48.19 -29.52 -48.59
C SER D 164 -47.19 -30.27 -47.73
N TRP D 165 -47.43 -31.56 -47.51
CA TRP D 165 -46.57 -32.38 -46.67
C TRP D 165 -45.07 -32.21 -46.91
N GLN D 166 -44.69 -31.71 -48.09
CA GLN D 166 -43.27 -31.51 -48.40
C GLN D 166 -42.68 -30.33 -47.63
N LEU D 167 -43.38 -29.20 -47.65
CA LEU D 167 -42.91 -28.01 -46.96
C LEU D 167 -43.21 -28.13 -45.46
N SER D 168 -44.13 -29.03 -45.10
CA SER D 168 -44.46 -29.26 -43.70
C SER D 168 -43.32 -30.06 -43.08
N ILE D 169 -42.46 -30.62 -43.94
CA ILE D 169 -41.30 -31.37 -43.47
C ILE D 169 -40.16 -30.36 -43.24
N ILE D 170 -40.52 -29.07 -43.30
CA ILE D 170 -39.60 -27.96 -43.06
C ILE D 170 -40.04 -27.36 -41.73
N LEU D 171 -41.36 -27.36 -41.52
CA LEU D 171 -41.93 -26.86 -40.28
C LEU D 171 -41.54 -27.82 -39.16
N VAL D 172 -41.44 -29.12 -39.47
CA VAL D 172 -41.06 -30.11 -38.47
C VAL D 172 -39.54 -30.22 -38.29
N VAL D 173 -38.84 -29.15 -38.65
CA VAL D 173 -37.38 -29.07 -38.51
C VAL D 173 -37.03 -27.75 -37.84
N LEU D 174 -37.88 -26.74 -38.04
CA LEU D 174 -37.64 -25.43 -37.44
C LEU D 174 -38.62 -25.07 -36.30
N ALA D 175 -39.79 -25.71 -36.29
CA ALA D 175 -40.79 -25.46 -35.25
C ALA D 175 -40.25 -25.83 -33.87
N PRO D 176 -39.53 -26.96 -33.76
CA PRO D 176 -38.97 -27.37 -32.46
C PRO D 176 -37.76 -26.52 -32.10
N ILE D 177 -37.13 -25.91 -33.10
CA ILE D 177 -35.96 -25.07 -32.87
C ILE D 177 -36.36 -23.67 -32.40
N VAL D 178 -37.43 -23.13 -32.97
CA VAL D 178 -37.90 -21.80 -32.57
C VAL D 178 -38.55 -21.96 -31.19
N SER D 179 -39.17 -23.11 -30.96
CA SER D 179 -39.84 -23.41 -29.70
C SER D 179 -38.86 -23.56 -28.54
N ILE D 180 -37.71 -24.17 -28.80
CA ILE D 180 -36.70 -24.37 -27.76
C ILE D 180 -35.92 -23.08 -27.48
N ALA D 181 -35.59 -22.35 -28.54
CA ALA D 181 -34.86 -21.10 -28.39
C ALA D 181 -35.73 -20.09 -27.64
N ILE D 182 -37.04 -20.19 -27.83
CA ILE D 182 -37.98 -19.28 -27.17
C ILE D 182 -38.27 -19.69 -25.72
N ARG D 183 -38.32 -20.99 -25.46
CA ARG D 183 -38.59 -21.48 -24.11
C ARG D 183 -37.48 -20.98 -23.20
N VAL D 184 -36.26 -20.96 -23.73
CA VAL D 184 -35.12 -20.48 -22.97
C VAL D 184 -35.20 -18.97 -22.73
N VAL D 185 -35.35 -18.19 -23.79
CA VAL D 185 -35.44 -16.74 -23.61
C VAL D 185 -36.55 -16.43 -22.60
N SER D 186 -37.55 -17.30 -22.55
CA SER D 186 -38.66 -17.12 -21.62
C SER D 186 -38.24 -17.29 -20.17
N LYS D 187 -37.34 -18.25 -19.90
CA LYS D 187 -36.88 -18.46 -18.54
C LYS D 187 -36.01 -17.30 -18.07
N ARG D 188 -35.29 -16.67 -19.01
CA ARG D 188 -34.47 -15.54 -18.61
C ARG D 188 -35.39 -14.34 -18.46
N PHE D 189 -36.61 -14.46 -18.98
CA PHE D 189 -37.58 -13.38 -18.85
C PHE D 189 -38.16 -13.47 -17.44
N ARG D 190 -38.53 -14.67 -17.05
CA ARG D 190 -39.08 -14.92 -15.71
C ARG D 190 -38.07 -14.41 -14.69
N SER D 191 -36.81 -14.81 -14.87
CA SER D 191 -35.75 -14.41 -13.95
C SER D 191 -35.46 -12.91 -13.95
N ILE D 192 -35.05 -12.34 -15.08
CA ILE D 192 -34.73 -10.91 -15.13
C ILE D 192 -35.84 -10.04 -14.54
N SER D 193 -37.10 -10.45 -14.69
CA SER D 193 -38.18 -9.66 -14.14
C SER D 193 -38.19 -9.81 -12.62
N LYS D 194 -38.08 -11.05 -12.15
CA LYS D 194 -38.06 -11.37 -10.72
C LYS D 194 -37.08 -10.45 -9.99
N ASN D 195 -35.80 -10.53 -10.38
CA ASN D 195 -34.79 -9.69 -9.75
C ASN D 195 -35.19 -8.23 -9.93
N MET D 196 -35.75 -7.93 -11.10
CA MET D 196 -36.18 -6.56 -11.40
C MET D 196 -37.16 -6.11 -10.32
N GLN D 197 -37.91 -7.08 -9.80
CA GLN D 197 -38.89 -6.82 -8.75
C GLN D 197 -38.18 -6.38 -7.47
N ASN D 198 -37.52 -7.35 -6.82
CA ASN D 198 -36.83 -7.08 -5.58
C ASN D 198 -36.15 -5.72 -5.63
N THR D 199 -35.49 -5.44 -6.76
CA THR D 199 -34.81 -4.17 -6.94
C THR D 199 -35.82 -3.06 -6.70
N MET D 200 -36.93 -3.09 -7.43
CA MET D 200 -37.97 -2.08 -7.25
C MET D 200 -38.33 -2.02 -5.77
N GLY D 201 -38.36 -3.20 -5.14
CA GLY D 201 -38.67 -3.26 -3.72
C GLY D 201 -37.68 -2.46 -2.91
N GLN D 202 -36.39 -2.66 -3.17
CA GLN D 202 -35.36 -1.95 -2.45
C GLN D 202 -35.43 -0.45 -2.69
N VAL D 203 -35.79 -0.06 -3.91
CA VAL D 203 -35.91 1.36 -4.20
C VAL D 203 -36.85 1.92 -3.15
N THR D 204 -37.91 1.16 -2.89
CA THR D 204 -38.91 1.54 -1.90
C THR D 204 -38.27 1.71 -0.54
N THR D 205 -37.71 0.62 -0.02
CA THR D 205 -37.08 0.65 1.29
C THR D 205 -36.19 1.87 1.46
N SER D 206 -35.23 2.07 0.55
CA SER D 206 -34.34 3.22 0.65
C SER D 206 -35.13 4.53 0.69
N ALA D 207 -36.30 4.54 0.05
CA ALA D 207 -37.14 5.73 0.03
C ALA D 207 -37.84 5.88 1.38
N GLU D 208 -38.32 4.77 1.94
CA GLU D 208 -39.00 4.84 3.24
C GLU D 208 -38.03 5.42 4.27
N GLN D 209 -36.87 4.76 4.42
CA GLN D 209 -35.87 5.21 5.36
C GLN D 209 -35.70 6.71 5.21
N MET D 210 -35.47 7.14 3.97
CA MET D 210 -35.31 8.56 3.70
C MET D 210 -36.32 9.38 4.50
N LEU D 211 -37.61 9.16 4.24
CA LEU D 211 -38.64 9.92 4.94
C LEU D 211 -38.72 9.62 6.44
N LYS D 212 -38.88 8.35 6.79
CA LYS D 212 -38.96 7.98 8.20
C LYS D 212 -37.84 8.61 9.03
N GLY D 213 -36.64 8.68 8.44
CA GLY D 213 -35.50 9.23 9.15
C GLY D 213 -35.20 10.70 8.94
N HIS D 214 -36.18 11.45 8.42
CA HIS D 214 -35.98 12.88 8.19
C HIS D 214 -35.29 13.60 9.34
N LYS D 215 -35.95 13.65 10.49
CA LYS D 215 -35.40 14.31 11.67
C LYS D 215 -33.91 14.02 11.74
N GLU D 216 -33.60 12.73 11.82
CA GLU D 216 -32.22 12.29 11.87
C GLU D 216 -31.44 12.95 10.74
N VAL D 217 -31.67 12.46 9.54
CA VAL D 217 -31.00 12.94 8.32
C VAL D 217 -30.60 14.41 8.27
N LEU D 218 -31.20 15.25 9.10
CA LEU D 218 -30.83 16.66 9.09
C LEU D 218 -29.63 16.89 10.00
N ILE D 219 -29.79 16.61 11.29
CA ILE D 219 -28.70 16.77 12.25
C ILE D 219 -27.71 15.64 11.99
N PHE D 220 -28.26 14.55 11.46
CA PHE D 220 -27.55 13.33 11.06
C PHE D 220 -26.24 13.88 10.48
N GLY D 221 -26.37 14.53 9.33
CA GLY D 221 -25.26 15.10 8.62
C GLY D 221 -24.89 14.15 7.51
N GLY D 222 -25.91 13.73 6.77
CA GLY D 222 -25.67 12.81 5.69
C GLY D 222 -26.79 12.75 4.67
N GLN D 223 -27.52 13.83 4.51
CA GLN D 223 -28.60 13.87 3.53
C GLN D 223 -28.06 13.37 2.21
N GLU D 224 -26.82 13.72 1.89
CA GLU D 224 -26.21 13.29 0.66
C GLU D 224 -25.78 11.83 0.69
N VAL D 225 -25.44 11.30 1.87
CA VAL D 225 -25.06 9.90 1.99
C VAL D 225 -26.28 9.11 1.55
N GLU D 226 -27.44 9.71 1.81
CA GLU D 226 -28.71 9.11 1.45
C GLU D 226 -28.87 9.24 -0.06
N THR D 227 -28.63 10.44 -0.57
CA THR D 227 -28.74 10.68 -1.99
C THR D 227 -27.95 9.57 -2.66
N LYS D 228 -26.70 9.39 -2.23
CA LYS D 228 -25.86 8.35 -2.81
C LYS D 228 -26.52 6.98 -2.76
N ARG D 229 -26.96 6.55 -1.57
CA ARG D 229 -27.59 5.23 -1.47
C ARG D 229 -28.70 5.08 -2.50
N PHE D 230 -29.50 6.13 -2.67
CA PHE D 230 -30.61 6.09 -3.61
C PHE D 230 -30.16 5.97 -5.07
N ASP D 231 -29.24 6.83 -5.48
CA ASP D 231 -28.76 6.80 -6.86
C ASP D 231 -28.31 5.39 -7.21
N LYS D 232 -27.64 4.75 -6.27
CA LYS D 232 -27.17 3.40 -6.51
C LYS D 232 -28.33 2.43 -6.70
N VAL D 233 -29.38 2.57 -5.90
CA VAL D 233 -30.52 1.67 -6.06
C VAL D 233 -31.35 2.06 -7.28
N SER D 234 -31.68 3.33 -7.41
CA SER D 234 -32.45 3.81 -8.55
C SER D 234 -31.83 3.26 -9.82
N ASN D 235 -30.54 3.56 -10.00
CA ASN D 235 -29.78 3.12 -11.15
C ASN D 235 -29.89 1.60 -11.32
N LYS D 236 -29.59 0.85 -10.26
CA LYS D 236 -29.68 -0.61 -10.32
C LYS D 236 -31.06 -1.04 -10.81
N MET D 237 -31.99 -0.08 -10.86
CA MET D 237 -33.33 -0.38 -11.33
C MET D 237 -33.39 -0.14 -12.84
N ARG D 238 -33.06 1.07 -13.28
CA ARG D 238 -33.08 1.40 -14.70
C ARG D 238 -32.30 0.38 -15.50
N LEU D 239 -31.25 -0.16 -14.89
CA LEU D 239 -30.39 -1.14 -15.53
C LEU D 239 -30.88 -2.56 -15.30
N GLN D 240 -31.67 -2.75 -14.25
CA GLN D 240 -32.19 -4.08 -13.99
C GLN D 240 -33.17 -4.36 -15.12
N GLY D 241 -34.11 -3.45 -15.28
CA GLY D 241 -35.11 -3.58 -16.32
C GLY D 241 -34.51 -3.49 -17.70
N MET D 242 -33.64 -2.50 -17.91
CA MET D 242 -32.99 -2.33 -19.20
C MET D 242 -32.39 -3.68 -19.58
N LYS D 243 -31.86 -4.40 -18.59
CA LYS D 243 -31.27 -5.70 -18.82
C LYS D 243 -32.30 -6.59 -19.50
N MET D 244 -33.51 -6.64 -18.96
CA MET D 244 -34.54 -7.48 -19.59
C MET D 244 -34.96 -6.98 -20.97
N VAL D 245 -35.31 -5.71 -21.08
CA VAL D 245 -35.76 -5.13 -22.34
C VAL D 245 -34.81 -5.37 -23.51
N SER D 246 -33.50 -5.26 -23.27
CA SER D 246 -32.53 -5.49 -24.32
C SER D 246 -32.52 -6.98 -24.63
N ALA D 247 -32.63 -7.80 -23.59
CA ALA D 247 -32.65 -9.24 -23.76
C ALA D 247 -33.85 -9.63 -24.63
N SER D 248 -34.92 -8.85 -24.52
CA SER D 248 -36.11 -9.12 -25.30
C SER D 248 -35.94 -8.61 -26.74
N SER D 249 -35.22 -7.51 -26.89
CA SER D 249 -34.98 -6.94 -28.21
C SER D 249 -34.23 -7.90 -29.13
N ILE D 250 -33.12 -8.46 -28.65
CA ILE D 250 -32.36 -9.40 -29.48
C ILE D 250 -33.15 -10.70 -29.61
N SER D 251 -34.08 -10.93 -28.68
CA SER D 251 -34.91 -12.12 -28.71
C SER D 251 -35.76 -12.16 -30.00
N ASP D 252 -36.24 -11.00 -30.44
CA ASP D 252 -37.07 -10.95 -31.66
C ASP D 252 -36.28 -11.27 -32.94
N PRO D 253 -35.34 -10.39 -33.36
CA PRO D 253 -34.59 -10.71 -34.58
C PRO D 253 -34.04 -12.14 -34.66
N ILE D 254 -33.73 -12.76 -33.51
CA ILE D 254 -33.23 -14.13 -33.57
C ILE D 254 -34.34 -15.08 -34.01
N ILE D 255 -35.57 -14.85 -33.55
CA ILE D 255 -36.68 -15.71 -33.97
C ILE D 255 -37.04 -15.39 -35.44
N GLN D 256 -36.69 -14.20 -35.91
CA GLN D 256 -36.94 -13.82 -37.30
C GLN D 256 -36.05 -14.72 -38.15
N LEU D 257 -34.89 -15.03 -37.60
CA LEU D 257 -33.90 -15.88 -38.25
C LEU D 257 -34.52 -17.25 -38.53
N ILE D 258 -35.06 -17.89 -37.49
CA ILE D 258 -35.66 -19.21 -37.68
C ILE D 258 -36.82 -19.14 -38.69
N ALA D 259 -37.54 -18.01 -38.70
CA ALA D 259 -38.66 -17.82 -39.63
C ALA D 259 -38.14 -17.66 -41.05
N SER D 260 -37.15 -16.78 -41.20
CA SER D 260 -36.54 -16.50 -42.49
C SER D 260 -35.76 -17.73 -42.99
N LEU D 261 -35.63 -18.72 -42.12
CA LEU D 261 -34.92 -19.96 -42.45
C LEU D 261 -35.83 -20.95 -43.18
N ALA D 262 -37.00 -21.23 -42.60
CA ALA D 262 -37.93 -22.16 -43.25
C ALA D 262 -38.50 -21.52 -44.52
N LEU D 263 -38.53 -20.20 -44.54
CA LEU D 263 -39.02 -19.42 -45.67
C LEU D 263 -38.02 -19.42 -46.83
N ALA D 264 -36.74 -19.29 -46.50
CA ALA D 264 -35.70 -19.30 -47.52
C ALA D 264 -35.57 -20.73 -48.08
N PHE D 265 -35.90 -21.72 -47.25
CA PHE D 265 -35.86 -23.13 -47.63
C PHE D 265 -36.90 -23.34 -48.73
N VAL D 266 -37.99 -22.58 -48.64
CA VAL D 266 -39.03 -22.66 -49.66
C VAL D 266 -38.50 -22.12 -50.99
N LEU D 267 -37.70 -21.05 -50.95
CA LEU D 267 -37.14 -20.51 -52.19
C LEU D 267 -36.15 -21.47 -52.86
N TYR D 268 -35.43 -22.23 -52.04
CA TYR D 268 -34.45 -23.21 -52.53
C TYR D 268 -35.13 -24.40 -53.21
N ALA D 269 -36.31 -24.77 -52.70
CA ALA D 269 -37.07 -25.89 -53.27
C ALA D 269 -38.06 -25.42 -54.34
N ALA D 270 -37.98 -24.12 -54.67
CA ALA D 270 -38.84 -23.54 -55.69
C ALA D 270 -38.02 -23.35 -56.96
N SER D 271 -36.70 -23.40 -56.80
CA SER D 271 -35.77 -23.25 -57.92
C SER D 271 -35.52 -24.61 -58.61
N PHE D 272 -35.61 -25.69 -57.83
CA PHE D 272 -35.39 -27.04 -58.35
C PHE D 272 -36.65 -27.93 -58.30
N PRO D 273 -37.30 -28.05 -57.11
CA PRO D 273 -38.52 -28.87 -56.96
C PRO D 273 -39.75 -28.38 -57.74
N SER D 274 -39.90 -27.05 -57.90
CA SER D 274 -41.03 -26.54 -58.69
C SER D 274 -40.64 -26.77 -60.15
N VAL D 275 -39.33 -26.83 -60.38
CA VAL D 275 -38.75 -27.09 -61.68
C VAL D 275 -38.62 -28.62 -61.68
N MET D 276 -39.72 -29.22 -61.24
CA MET D 276 -39.92 -30.65 -61.10
C MET D 276 -41.42 -30.69 -60.80
N ASP D 277 -42.08 -29.57 -61.10
CA ASP D 277 -43.51 -29.44 -60.85
C ASP D 277 -43.74 -29.69 -59.35
N SER D 278 -44.88 -30.27 -59.00
CA SER D 278 -45.20 -30.55 -57.60
C SER D 278 -45.42 -29.30 -56.76
N LEU D 279 -44.92 -28.15 -57.22
CA LEU D 279 -45.09 -26.87 -56.52
C LEU D 279 -45.80 -25.90 -57.46
N THR D 280 -45.31 -25.84 -58.70
CA THR D 280 -45.88 -25.00 -59.74
C THR D 280 -46.19 -23.55 -59.31
N ALA D 281 -46.99 -22.84 -60.11
CA ALA D 281 -47.35 -21.45 -59.80
C ALA D 281 -48.66 -21.37 -59.01
N GLY D 282 -49.09 -22.50 -58.48
CA GLY D 282 -50.30 -22.54 -57.68
C GLY D 282 -49.91 -22.77 -56.24
N THR D 283 -49.00 -23.72 -56.03
CA THR D 283 -48.52 -24.03 -54.70
C THR D 283 -47.30 -23.17 -54.30
N ILE D 284 -46.50 -22.73 -55.28
CA ILE D 284 -45.34 -21.86 -55.00
C ILE D 284 -45.89 -20.45 -54.79
N THR D 285 -47.20 -20.37 -54.63
CA THR D 285 -47.87 -19.10 -54.44
C THR D 285 -48.60 -19.13 -53.09
N VAL D 286 -49.32 -20.22 -52.84
CA VAL D 286 -50.06 -20.34 -51.59
C VAL D 286 -49.26 -20.92 -50.42
N VAL D 287 -48.37 -21.86 -50.69
CA VAL D 287 -47.56 -22.45 -49.61
C VAL D 287 -46.49 -21.44 -49.16
N PHE D 288 -46.05 -20.61 -50.10
CA PHE D 288 -45.03 -19.59 -49.81
C PHE D 288 -45.70 -18.35 -49.21
N SER D 289 -46.89 -18.01 -49.70
CA SER D 289 -47.62 -16.86 -49.19
C SER D 289 -48.04 -17.18 -47.76
N SER D 290 -48.42 -18.44 -47.54
CA SER D 290 -48.84 -18.91 -46.23
C SER D 290 -47.65 -18.96 -45.27
N MET D 291 -46.46 -19.09 -45.84
CA MET D 291 -45.24 -19.12 -45.02
C MET D 291 -44.88 -17.73 -44.53
N ILE D 292 -44.75 -16.80 -45.48
CA ILE D 292 -44.41 -15.42 -45.17
C ILE D 292 -45.51 -14.76 -44.33
N ALA D 293 -46.65 -15.43 -44.23
CA ALA D 293 -47.77 -14.92 -43.43
C ALA D 293 -47.63 -15.44 -41.99
N LEU D 294 -47.53 -16.75 -41.83
CA LEU D 294 -47.41 -17.40 -40.51
C LEU D 294 -46.26 -16.89 -39.65
N MET D 295 -45.15 -16.51 -40.28
CA MET D 295 -44.01 -16.01 -39.51
C MET D 295 -44.31 -14.68 -38.81
N ARG D 296 -45.34 -13.97 -39.26
CA ARG D 296 -45.72 -12.69 -38.66
C ARG D 296 -46.44 -12.81 -37.30
N PRO D 297 -47.51 -13.63 -37.22
CA PRO D 297 -48.23 -13.78 -35.96
C PRO D 297 -47.38 -14.50 -34.91
N LEU D 298 -46.43 -15.31 -35.37
CA LEU D 298 -45.55 -16.00 -34.43
C LEU D 298 -44.54 -14.97 -33.90
N LYS D 299 -44.06 -14.10 -34.78
CA LYS D 299 -43.10 -13.09 -34.39
C LYS D 299 -43.75 -11.88 -33.71
N SER D 300 -44.96 -12.11 -33.21
CA SER D 300 -45.70 -11.11 -32.45
C SER D 300 -45.94 -11.78 -31.10
N LEU D 301 -46.30 -13.06 -31.14
CA LEU D 301 -46.54 -13.83 -29.93
C LEU D 301 -45.26 -13.81 -29.09
N THR D 302 -44.12 -13.60 -29.74
CA THR D 302 -42.86 -13.55 -29.01
C THR D 302 -42.76 -12.25 -28.20
N ASN D 303 -42.94 -11.14 -28.90
CA ASN D 303 -42.87 -9.81 -28.28
C ASN D 303 -43.83 -9.60 -27.13
N VAL D 304 -44.99 -10.26 -27.17
CA VAL D 304 -45.95 -10.12 -26.08
C VAL D 304 -45.63 -11.12 -24.98
N ASN D 305 -45.05 -12.26 -25.37
CA ASN D 305 -44.68 -13.29 -24.40
C ASN D 305 -43.88 -12.64 -23.29
N ALA D 306 -43.00 -11.71 -23.66
CA ALA D 306 -42.19 -11.01 -22.66
C ALA D 306 -43.12 -10.55 -21.54
N GLN D 307 -44.02 -9.65 -21.86
CA GLN D 307 -44.98 -9.11 -20.90
C GLN D 307 -45.70 -10.21 -20.12
N PHE D 308 -46.07 -11.30 -20.81
CA PHE D 308 -46.75 -12.40 -20.16
C PHE D 308 -45.87 -13.02 -19.09
N GLN D 309 -44.58 -13.15 -19.39
CA GLN D 309 -43.64 -13.72 -18.43
C GLN D 309 -43.52 -12.80 -17.23
N ARG D 310 -43.17 -11.54 -17.49
CA ARG D 310 -43.03 -10.53 -16.46
C ARG D 310 -44.07 -10.78 -15.37
N GLY D 311 -45.32 -10.87 -15.82
CA GLY D 311 -46.42 -11.10 -14.90
C GLY D 311 -46.44 -12.52 -14.33
N MET D 312 -46.26 -13.51 -15.21
CA MET D 312 -46.26 -14.90 -14.77
C MET D 312 -45.23 -15.08 -13.66
N ALA D 313 -44.00 -14.65 -13.92
CA ALA D 313 -42.94 -14.74 -12.95
C ALA D 313 -43.40 -14.06 -11.66
N ALA D 314 -43.95 -12.86 -11.81
CA ALA D 314 -44.45 -12.12 -10.66
C ALA D 314 -45.47 -12.96 -9.89
N CYS D 315 -46.39 -13.59 -10.60
CA CYS D 315 -47.37 -14.42 -9.92
C CYS D 315 -46.62 -15.36 -9.02
N GLN D 316 -45.76 -16.17 -9.61
CA GLN D 316 -45.00 -17.15 -8.84
C GLN D 316 -44.18 -16.61 -7.68
N THR D 317 -43.68 -15.38 -7.78
CA THR D 317 -42.94 -14.81 -6.66
C THR D 317 -43.93 -14.74 -5.51
N LEU D 318 -44.92 -13.86 -5.65
CA LEU D 318 -45.93 -13.67 -4.61
C LEU D 318 -46.91 -14.85 -4.46
N PHE D 319 -46.90 -15.76 -5.43
CA PHE D 319 -47.75 -16.94 -5.36
C PHE D 319 -47.14 -17.58 -4.13
N ALA D 320 -45.81 -17.67 -4.17
CA ALA D 320 -45.02 -18.25 -3.11
C ALA D 320 -45.08 -17.48 -1.80
N ILE D 321 -44.83 -16.17 -1.86
CA ILE D 321 -44.85 -15.36 -0.64
C ILE D 321 -46.18 -15.60 0.09
N LEU D 322 -47.23 -15.86 -0.68
CA LEU D 322 -48.54 -16.11 -0.10
C LEU D 322 -48.60 -17.56 0.37
N ASP D 323 -47.89 -18.42 -0.35
CA ASP D 323 -47.86 -19.84 0.00
C ASP D 323 -47.00 -20.04 1.24
N SER D 324 -46.39 -18.94 1.71
CA SER D 324 -45.55 -18.98 2.89
C SER D 324 -46.30 -19.57 4.09
N GLU D 325 -45.63 -19.69 5.23
CA GLU D 325 -46.25 -20.26 6.42
C GLU D 325 -46.91 -19.27 7.38
N GLN D 326 -48.20 -19.49 7.63
CA GLN D 326 -48.95 -18.65 8.55
C GLN D 326 -48.35 -18.80 9.94
N GLU D 327 -47.44 -17.89 10.29
CA GLU D 327 -46.78 -17.92 11.57
C GLU D 327 -47.81 -17.87 12.70
N LYS D 328 -49.09 -17.89 12.30
CA LYS D 328 -50.20 -17.87 13.24
C LYS D 328 -50.64 -19.30 13.57
N ASP D 329 -49.84 -20.00 14.38
CA ASP D 329 -50.18 -21.36 14.79
C ASP D 329 -51.52 -21.26 15.52
N GLU D 330 -52.34 -22.30 15.46
CA GLU D 330 -53.64 -22.23 16.12
C GLU D 330 -53.96 -23.31 17.14
N GLY D 331 -54.75 -22.92 18.13
CA GLY D 331 -55.17 -23.84 19.19
C GLY D 331 -56.59 -24.30 18.95
N LYS D 332 -57.44 -24.21 19.96
CA LYS D 332 -58.83 -24.63 19.83
C LYS D 332 -59.78 -23.93 20.79
N ARG D 333 -59.48 -24.06 22.09
CA ARG D 333 -60.31 -23.47 23.15
C ARG D 333 -60.45 -21.95 23.06
N VAL D 334 -61.67 -21.48 22.84
CA VAL D 334 -61.97 -20.05 22.75
C VAL D 334 -62.76 -19.61 23.99
N ILE D 335 -62.15 -18.75 24.81
CA ILE D 335 -62.84 -18.29 26.02
C ILE D 335 -63.28 -16.83 25.91
N ASP D 336 -64.36 -16.47 26.61
CA ASP D 336 -64.87 -15.10 26.58
C ASP D 336 -64.64 -14.44 27.92
N ARG D 337 -64.69 -15.25 28.97
CA ARG D 337 -64.48 -14.80 30.33
C ARG D 337 -62.97 -14.83 30.60
N ALA D 338 -62.48 -14.05 31.57
CA ALA D 338 -61.05 -14.08 31.82
C ALA D 338 -60.44 -13.90 33.19
N THR D 339 -61.14 -14.10 34.32
CA THR D 339 -60.34 -14.04 35.55
C THR D 339 -58.87 -14.16 35.09
N GLY D 340 -58.12 -13.07 35.17
CA GLY D 340 -56.73 -13.10 34.73
C GLY D 340 -55.77 -13.95 35.55
N ASP D 341 -55.91 -15.26 35.46
CA ASP D 341 -55.02 -16.16 36.20
C ASP D 341 -53.86 -16.57 35.31
N LEU D 342 -52.91 -15.66 35.19
CA LEU D 342 -51.70 -15.86 34.40
C LEU D 342 -50.75 -16.75 35.19
N GLU D 343 -50.21 -17.79 34.54
CA GLU D 343 -49.30 -18.71 35.23
C GLU D 343 -48.36 -19.37 34.23
N PHE D 344 -47.06 -19.38 34.52
CA PHE D 344 -46.13 -20.08 33.63
C PHE D 344 -44.83 -20.54 34.31
N ARG D 345 -44.50 -21.81 34.06
CA ARG D 345 -43.35 -22.47 34.68
C ARG D 345 -42.18 -22.91 33.78
N ASN D 346 -40.98 -22.80 34.36
CA ASN D 346 -39.69 -23.16 33.74
C ASN D 346 -39.66 -22.90 32.26
N VAL D 347 -40.27 -21.78 31.86
CA VAL D 347 -40.32 -21.39 30.47
C VAL D 347 -38.98 -20.80 30.09
N THR D 348 -38.33 -21.39 29.09
CA THR D 348 -37.06 -20.87 28.61
C THR D 348 -37.39 -20.28 27.25
N PHE D 349 -36.62 -19.29 26.82
CA PHE D 349 -36.89 -18.67 25.53
C PHE D 349 -35.71 -17.95 24.87
N THR D 350 -35.69 -18.05 23.55
CA THR D 350 -34.68 -17.41 22.72
C THR D 350 -35.43 -16.92 21.48
N TYR D 351 -34.84 -15.99 20.73
CA TYR D 351 -35.51 -15.44 19.56
C TYR D 351 -35.30 -16.16 18.20
N PRO D 352 -34.46 -15.63 17.30
CA PRO D 352 -34.38 -16.44 16.07
C PRO D 352 -33.58 -17.73 16.25
N GLY D 353 -34.29 -18.78 16.64
CA GLY D 353 -33.73 -20.12 16.84
C GLY D 353 -32.39 -20.46 17.48
N ARG D 354 -31.34 -20.50 16.67
CA ARG D 354 -30.00 -20.86 17.11
C ARG D 354 -29.10 -19.71 17.57
N GLU D 355 -29.16 -19.41 18.87
CA GLU D 355 -28.38 -18.34 19.50
C GLU D 355 -28.29 -18.63 21.00
N VAL D 356 -28.37 -17.60 21.84
CA VAL D 356 -28.32 -17.78 23.29
C VAL D 356 -29.59 -17.25 23.95
N PRO D 357 -30.31 -18.11 24.70
CA PRO D 357 -31.55 -17.76 25.41
C PRO D 357 -31.59 -16.40 26.10
N ALA D 358 -32.64 -15.63 25.82
CA ALA D 358 -32.80 -14.30 26.40
C ALA D 358 -33.67 -14.41 27.65
N LEU D 359 -34.17 -15.63 27.89
CA LEU D 359 -35.00 -15.93 29.04
C LEU D 359 -34.79 -17.40 29.35
N ARG D 360 -34.32 -17.71 30.56
CA ARG D 360 -34.08 -19.09 30.95
C ARG D 360 -35.24 -19.66 31.76
N ASN D 361 -34.94 -20.68 32.57
CA ASN D 361 -35.96 -21.29 33.40
C ASN D 361 -36.63 -20.24 34.27
N ILE D 362 -37.74 -19.72 33.76
CA ILE D 362 -38.49 -18.71 34.48
C ILE D 362 -39.87 -19.23 34.85
N ASN D 363 -40.12 -19.23 36.16
CA ASN D 363 -41.37 -19.70 36.72
C ASN D 363 -42.04 -18.50 37.39
N LEU D 364 -43.34 -18.36 37.17
CA LEU D 364 -44.07 -17.24 37.76
C LEU D 364 -45.57 -17.35 37.64
N LYS D 365 -46.27 -16.89 38.67
CA LYS D 365 -47.72 -16.94 38.70
C LYS D 365 -48.28 -15.58 39.13
N ILE D 366 -49.23 -15.09 38.35
CA ILE D 366 -49.89 -13.82 38.61
C ILE D 366 -51.38 -14.11 38.74
N PRO D 367 -51.83 -14.44 39.96
CA PRO D 367 -53.24 -14.75 40.23
C PRO D 367 -54.16 -13.55 40.02
N ALA D 368 -55.38 -13.82 39.55
CA ALA D 368 -56.37 -12.78 39.29
C ALA D 368 -56.39 -11.71 40.38
N GLY D 369 -56.60 -10.46 39.95
CA GLY D 369 -56.66 -9.34 40.89
C GLY D 369 -55.31 -8.84 41.38
N LYS D 370 -54.35 -9.76 41.52
CA LYS D 370 -53.03 -9.41 42.00
C LYS D 370 -52.25 -8.60 40.96
N THR D 371 -51.30 -7.81 41.45
CA THR D 371 -50.46 -6.97 40.61
C THR D 371 -48.99 -7.37 40.75
N VAL D 372 -48.44 -7.93 39.68
CA VAL D 372 -47.05 -8.34 39.69
C VAL D 372 -46.24 -7.40 38.81
N ALA D 373 -45.09 -6.96 39.32
CA ALA D 373 -44.24 -6.04 38.60
C ALA D 373 -42.97 -6.69 38.07
N LEU D 374 -42.46 -6.13 36.99
CA LEU D 374 -41.23 -6.63 36.37
C LEU D 374 -40.19 -5.52 36.37
N VAL D 375 -39.16 -5.68 37.19
CA VAL D 375 -38.09 -4.69 37.22
C VAL D 375 -36.78 -5.45 37.14
N GLY D 376 -35.79 -4.83 36.53
CA GLY D 376 -34.51 -5.48 36.39
C GLY D 376 -33.60 -4.62 35.58
N ARG D 377 -32.40 -5.10 35.32
CA ARG D 377 -31.47 -4.29 34.55
C ARG D 377 -31.94 -4.08 33.12
N SER D 378 -31.64 -2.90 32.60
CA SER D 378 -32.01 -2.56 31.23
C SER D 378 -31.34 -3.58 30.31
N GLY D 379 -31.98 -4.73 30.15
CA GLY D 379 -31.41 -5.75 29.30
C GLY D 379 -31.89 -7.14 29.68
N SER D 380 -32.57 -7.23 30.82
CA SER D 380 -33.11 -8.50 31.27
C SER D 380 -34.43 -8.67 30.51
N GLY D 381 -34.84 -9.91 30.31
CA GLY D 381 -36.06 -10.21 29.56
C GLY D 381 -37.40 -9.58 29.94
N LYS D 382 -37.37 -8.42 30.58
CA LYS D 382 -38.60 -7.75 30.98
C LYS D 382 -39.59 -7.62 29.81
N SER D 383 -39.39 -6.61 28.95
CA SER D 383 -40.26 -6.40 27.80
C SER D 383 -40.52 -7.74 27.07
N THR D 384 -39.54 -8.63 27.11
CA THR D 384 -39.63 -9.94 26.43
C THR D 384 -40.75 -10.83 26.93
N ILE D 385 -40.70 -11.17 28.21
CA ILE D 385 -41.76 -11.99 28.76
C ILE D 385 -43.04 -11.20 28.55
N ALA D 386 -42.97 -9.89 28.78
CA ALA D 386 -44.12 -9.01 28.61
C ALA D 386 -44.88 -9.33 27.33
N SER D 387 -44.17 -9.29 26.21
CA SER D 387 -44.76 -9.57 24.92
C SER D 387 -44.96 -11.06 24.68
N LEU D 388 -44.22 -11.86 25.43
CA LEU D 388 -44.30 -13.31 25.30
C LEU D 388 -45.63 -13.87 25.83
N ILE D 389 -46.25 -13.14 26.76
CA ILE D 389 -47.53 -13.55 27.31
C ILE D 389 -48.53 -13.65 26.17
N THR D 390 -48.67 -12.54 25.44
CA THR D 390 -49.60 -12.47 24.32
C THR D 390 -49.14 -13.24 23.09
N ARG D 391 -48.39 -14.30 23.33
CA ARG D 391 -47.94 -15.20 22.28
C ARG D 391 -47.08 -14.71 21.09
N PHE D 392 -46.86 -13.41 20.93
CA PHE D 392 -46.04 -12.85 19.84
C PHE D 392 -44.87 -13.72 19.33
N TYR D 393 -44.51 -14.72 20.09
CA TYR D 393 -43.39 -15.61 19.82
C TYR D 393 -43.65 -17.05 20.23
N ASP D 394 -44.92 -17.36 20.40
CA ASP D 394 -45.39 -18.69 20.71
C ASP D 394 -44.41 -19.66 21.46
N ILE D 395 -43.48 -19.11 22.26
CA ILE D 395 -42.47 -19.79 23.15
C ILE D 395 -41.20 -20.55 22.64
N ASP D 396 -40.35 -20.96 23.58
CA ASP D 396 -39.13 -21.71 23.26
C ASP D 396 -39.31 -23.12 23.82
N GLU D 397 -39.40 -23.23 25.15
CA GLU D 397 -39.57 -24.52 25.78
C GLU D 397 -39.99 -24.34 27.24
N GLY D 398 -41.19 -24.82 27.57
CA GLY D 398 -41.73 -24.71 28.92
C GLY D 398 -43.25 -24.61 28.86
N HIS D 399 -43.88 -23.98 29.85
CA HIS D 399 -45.34 -23.86 29.84
C HIS D 399 -45.90 -22.54 30.36
N ILE D 400 -46.68 -21.88 29.53
CA ILE D 400 -47.32 -20.60 29.90
C ILE D 400 -48.82 -20.84 29.78
N LEU D 401 -49.53 -20.81 30.90
CA LEU D 401 -50.97 -21.06 30.87
C LEU D 401 -51.85 -20.04 31.56
N MET D 402 -52.90 -19.66 30.84
CA MET D 402 -53.89 -18.71 31.32
C MET D 402 -55.08 -19.50 31.87
N ASP D 403 -55.10 -19.70 33.18
CA ASP D 403 -56.16 -20.46 33.84
C ASP D 403 -56.00 -21.96 33.57
N GLY D 404 -54.85 -22.50 33.96
CA GLY D 404 -54.58 -23.91 33.78
C GLY D 404 -54.33 -24.36 32.34
N HIS D 405 -54.91 -23.62 31.39
CA HIS D 405 -54.78 -23.94 29.98
C HIS D 405 -53.64 -23.13 29.34
N ASP D 406 -52.75 -23.81 28.63
CA ASP D 406 -51.62 -23.17 27.96
C ASP D 406 -52.11 -22.33 26.79
N LEU D 407 -51.33 -21.31 26.43
CA LEU D 407 -51.68 -20.44 25.33
C LEU D 407 -52.11 -21.21 24.08
N ARG D 408 -51.38 -22.28 23.76
CA ARG D 408 -51.73 -23.08 22.59
C ARG D 408 -53.15 -23.63 22.66
N GLU D 409 -53.47 -24.27 23.79
CA GLU D 409 -54.82 -24.84 23.97
C GLU D 409 -55.81 -23.78 23.52
N TYR D 410 -55.50 -22.52 23.82
CA TYR D 410 -56.35 -21.40 23.47
C TYR D 410 -56.21 -20.97 22.01
N THR D 411 -57.25 -20.31 21.52
CA THR D 411 -57.26 -19.81 20.17
C THR D 411 -56.56 -18.47 20.21
N LEU D 412 -55.58 -18.29 19.33
CA LEU D 412 -54.85 -17.06 19.29
C LEU D 412 -55.86 -15.89 19.37
N ALA D 413 -56.86 -15.92 18.49
CA ALA D 413 -57.90 -14.88 18.42
C ALA D 413 -58.32 -14.27 19.76
N SER D 414 -59.16 -14.99 20.51
CA SER D 414 -59.64 -14.48 21.78
C SER D 414 -58.52 -14.32 22.81
N LEU D 415 -57.49 -15.16 22.72
CA LEU D 415 -56.38 -15.06 23.65
C LEU D 415 -55.93 -13.62 23.72
N ARG D 416 -55.57 -13.08 22.55
CA ARG D 416 -55.12 -11.69 22.45
C ARG D 416 -56.25 -10.72 22.76
N ASN D 417 -57.48 -11.24 22.81
CA ASN D 417 -58.60 -10.37 23.15
C ASN D 417 -58.71 -10.33 24.67
N GLN D 418 -57.96 -11.22 25.33
CA GLN D 418 -57.94 -11.34 26.77
C GLN D 418 -56.86 -10.49 27.43
N VAL D 419 -56.40 -9.46 26.72
CA VAL D 419 -55.35 -8.62 27.28
C VAL D 419 -55.28 -7.23 26.64
N ALA D 420 -54.85 -6.27 27.46
CA ALA D 420 -54.68 -4.88 27.01
C ALA D 420 -53.20 -4.60 27.19
N LEU D 421 -52.61 -3.80 26.30
CA LEU D 421 -51.18 -3.52 26.40
C LEU D 421 -50.71 -2.10 26.07
N VAL D 422 -49.61 -1.71 26.70
CA VAL D 422 -49.04 -0.40 26.46
C VAL D 422 -47.54 -0.62 26.27
N SER D 423 -47.19 -1.00 25.05
CA SER D 423 -45.82 -1.29 24.65
C SER D 423 -44.82 -0.16 24.96
N GLN D 424 -43.66 -0.54 25.52
CA GLN D 424 -42.60 0.41 25.87
C GLN D 424 -42.73 1.68 25.02
N ASN D 425 -42.45 1.55 23.73
CA ASN D 425 -42.59 2.69 22.83
C ASN D 425 -43.91 2.44 22.14
N VAL D 426 -44.82 3.39 22.23
CA VAL D 426 -46.12 3.20 21.65
C VAL D 426 -46.26 3.65 20.21
N HIS D 427 -47.03 2.88 19.45
CA HIS D 427 -47.30 3.17 18.05
C HIS D 427 -48.75 3.65 17.97
N LEU D 428 -48.98 4.65 17.14
CA LEU D 428 -50.32 5.19 16.96
C LEU D 428 -50.68 5.29 15.49
N PHE D 429 -51.91 5.68 15.22
CA PHE D 429 -52.37 5.81 13.84
C PHE D 429 -52.56 7.25 13.45
N ASN D 430 -53.25 7.49 12.34
CA ASN D 430 -53.45 8.86 11.93
C ASN D 430 -54.94 9.15 11.80
N ASP D 431 -55.65 9.05 12.91
CA ASP D 431 -57.09 9.30 12.96
C ASP D 431 -57.35 10.47 13.90
N THR D 432 -58.36 10.29 14.74
CA THR D 432 -58.72 11.29 15.71
C THR D 432 -58.36 10.69 17.05
N VAL D 433 -58.18 11.53 18.06
CA VAL D 433 -57.87 11.04 19.38
C VAL D 433 -58.84 9.90 19.70
N ALA D 434 -60.13 10.24 19.65
CA ALA D 434 -61.18 9.27 19.92
C ALA D 434 -60.83 7.94 19.31
N ASN D 435 -60.57 7.94 18.00
CA ASN D 435 -60.25 6.72 17.29
C ASN D 435 -59.00 6.00 17.75
N ASN D 436 -57.88 6.69 17.84
CA ASN D 436 -56.67 6.01 18.29
C ASN D 436 -56.95 5.24 19.56
N ILE D 437 -57.99 5.67 20.28
CA ILE D 437 -58.41 5.01 21.51
C ILE D 437 -59.50 3.99 21.14
N ALA D 438 -60.40 4.42 20.25
CA ALA D 438 -61.52 3.61 19.77
C ALA D 438 -61.11 2.40 18.95
N TYR D 439 -60.06 2.55 18.15
CA TYR D 439 -59.56 1.46 17.34
C TYR D 439 -59.15 0.32 18.26
N ALA D 440 -59.57 0.42 19.51
CA ALA D 440 -59.28 -0.56 20.55
C ALA D 440 -60.49 -1.46 20.87
N ARG D 441 -60.84 -2.34 19.93
CA ARG D 441 -61.93 -3.30 20.10
C ARG D 441 -63.39 -2.78 20.17
N THR D 442 -63.96 -2.93 18.97
CA THR D 442 -65.21 -2.64 18.24
C THR D 442 -64.92 -1.45 17.34
N GLU D 443 -64.00 -0.60 17.78
CA GLU D 443 -63.63 0.59 17.03
C GLU D 443 -64.82 1.54 17.08
N GLU D 444 -65.80 1.16 17.92
CA GLU D 444 -67.01 1.95 18.11
C GLU D 444 -67.75 1.59 19.41
N TYR D 445 -67.42 2.33 20.47
CA TYR D 445 -68.03 2.21 21.80
C TYR D 445 -68.76 3.53 22.04
N SER D 446 -69.13 3.75 23.30
CA SER D 446 -69.82 4.97 23.66
C SER D 446 -68.86 6.12 23.87
N ARG D 447 -69.32 7.32 23.51
CA ARG D 447 -68.53 8.52 23.67
C ARG D 447 -68.12 8.61 25.13
N GLU D 448 -68.89 7.95 25.99
CA GLU D 448 -68.60 7.94 27.41
C GLU D 448 -67.31 7.19 27.69
N GLN D 449 -67.30 5.89 27.43
CA GLN D 449 -66.14 5.05 27.67
C GLN D 449 -64.82 5.74 27.35
N ILE D 450 -64.75 6.35 26.17
CA ILE D 450 -63.53 7.05 25.76
C ILE D 450 -63.37 8.32 26.59
N GLU D 451 -64.43 9.12 26.69
CA GLU D 451 -64.38 10.33 27.50
C GLU D 451 -63.72 9.91 28.80
N GLU D 452 -64.35 8.92 29.42
CA GLU D 452 -63.88 8.38 30.67
C GLU D 452 -62.44 7.89 30.56
N ALA D 453 -62.18 6.94 29.66
CA ALA D 453 -60.82 6.40 29.49
C ALA D 453 -59.74 7.47 29.35
N ALA D 454 -60.05 8.52 28.60
CA ALA D 454 -59.10 9.61 28.37
C ALA D 454 -58.90 10.40 29.66
N ARG D 455 -59.91 10.39 30.52
CA ARG D 455 -59.87 11.07 31.80
C ARG D 455 -59.16 10.19 32.81
N MET D 456 -59.63 8.95 32.95
CA MET D 456 -59.06 7.99 33.88
C MET D 456 -57.68 7.58 33.35
N ALA D 457 -57.13 8.45 32.51
CA ALA D 457 -55.81 8.28 31.92
C ALA D 457 -55.14 9.65 31.92
N TYR D 458 -55.72 10.56 32.71
CA TYR D 458 -55.21 11.93 32.83
C TYR D 458 -54.81 12.43 31.46
N ALA D 459 -55.80 12.83 30.68
CA ALA D 459 -55.54 13.32 29.34
C ALA D 459 -56.71 14.09 28.79
N MET D 460 -57.87 14.00 29.45
CA MET D 460 -59.03 14.72 28.98
C MET D 460 -58.81 16.23 29.09
N ASP D 461 -57.86 16.63 29.91
CA ASP D 461 -57.56 18.05 30.08
C ASP D 461 -56.89 18.65 28.84
N PHE D 462 -55.88 17.98 28.30
CA PHE D 462 -55.21 18.50 27.10
C PHE D 462 -55.98 18.14 25.85
N ILE D 463 -56.69 17.01 25.90
CA ILE D 463 -57.49 16.60 24.76
C ILE D 463 -58.42 17.78 24.53
N ASN D 464 -59.03 18.24 25.62
CA ASN D 464 -59.95 19.37 25.53
C ASN D 464 -59.26 20.70 25.23
N LYS D 465 -57.96 20.80 25.54
CA LYS D 465 -57.26 22.04 25.27
C LYS D 465 -57.10 22.22 23.76
N MET D 466 -56.89 21.11 23.05
CA MET D 466 -56.73 21.16 21.61
C MET D 466 -58.12 21.15 20.94
N ASP D 467 -58.38 22.15 20.10
CA ASP D 467 -59.66 22.26 19.41
C ASP D 467 -60.03 21.00 18.63
N ASN D 468 -61.32 20.66 18.66
CA ASN D 468 -61.87 19.47 18.01
C ASN D 468 -61.83 18.30 18.99
N GLY D 469 -61.11 18.50 20.09
CA GLY D 469 -61.02 17.47 21.11
C GLY D 469 -60.72 16.10 20.55
N LEU D 470 -61.45 15.10 21.01
CA LEU D 470 -61.26 13.73 20.55
C LEU D 470 -61.47 13.61 19.05
N ASP D 471 -62.02 14.66 18.45
CA ASP D 471 -62.27 14.68 17.01
C ASP D 471 -61.10 15.29 16.26
N THR D 472 -60.06 15.65 17.00
CA THR D 472 -58.89 16.25 16.39
C THR D 472 -58.02 15.18 15.72
N ILE D 473 -57.42 15.56 14.60
CA ILE D 473 -56.56 14.68 13.84
C ILE D 473 -55.16 14.65 14.48
N ILE D 474 -54.71 13.45 14.84
CA ILE D 474 -53.40 13.25 15.49
C ILE D 474 -52.26 13.05 14.49
N GLY D 475 -51.02 13.20 14.94
CA GLY D 475 -49.88 13.05 14.04
C GLY D 475 -49.60 11.61 13.68
N GLU D 476 -49.40 11.33 12.39
CA GLU D 476 -49.09 9.97 11.94
C GLU D 476 -48.18 9.35 12.98
N ASN D 477 -48.75 8.50 13.83
CA ASN D 477 -47.98 7.87 14.92
C ASN D 477 -47.63 8.94 15.92
N GLY D 478 -48.66 9.54 16.51
CA GLY D 478 -48.50 10.59 17.48
C GLY D 478 -47.37 11.55 17.14
N VAL D 479 -47.38 12.13 15.96
CA VAL D 479 -46.30 13.04 15.60
C VAL D 479 -46.58 14.47 16.05
N LEU D 480 -47.81 14.94 15.91
CA LEU D 480 -48.10 16.30 16.31
C LEU D 480 -48.54 16.52 17.74
N LEU D 481 -47.84 15.90 18.68
CA LEU D 481 -48.15 16.07 20.09
C LEU D 481 -47.18 15.29 20.96
N SER D 482 -47.05 15.74 22.19
CA SER D 482 -46.13 15.16 23.16
C SER D 482 -46.20 13.66 23.33
N GLY D 483 -45.03 13.06 23.54
CA GLY D 483 -44.94 11.63 23.74
C GLY D 483 -45.71 11.28 25.00
N GLY D 484 -45.62 12.15 26.00
CA GLY D 484 -46.35 11.90 27.22
C GLY D 484 -47.81 11.81 26.83
N GLN D 485 -48.30 12.86 26.17
CA GLN D 485 -49.68 12.92 25.73
C GLN D 485 -49.98 11.63 24.99
N ARG D 486 -49.11 11.28 24.06
CA ARG D 486 -49.29 10.05 23.29
C ARG D 486 -49.36 8.87 24.23
N GLN D 487 -48.30 8.62 24.98
CA GLN D 487 -48.26 7.50 25.89
C GLN D 487 -49.55 7.40 26.69
N ARG D 488 -50.00 8.53 27.21
CA ARG D 488 -51.24 8.54 27.98
C ARG D 488 -52.36 7.99 27.13
N ILE D 489 -52.42 8.47 25.88
CA ILE D 489 -53.44 8.04 24.94
C ILE D 489 -53.34 6.54 24.66
N ALA D 490 -52.11 6.04 24.59
CA ALA D 490 -51.86 4.62 24.35
C ALA D 490 -52.39 3.88 25.58
N ILE D 491 -52.28 4.55 26.72
CA ILE D 491 -52.76 3.99 27.97
C ILE D 491 -54.27 4.11 27.90
N ALA D 492 -54.75 5.23 27.35
CA ALA D 492 -56.18 5.43 27.21
C ALA D 492 -56.66 4.17 26.50
N ARG D 493 -56.42 4.13 25.19
CA ARG D 493 -56.80 2.97 24.37
C ARG D 493 -56.78 1.67 25.18
N ALA D 494 -55.61 1.30 25.68
CA ALA D 494 -55.44 0.08 26.45
C ALA D 494 -56.34 -0.02 27.69
N LEU D 495 -56.68 1.13 28.26
CA LEU D 495 -57.52 1.18 29.45
C LEU D 495 -59.00 0.99 29.12
N LEU D 496 -59.45 1.62 28.05
CA LEU D 496 -60.84 1.54 27.61
C LEU D 496 -61.23 0.10 27.27
N ARG D 497 -60.41 -0.56 26.46
CA ARG D 497 -60.69 -1.94 26.07
C ARG D 497 -61.16 -2.74 27.31
N ASP D 498 -60.52 -2.49 28.45
CA ASP D 498 -60.84 -3.13 29.73
C ASP D 498 -60.77 -4.66 29.74
N SER D 499 -59.56 -5.20 29.82
CA SER D 499 -59.35 -6.65 29.82
C SER D 499 -59.05 -7.21 31.21
N PRO D 500 -59.11 -8.55 31.34
CA PRO D 500 -58.82 -9.23 32.62
C PRO D 500 -57.33 -9.23 32.91
N ILE D 501 -56.52 -9.24 31.85
CA ILE D 501 -55.06 -9.23 31.99
C ILE D 501 -54.51 -7.96 31.32
N LEU D 502 -53.95 -7.06 32.13
CA LEU D 502 -53.42 -5.80 31.64
C LEU D 502 -51.91 -5.63 31.83
N ILE D 503 -51.19 -5.50 30.73
CA ILE D 503 -49.74 -5.33 30.78
C ILE D 503 -49.32 -3.91 30.38
N LEU D 504 -48.61 -3.25 31.30
CA LEU D 504 -48.15 -1.89 31.06
C LEU D 504 -46.62 -1.89 31.01
N ASP D 505 -46.08 -2.09 29.82
CA ASP D 505 -44.63 -2.15 29.68
C ASP D 505 -43.95 -0.79 29.75
N GLU D 506 -43.60 -0.40 30.97
CA GLU D 506 -42.91 0.86 31.23
C GLU D 506 -43.80 1.98 30.72
N ALA D 507 -45.09 1.85 30.99
CA ALA D 507 -46.10 2.80 30.54
C ALA D 507 -45.90 4.25 31.00
N THR D 508 -44.99 4.50 31.92
CA THR D 508 -44.76 5.87 32.39
C THR D 508 -43.70 6.58 31.56
N SER D 509 -42.79 5.78 31.00
CA SER D 509 -41.68 6.25 30.16
C SER D 509 -41.34 7.72 30.24
N ALA D 510 -42.17 8.56 29.62
CA ALA D 510 -41.92 9.99 29.62
C ALA D 510 -43.10 10.73 30.21
N LEU D 511 -43.14 10.84 31.53
CA LEU D 511 -44.26 11.52 32.17
C LEU D 511 -43.97 12.52 33.27
N ASP D 512 -44.76 13.58 33.24
CA ASP D 512 -44.72 14.64 34.24
C ASP D 512 -44.89 13.89 35.55
N THR D 513 -43.86 13.87 36.37
CA THR D 513 -43.93 13.15 37.64
C THR D 513 -45.29 13.24 38.31
N GLU D 514 -45.81 14.45 38.46
CA GLU D 514 -47.11 14.64 39.08
C GLU D 514 -48.16 13.87 38.28
N SER D 515 -48.17 14.09 36.97
CA SER D 515 -49.11 13.44 36.06
C SER D 515 -48.98 11.93 36.20
N GLU D 516 -47.73 11.48 36.30
CA GLU D 516 -47.46 10.06 36.45
C GLU D 516 -48.26 9.53 37.63
N ARG D 517 -47.90 9.99 38.81
CA ARG D 517 -48.57 9.54 40.03
C ARG D 517 -50.09 9.65 39.90
N ALA D 518 -50.56 10.62 39.11
CA ALA D 518 -52.00 10.79 38.91
C ALA D 518 -52.56 9.54 38.26
N ILE D 519 -51.91 9.09 37.18
CA ILE D 519 -52.35 7.88 36.52
C ILE D 519 -52.26 6.74 37.52
N GLN D 520 -51.10 6.62 38.17
CA GLN D 520 -50.88 5.57 39.16
C GLN D 520 -52.10 5.40 40.06
N ALA D 521 -52.58 6.50 40.63
CA ALA D 521 -53.76 6.47 41.49
C ALA D 521 -54.91 5.87 40.69
N ALA D 522 -55.12 6.43 39.50
CA ALA D 522 -56.16 5.95 38.62
C ALA D 522 -56.02 4.44 38.43
N LEU D 523 -54.81 4.00 38.08
CA LEU D 523 -54.57 2.57 37.88
C LEU D 523 -55.09 1.79 39.09
N ASP D 524 -54.51 2.05 40.25
CA ASP D 524 -54.91 1.36 41.48
C ASP D 524 -56.42 1.22 41.60
N GLU D 525 -57.13 2.33 41.35
CA GLU D 525 -58.58 2.34 41.45
C GLU D 525 -59.23 1.28 40.55
N LEU D 526 -58.76 1.15 39.31
CA LEU D 526 -59.32 0.16 38.39
C LEU D 526 -58.70 -1.22 38.59
N GLN D 527 -57.40 -1.33 38.35
CA GLN D 527 -56.67 -2.61 38.49
C GLN D 527 -56.95 -3.34 39.80
N LYS D 528 -57.61 -2.66 40.75
CA LYS D 528 -57.91 -3.26 42.04
C LYS D 528 -58.62 -4.62 41.89
N ASN D 529 -59.34 -4.79 40.79
CA ASN D 529 -60.06 -6.04 40.57
C ASN D 529 -59.36 -6.97 39.58
N ARG D 530 -59.04 -6.44 38.41
CA ARG D 530 -58.39 -7.21 37.35
C ARG D 530 -56.97 -7.65 37.69
N THR D 531 -56.39 -8.44 36.79
CA THR D 531 -55.03 -8.94 36.94
C THR D 531 -54.12 -7.94 36.24
N SER D 532 -53.17 -7.37 36.97
CA SER D 532 -52.28 -6.40 36.37
C SER D 532 -50.80 -6.72 36.47
N LEU D 533 -50.14 -6.68 35.32
CA LEU D 533 -48.70 -6.95 35.21
C LEU D 533 -48.06 -5.66 34.71
N VAL D 534 -47.52 -4.88 35.65
CA VAL D 534 -46.88 -3.63 35.29
C VAL D 534 -45.37 -3.83 35.33
N ILE D 535 -44.69 -3.34 34.30
CA ILE D 535 -43.24 -3.50 34.18
C ILE D 535 -42.59 -2.16 33.83
N ALA D 536 -42.18 -1.42 34.86
CA ALA D 536 -41.55 -0.12 34.65
C ALA D 536 -40.17 -0.02 35.30
N HIS D 537 -39.57 1.16 35.21
CA HIS D 537 -38.26 1.41 35.80
C HIS D 537 -38.36 2.38 36.97
N ARG D 538 -39.28 3.34 36.88
CA ARG D 538 -39.43 4.31 37.96
C ARG D 538 -40.15 3.69 39.15
N LEU D 539 -39.39 2.91 39.90
CA LEU D 539 -39.83 2.19 41.09
C LEU D 539 -40.96 2.81 41.90
N SER D 540 -40.98 4.14 41.92
CA SER D 540 -41.99 4.88 42.64
C SER D 540 -43.39 4.31 42.36
N THR D 541 -43.57 3.75 41.17
CA THR D 541 -44.87 3.17 40.80
C THR D 541 -44.91 1.65 40.97
N ILE D 542 -44.34 1.17 42.05
CA ILE D 542 -44.32 -0.26 42.32
C ILE D 542 -44.31 -0.50 43.82
N GLU D 543 -43.77 0.47 44.54
CA GLU D 543 -43.68 0.39 46.01
C GLU D 543 -44.90 -0.26 46.65
N GLN D 544 -46.03 -0.28 45.93
CA GLN D 544 -47.25 -0.87 46.44
C GLN D 544 -47.85 -1.93 45.51
N ALA D 545 -46.99 -2.82 45.01
CA ALA D 545 -47.42 -3.88 44.12
C ALA D 545 -47.54 -5.18 44.93
N ASP D 546 -48.49 -6.04 44.54
CA ASP D 546 -48.69 -7.30 45.24
C ASP D 546 -47.43 -8.15 45.26
N GLU D 547 -46.55 -7.90 44.30
CA GLU D 547 -45.29 -8.62 44.25
C GLU D 547 -44.38 -8.05 43.17
N ILE D 548 -43.08 -8.02 43.45
CA ILE D 548 -42.10 -7.49 42.51
C ILE D 548 -41.10 -8.56 42.08
N VAL D 549 -41.00 -8.75 40.77
CA VAL D 549 -40.09 -9.74 40.22
C VAL D 549 -38.81 -9.10 39.72
N VAL D 550 -37.77 -9.17 40.53
CA VAL D 550 -36.47 -8.63 40.17
C VAL D 550 -35.87 -9.61 39.19
N VAL D 551 -35.47 -9.11 38.03
CA VAL D 551 -34.90 -9.98 37.02
C VAL D 551 -33.69 -9.36 36.33
N GLU D 552 -32.62 -10.16 36.24
CA GLU D 552 -31.41 -9.71 35.58
C GLU D 552 -30.84 -10.78 34.67
N ASP D 553 -30.23 -10.32 33.58
CA ASP D 553 -29.62 -11.18 32.58
C ASP D 553 -30.48 -12.37 32.21
N GLY D 554 -31.60 -12.09 31.55
CA GLY D 554 -32.50 -13.14 31.11
C GLY D 554 -33.07 -14.08 32.16
N ILE D 555 -32.71 -13.89 33.43
CA ILE D 555 -33.24 -14.76 34.46
C ILE D 555 -33.66 -14.08 35.75
N ILE D 556 -34.81 -14.50 36.26
CA ILE D 556 -35.41 -13.98 37.49
C ILE D 556 -34.46 -14.20 38.66
N VAL D 557 -34.48 -13.29 39.64
CA VAL D 557 -33.59 -13.41 40.80
C VAL D 557 -34.22 -13.06 42.14
N GLU D 558 -35.44 -12.54 42.14
CA GLU D 558 -36.06 -12.20 43.42
C GLU D 558 -37.53 -11.81 43.33
N ARG D 559 -38.38 -12.48 44.11
CA ARG D 559 -39.80 -12.19 44.17
C ARG D 559 -40.15 -11.72 45.58
N GLY D 560 -40.48 -10.44 45.74
CA GLY D 560 -40.82 -9.99 47.07
C GLY D 560 -41.52 -8.65 47.12
N THR D 561 -42.06 -8.33 48.30
CA THR D 561 -42.76 -7.06 48.51
C THR D 561 -41.73 -5.95 48.51
N HIS D 562 -42.18 -4.73 48.23
CA HIS D 562 -41.30 -3.58 48.24
C HIS D 562 -40.46 -3.73 49.50
N SER D 563 -41.10 -4.24 50.53
CA SER D 563 -40.50 -4.46 51.84
C SER D 563 -39.45 -5.57 51.86
N GLU D 564 -39.89 -6.82 51.65
CA GLU D 564 -38.98 -7.97 51.66
C GLU D 564 -37.71 -7.72 50.86
N LEU D 565 -37.91 -7.33 49.60
CA LEU D 565 -36.83 -7.03 48.68
C LEU D 565 -35.88 -6.04 49.32
N LEU D 566 -36.41 -4.85 49.61
CA LEU D 566 -35.62 -3.79 50.22
C LEU D 566 -34.76 -4.36 51.34
N ALA D 567 -35.42 -4.99 52.31
CA ALA D 567 -34.74 -5.58 53.45
C ALA D 567 -33.68 -6.60 53.06
N GLN D 568 -34.00 -7.44 52.08
CA GLN D 568 -33.07 -8.47 51.63
C GLN D 568 -31.74 -7.95 51.07
N HIS D 569 -31.73 -6.70 50.62
CA HIS D 569 -30.51 -6.09 50.07
C HIS D 569 -29.91 -6.86 48.91
N GLY D 570 -30.79 -7.31 48.02
CA GLY D 570 -30.36 -8.07 46.86
C GLY D 570 -30.71 -7.41 45.55
N VAL D 571 -29.72 -6.71 45.00
CA VAL D 571 -29.81 -6.00 43.72
C VAL D 571 -31.08 -5.13 43.52
N TYR D 572 -32.22 -5.47 44.14
CA TYR D 572 -33.41 -4.60 44.03
C TYR D 572 -33.07 -3.37 44.86
N ALA D 573 -32.76 -3.62 46.13
CA ALA D 573 -32.38 -2.56 47.06
C ALA D 573 -31.36 -1.66 46.38
N GLN D 574 -30.36 -2.29 45.76
CA GLN D 574 -29.31 -1.55 45.08
C GLN D 574 -29.95 -0.50 44.18
N LEU D 575 -30.84 -0.97 43.30
CA LEU D 575 -31.52 -0.06 42.38
C LEU D 575 -32.33 0.99 43.13
N HIS D 576 -32.96 0.58 44.23
CA HIS D 576 -33.77 1.53 45.00
C HIS D 576 -32.89 2.53 45.74
N LYS D 577 -31.59 2.25 45.77
CA LYS D 577 -30.65 3.15 46.40
C LYS D 577 -30.33 4.16 45.31
N MET D 578 -29.85 3.64 44.19
CA MET D 578 -29.53 4.45 43.02
C MET D 578 -30.69 5.39 42.75
N GLN D 579 -31.86 4.98 43.21
CA GLN D 579 -33.11 5.72 43.06
C GLN D 579 -32.91 7.23 43.07
N PHE D 580 -32.04 7.71 43.94
CA PHE D 580 -31.77 9.14 44.06
C PHE D 580 -30.29 9.43 44.27
N GLY D 581 -29.98 10.46 45.07
CA GLY D 581 -28.59 10.81 45.31
C GLY D 581 -28.25 12.26 45.02
PG ANP E . 58.70 -29.41 11.40
O1G ANP E . 58.55 -28.07 10.78
O2G ANP E . 57.70 -30.41 11.00
O3G ANP E . 60.13 -29.85 11.49
PB ANP E . 58.66 -27.91 13.70
O1B ANP E . 59.42 -28.45 14.84
O2B ANP E . 59.26 -26.91 12.83
N3B ANP E . 58.25 -29.17 12.86
PA ANP E . 56.89 -27.19 15.73
O1A ANP E . 57.52 -25.92 16.03
O2A ANP E . 57.03 -28.31 16.66
O3A ANP E . 57.32 -27.53 14.29
O5' ANP E . 55.43 -26.88 15.57
C5' ANP E . 54.40 -27.82 15.28
C4' ANP E . 53.92 -28.50 16.53
O4' ANP E . 53.43 -27.49 17.44
C3' ANP E . 52.77 -29.39 16.27
O3' ANP E . 52.53 -30.30 17.37
C2' ANP E . 51.67 -28.35 16.12
O2' ANP E . 50.37 -28.86 16.33
C1' ANP E . 52.02 -27.31 17.25
N9 ANP E . 51.82 -25.83 16.92
C8 ANP E . 52.68 -24.94 16.29
N7 ANP E . 52.25 -23.73 16.15
C5 ANP E . 51.01 -23.80 16.74
C6 ANP E . 50.02 -22.84 16.94
N6 ANP E . 50.21 -21.60 16.52
N1 ANP E . 48.88 -23.21 17.57
C2 ANP E . 48.71 -24.47 17.99
N3 ANP E . 49.58 -25.49 17.87
C4 ANP E . 50.73 -25.08 17.21
PG ANP F . 67.07 -23.91 -5.40
O1G ANP F . 65.75 -23.46 -4.89
O2G ANP F . 68.25 -23.16 -4.94
O3G ANP F . 67.21 -25.40 -5.43
PB ANP F . 65.80 -23.61 -7.89
O1B ANP F . 66.21 -24.50 -8.99
O2B ANP F . 64.63 -23.96 -7.09
N3B ANP F . 67.04 -23.46 -6.92
PA ANP F . 65.63 -21.77 -9.96
O1A ANP F . 64.30 -22.14 -10.37
O2A ANP F . 66.76 -22.16 -10.79
O3A ANP F . 65.75 -22.25 -8.50
O5' ANP F . 65.63 -20.27 -9.83
C5' ANP F . 66.71 -19.46 -9.46
C4' ANP F . 67.58 -19.14 -10.66
O4' ANP F . 66.79 -18.48 -11.66
C3' ANP F . 68.67 -18.20 -10.35
O3' ANP F . 69.66 -18.18 -11.39
C2' ANP F . 67.88 -16.91 -10.28
O2' ANP F . 68.66 -15.75 -10.44
C1' ANP F . 66.88 -17.05 -11.49
N9 ANP F . 65.46 -16.54 -11.28
C8 ANP F . 64.37 -17.18 -10.70
N7 ANP F . 63.27 -16.49 -10.67
C5 ANP F . 63.64 -15.32 -11.26
C6 ANP F . 62.93 -14.15 -11.54
N6 ANP F . 61.67 -14.05 -11.21
N1 ANP F . 63.56 -13.13 -12.15
C2 ANP F . 64.86 -13.25 -12.47
N3 ANP F . 65.65 -14.31 -12.27
C4 ANP F . 64.97 -15.33 -11.64
PG ANP G . -43.44 15.61 27.30
O1G ANP G . -43.07 14.69 26.22
O2G ANP G . -44.83 15.51 27.82
O3G ANP G . -42.34 15.76 28.31
PB ANP G . -42.56 17.55 25.50
O1B ANP G . -41.97 18.76 26.09
O2B ANP G . -41.69 16.44 25.07
N3B ANP G . -43.56 17.01 26.58
PA ANP G . -43.57 19.38 23.65
O1A ANP G . -42.43 19.35 22.80
O2A ANP G . -43.80 20.54 24.52
O3A ANP G . -43.51 18.05 24.44
O5' ANP G . -44.74 19.19 22.76
C5' ANP G . -46.08 19.17 23.16
C4' ANP G . -46.63 20.57 23.27
O4' ANP G . -46.51 21.19 22.01
C3' ANP G . -48.08 20.58 23.58
O3' ANP G . -48.52 21.89 24.01
C2' ANP G . -48.63 20.20 22.23
O2' ANP G . -49.98 20.57 22.02
C1' ANP G . -47.72 21.02 21.24
N9 ANP G . -47.30 20.36 19.96
C8 ANP G . -46.24 19.50 19.72
N7 ANP G . -46.10 19.09 18.49
C5 ANP G . -47.17 19.72 17.87
C6 ANP G . -47.61 19.71 16.53
N6 ANP G . -46.98 19.03 15.61
N1 ANP G . -48.70 20.43 16.19
C2 ANP G . -49.34 21.15 17.14
N3 ANP G . -49.02 21.25 18.45
C4 ANP G . -47.90 20.49 18.75
PG ANP H . -35.04 -2.01 28.62
O1G ANP H . -35.90 -1.54 27.51
O2G ANP H . -33.60 -1.80 28.48
O3G ANP H . -35.64 -1.73 29.97
PB ANP H . -36.41 -4.41 28.19
O1B ANP H . -36.62 -5.33 29.34
O2B ANP H . -37.50 -3.49 27.79
N3B ANP H . -35.10 -3.57 28.48
PA ANP H . -36.01 -6.86 26.86
O1A ANP H . -37.41 -7.09 26.56
O2A ANP H . -35.34 -7.65 27.90
O3A ANP H . -35.89 -5.32 27.09
O5' ANP H . -35.28 -7.06 25.53
C5' ANP H . -33.89 -6.94 25.32
C4' ANP H . -33.19 -8.24 25.67
O4' ANP H . -33.74 -9.28 24.86
C3' ANP H . -31.76 -8.19 25.35
O3' ANP H . -31.05 -9.27 26.00
C2' ANP H . -31.82 -8.36 23.86
O2' ANP H . -30.62 -8.85 23.28
C1' ANP H . -32.95 -9.43 23.66
N9 ANP H . -33.91 -9.24 22.49
C8 ANP H . -35.07 -8.48 22.41
N7 ANP H . -35.68 -8.52 21.27
C5 ANP H . -34.89 -9.36 20.55
C6 ANP H . -34.99 -9.83 19.24
N6 ANP H . -36.00 -9.46 18.47
N1 ANP H . -34.05 -10.68 18.77
C2 ANP H . -33.04 -11.05 19.56
N3 ANP H . -32.81 -10.68 20.82
C4 ANP H . -33.81 -9.81 21.27
#